data_5UCG
#
_entry.id   5UCG
#
_cell.length_a   125.622
_cell.length_b   125.622
_cell.length_c   330.696
_cell.angle_alpha   90.000
_cell.angle_beta   90.000
_cell.angle_gamma   90.000
#
_symmetry.space_group_name_H-M   'P 43 21 2'
#
_entity_poly.entity_id   1
_entity_poly.type   'polypeptide(L)'
_entity_poly.pdbx_seq_one_letter_code
;AHLTLKKKVQDSRRLVAEQLLGVSEVMADFSREIKREREQHFLQEEQIIEALQHFGIEIQHVEIYSLEQGNIDIEMTIPF
SGHGESEKIIAPMLSDILEEQILVKAEQHSPHPNGYSHVAFGSTKSYRVSTGAAHAAKGGGLVSGDSYSMMELGARKYAA
AISDGMGNGARAHFESNETIKLLEKILESGIDEKIAIKTINSILSLRTTDEIYSTLDLSIIDLQDASCKFLKVGSTPSFI
KRGDQVMKVQASNLPIGIINEFDVEVVSEQLKAGDLLIMMSDGIFEGPKHVENHDLWMKRKMKGLKTNDPQEIADLLMEE
VIRTRSGQIEDDMTVVVVRIDHNTP
;
_entity_poly.pdbx_strand_id   A,E,B,C,D
#
# COMPACT_ATOMS: atom_id res chain seq x y z
N ALA A 1 12.97 10.96 -12.11
CA ALA A 1 12.03 11.90 -12.71
C ALA A 1 12.52 12.39 -14.07
N HIS A 2 12.45 11.50 -15.07
CA HIS A 2 12.97 11.80 -16.39
C HIS A 2 11.88 11.70 -17.45
N LEU A 3 12.23 11.26 -18.64
CA LEU A 3 11.26 11.09 -19.72
C LEU A 3 10.62 9.70 -19.62
N THR A 4 9.98 9.24 -20.70
CA THR A 4 9.29 7.95 -20.66
C THR A 4 10.27 6.79 -20.92
N LEU A 5 10.80 6.70 -22.13
CA LEU A 5 11.77 5.66 -22.50
C LEU A 5 11.18 4.27 -22.29
N LYS A 6 10.01 4.03 -22.89
CA LYS A 6 9.33 2.76 -22.65
C LYS A 6 10.02 1.59 -23.33
N LYS A 7 10.82 1.83 -24.37
CA LYS A 7 11.65 0.77 -24.94
C LYS A 7 12.83 0.57 -23.99
N LYS A 8 12.55 -0.12 -22.88
CA LYS A 8 13.52 -0.32 -21.83
C LYS A 8 14.00 -1.77 -21.73
N VAL A 9 13.47 -2.66 -22.58
CA VAL A 9 13.94 -4.04 -22.59
C VAL A 9 15.44 -4.10 -22.89
N GLN A 10 15.89 -3.27 -23.83
CA GLN A 10 17.32 -3.22 -24.14
C GLN A 10 18.13 -2.66 -22.97
N ASP A 11 17.58 -1.68 -22.25
CA ASP A 11 18.27 -1.16 -21.08
C ASP A 11 18.37 -2.20 -19.98
N SER A 12 17.40 -3.11 -19.89
CA SER A 12 17.48 -4.19 -18.91
C SER A 12 18.41 -5.30 -19.39
N ARG A 13 18.40 -5.59 -20.70
CA ARG A 13 19.26 -6.65 -21.23
C ARG A 13 20.73 -6.32 -21.02
N ARG A 14 21.15 -5.11 -21.40
CA ARG A 14 22.54 -4.73 -21.24
C ARG A 14 22.91 -4.47 -19.79
N LEU A 15 21.93 -4.20 -18.92
CA LEU A 15 22.21 -4.05 -17.50
C LEU A 15 22.44 -5.39 -16.83
N VAL A 16 21.66 -6.42 -17.21
CA VAL A 16 21.89 -7.76 -16.69
C VAL A 16 23.26 -8.27 -17.11
N ALA A 17 23.74 -7.85 -18.29
CA ALA A 17 25.07 -8.24 -18.73
C ALA A 17 26.14 -7.75 -17.77
N GLU A 18 26.06 -6.47 -17.35
CA GLU A 18 27.01 -5.96 -16.37
C GLU A 18 26.96 -6.73 -15.06
N GLN A 19 25.77 -7.21 -14.69
CA GLN A 19 25.68 -8.11 -13.53
C GLN A 19 26.40 -9.42 -13.82
N LEU A 20 26.29 -9.93 -15.05
CA LEU A 20 26.99 -11.15 -15.41
C LEU A 20 28.46 -10.88 -15.73
N LEU A 21 28.80 -9.66 -16.16
CA LEU A 21 30.20 -9.29 -16.31
C LEU A 21 30.85 -9.00 -14.97
N GLY A 22 30.09 -8.45 -14.02
CA GLY A 22 30.65 -8.18 -12.70
C GLY A 22 31.02 -9.44 -11.96
N VAL A 23 30.14 -10.45 -11.98
CA VAL A 23 30.44 -11.71 -11.32
C VAL A 23 31.54 -12.45 -12.07
N SER A 24 31.60 -12.31 -13.40
CA SER A 24 32.68 -12.92 -14.17
C SER A 24 34.04 -12.32 -13.83
N GLU A 25 34.08 -11.10 -13.32
CA GLU A 25 35.33 -10.48 -12.91
C GLU A 25 35.87 -11.10 -11.62
N VAL A 26 35.00 -11.29 -10.63
CA VAL A 26 35.43 -11.87 -9.36
C VAL A 26 35.77 -13.35 -9.55
N MET A 27 35.16 -14.00 -10.55
CA MET A 27 35.51 -15.39 -10.84
C MET A 27 36.87 -15.47 -11.51
N ALA A 28 37.17 -14.55 -12.44
CA ALA A 28 38.50 -14.47 -13.01
C ALA A 28 39.52 -14.03 -11.97
N ASP A 29 39.12 -13.14 -11.05
CA ASP A 29 40.01 -12.76 -9.96
C ASP A 29 40.23 -13.91 -9.00
N PHE A 30 39.23 -14.78 -8.83
CA PHE A 30 39.41 -15.99 -8.04
C PHE A 30 40.31 -16.99 -8.75
N SER A 31 40.24 -17.04 -10.08
CA SER A 31 41.04 -18.01 -10.83
C SER A 31 42.52 -17.64 -10.80
N ARG A 32 42.84 -16.35 -10.90
CA ARG A 32 44.24 -15.94 -10.86
C ARG A 32 44.82 -16.05 -9.45
N GLU A 33 43.97 -15.94 -8.42
CA GLU A 33 44.46 -16.05 -7.05
C GLU A 33 44.79 -17.50 -6.72
N ILE A 34 43.96 -18.45 -7.14
CA ILE A 34 44.26 -19.85 -6.87
C ILE A 34 45.41 -20.33 -7.74
N LYS A 35 45.53 -19.80 -8.97
CA LYS A 35 46.69 -20.11 -9.79
C LYS A 35 47.97 -19.56 -9.18
N ARG A 36 47.89 -18.40 -8.54
CA ARG A 36 49.05 -17.85 -7.83
C ARG A 36 49.46 -18.76 -6.69
N GLU A 37 48.48 -19.38 -6.01
CA GLU A 37 48.79 -20.33 -4.95
C GLU A 37 49.40 -21.61 -5.52
N ARG A 38 49.02 -21.98 -6.75
CA ARG A 38 49.63 -23.14 -7.40
C ARG A 38 51.09 -22.86 -7.76
N GLU A 39 51.41 -21.61 -8.12
CA GLU A 39 52.78 -21.29 -8.51
C GLU A 39 53.70 -21.14 -7.31
N GLN A 40 53.18 -20.68 -6.17
CA GLN A 40 54.02 -20.55 -4.98
C GLN A 40 54.44 -21.92 -4.46
N HIS A 41 53.48 -22.83 -4.28
CA HIS A 41 53.81 -24.17 -3.82
C HIS A 41 54.68 -24.91 -4.82
N PHE A 42 54.49 -24.67 -6.11
CA PHE A 42 55.36 -25.27 -7.12
C PHE A 42 56.78 -24.70 -7.02
N LEU A 43 56.91 -23.39 -6.78
CA LEU A 43 58.23 -22.80 -6.57
C LEU A 43 58.83 -23.27 -5.26
N GLN A 44 58.00 -23.47 -4.22
CA GLN A 44 58.51 -24.03 -2.97
C GLN A 44 59.00 -25.46 -3.18
N GLU A 45 58.32 -26.23 -4.03
CA GLU A 45 58.73 -27.60 -4.28
C GLU A 45 60.08 -27.66 -4.97
N GLU A 46 60.30 -26.80 -5.97
CA GLU A 46 61.59 -26.77 -6.66
C GLU A 46 62.71 -26.37 -5.71
N GLN A 47 62.46 -25.37 -4.86
CA GLN A 47 63.47 -24.92 -3.90
C GLN A 47 63.82 -25.99 -2.88
N ILE A 48 62.90 -26.93 -2.62
CA ILE A 48 63.15 -27.96 -1.61
C ILE A 48 64.11 -29.01 -2.13
N ILE A 49 63.98 -29.42 -3.39
CA ILE A 49 64.82 -30.50 -3.90
C ILE A 49 66.25 -30.03 -4.11
N GLU A 50 66.44 -28.76 -4.48
CA GLU A 50 67.80 -28.22 -4.59
C GLU A 50 68.48 -28.18 -3.23
N ALA A 51 67.75 -27.78 -2.19
CA ALA A 51 68.33 -27.70 -0.86
C ALA A 51 68.79 -29.06 -0.35
N LEU A 52 68.11 -30.14 -0.77
CA LEU A 52 68.53 -31.48 -0.37
C LEU A 52 69.84 -31.86 -1.01
N GLN A 53 69.97 -31.63 -2.33
CA GLN A 53 71.20 -32.00 -3.03
C GLN A 53 72.41 -31.28 -2.44
N HIS A 54 72.26 -30.00 -2.10
CA HIS A 54 73.37 -29.22 -1.57
C HIS A 54 73.81 -29.74 -0.21
N PHE A 55 72.88 -29.90 0.72
CA PHE A 55 73.23 -30.38 2.05
C PHE A 55 73.60 -31.85 2.03
N GLY A 56 74.59 -32.23 2.84
CA GLY A 56 75.05 -33.60 2.90
C GLY A 56 73.97 -34.55 3.39
N ILE A 57 72.99 -34.82 2.53
CA ILE A 57 71.89 -35.71 2.86
C ILE A 57 71.72 -36.69 1.70
N GLU A 58 71.09 -37.82 1.99
CA GLU A 58 70.98 -38.92 1.04
C GLU A 58 69.61 -38.95 0.39
N ILE A 59 69.59 -38.99 -0.95
CA ILE A 59 68.35 -39.10 -1.71
C ILE A 59 68.12 -40.57 -2.07
N GLN A 60 67.87 -41.40 -1.05
CA GLN A 60 67.59 -42.81 -1.32
C GLN A 60 66.19 -42.99 -1.88
N HIS A 61 65.22 -42.26 -1.34
CA HIS A 61 63.83 -42.39 -1.76
C HIS A 61 63.05 -41.20 -1.23
N VAL A 62 62.15 -40.67 -2.07
CA VAL A 62 61.39 -39.47 -1.74
C VAL A 62 60.04 -39.50 -2.44
N GLU A 63 59.02 -38.97 -1.77
CA GLU A 63 57.68 -38.86 -2.33
C GLU A 63 57.00 -37.65 -1.71
N ILE A 64 56.50 -36.73 -2.55
CA ILE A 64 55.83 -35.52 -2.11
C ILE A 64 54.34 -35.68 -2.39
N TYR A 65 53.53 -35.78 -1.34
CA TYR A 65 52.11 -36.02 -1.48
C TYR A 65 51.31 -34.73 -1.60
N SER A 66 51.57 -33.75 -0.74
CA SER A 66 50.92 -32.46 -0.83
C SER A 66 51.67 -31.45 0.03
N LEU A 67 51.61 -30.17 -0.38
CA LEU A 67 52.40 -29.11 0.25
C LEU A 67 51.56 -27.83 0.28
N GLU A 68 50.68 -27.75 1.28
CA GLU A 68 49.96 -26.53 1.62
C GLU A 68 50.52 -25.96 2.91
N GLN A 69 50.42 -24.64 3.07
CA GLN A 69 50.96 -24.01 4.27
C GLN A 69 50.28 -24.53 5.53
N GLY A 70 49.04 -24.99 5.43
CA GLY A 70 48.35 -25.54 6.58
C GLY A 70 48.64 -27.01 6.78
N ASN A 71 48.56 -27.78 5.69
CA ASN A 71 48.76 -29.23 5.72
C ASN A 71 50.06 -29.53 4.96
N ILE A 72 51.17 -29.61 5.69
CA ILE A 72 52.45 -29.96 5.12
C ILE A 72 52.67 -31.45 5.35
N ASP A 73 52.82 -32.21 4.27
CA ASP A 73 52.98 -33.66 4.38
C ASP A 73 53.90 -34.13 3.27
N ILE A 74 55.11 -34.53 3.63
CA ILE A 74 56.07 -35.12 2.71
C ILE A 74 56.68 -36.36 3.38
N GLU A 75 57.12 -37.30 2.56
CA GLU A 75 57.74 -38.52 3.05
C GLU A 75 59.12 -38.69 2.43
N MET A 76 60.08 -39.16 3.24
CA MET A 76 61.42 -39.44 2.79
C MET A 76 61.85 -40.83 3.27
N THR A 77 62.89 -41.36 2.64
CA THR A 77 63.52 -42.60 3.07
C THR A 77 65.03 -42.43 2.94
N ILE A 78 65.75 -42.64 4.04
CA ILE A 78 67.19 -42.39 4.10
C ILE A 78 67.87 -43.56 4.80
N PRO A 79 69.18 -43.72 4.59
CA PRO A 79 69.91 -44.77 5.31
C PRO A 79 69.84 -44.58 6.81
N PHE A 80 70.02 -45.69 7.53
CA PHE A 80 69.83 -45.73 8.97
C PHE A 80 70.73 -44.72 9.68
N SER A 81 72.04 -44.82 9.45
CA SER A 81 73.05 -43.90 9.98
C SER A 81 72.96 -43.96 11.51
N GLY A 82 72.86 -42.83 12.21
CA GLY A 82 72.78 -42.86 13.66
C GLY A 82 72.63 -41.45 14.21
N HIS A 83 72.38 -41.38 15.52
CA HIS A 83 72.23 -40.10 16.24
C HIS A 83 71.08 -39.24 15.71
N GLY A 84 71.00 -37.99 16.16
CA GLY A 84 69.90 -37.11 15.82
C GLY A 84 69.97 -36.51 14.43
N GLU A 85 70.35 -37.33 13.44
CA GLU A 85 70.44 -36.86 12.07
C GLU A 85 69.10 -36.87 11.36
N SER A 86 68.12 -37.62 11.86
CA SER A 86 66.78 -37.58 11.28
C SER A 86 66.08 -36.26 11.53
N GLU A 87 66.50 -35.51 12.56
CA GLU A 87 65.84 -34.26 12.94
C GLU A 87 66.67 -33.03 12.66
N LYS A 88 68.00 -33.15 12.63
CA LYS A 88 68.83 -31.99 12.29
C LYS A 88 68.95 -31.77 10.79
N ILE A 89 68.40 -32.67 9.98
CA ILE A 89 68.15 -32.38 8.57
C ILE A 89 66.81 -31.67 8.37
N ILE A 90 66.08 -31.40 9.45
CA ILE A 90 64.76 -30.79 9.39
C ILE A 90 64.86 -29.30 9.65
N ALA A 91 65.88 -28.89 10.40
CA ALA A 91 66.14 -27.46 10.60
C ALA A 91 66.20 -26.66 9.30
N PRO A 92 66.86 -27.12 8.23
CA PRO A 92 66.71 -26.41 6.95
C PRO A 92 65.34 -26.62 6.33
N MET A 93 64.69 -27.76 6.59
CA MET A 93 63.35 -27.99 6.05
C MET A 93 62.34 -26.99 6.63
N LEU A 94 62.54 -26.56 7.88
CA LEU A 94 61.72 -25.50 8.43
C LEU A 94 62.02 -24.18 7.75
N SER A 95 63.30 -23.91 7.48
CA SER A 95 63.68 -22.64 6.90
C SER A 95 63.32 -22.55 5.41
N ASP A 96 63.32 -23.68 4.71
CA ASP A 96 62.90 -23.67 3.32
C ASP A 96 61.41 -23.38 3.18
N ILE A 97 60.60 -23.85 4.12
CA ILE A 97 59.19 -23.44 4.15
C ILE A 97 59.07 -21.99 4.57
N LEU A 98 60.06 -21.48 5.32
CA LEU A 98 60.22 -20.07 5.62
C LEU A 98 59.16 -19.54 6.57
N GLU A 99 58.07 -20.29 6.78
CA GLU A 99 56.98 -19.77 7.58
C GLU A 99 56.49 -20.78 8.62
N GLU A 100 56.57 -22.08 8.31
CA GLU A 100 55.95 -23.11 9.14
C GLU A 100 56.99 -23.95 9.84
N GLN A 101 56.63 -24.42 11.04
CA GLN A 101 57.46 -25.38 11.76
C GLN A 101 57.12 -26.80 11.34
N ILE A 102 58.13 -27.65 11.26
CA ILE A 102 57.98 -29.03 10.82
C ILE A 102 58.45 -29.96 11.92
N LEU A 103 57.71 -31.04 12.15
CA LEU A 103 58.07 -32.08 13.10
C LEU A 103 58.36 -33.37 12.35
N VAL A 104 58.96 -34.32 13.08
CA VAL A 104 59.51 -35.54 12.50
C VAL A 104 58.70 -36.74 12.98
N LYS A 105 58.53 -37.72 12.09
CA LYS A 105 58.01 -39.05 12.44
C LYS A 105 58.86 -40.07 11.70
N ALA A 106 59.79 -40.71 12.42
CA ALA A 106 60.80 -41.58 11.82
C ALA A 106 60.45 -43.03 12.10
N GLU A 107 60.14 -43.79 11.04
CA GLU A 107 59.73 -45.19 11.14
C GLU A 107 60.86 -46.05 10.57
N GLN A 108 61.72 -46.55 11.45
CA GLN A 108 62.87 -47.36 11.06
C GLN A 108 62.48 -48.84 11.19
N HIS A 109 62.37 -49.53 10.06
CA HIS A 109 61.95 -50.94 10.00
C HIS A 109 62.98 -51.71 9.19
N SER A 110 64.11 -52.03 9.82
CA SER A 110 65.15 -52.83 9.17
C SER A 110 66.13 -53.37 10.22
N PRO A 111 65.78 -54.45 10.91
CA PRO A 111 66.70 -55.04 11.90
C PRO A 111 67.81 -55.86 11.25
N HIS A 112 68.57 -55.21 10.36
CA HIS A 112 69.64 -55.85 9.61
C HIS A 112 70.64 -54.79 9.20
N PRO A 113 71.86 -55.19 8.83
CA PRO A 113 72.87 -54.19 8.43
C PRO A 113 72.43 -53.31 7.27
N ASN A 114 71.57 -53.79 6.40
CA ASN A 114 71.08 -52.96 5.30
C ASN A 114 70.19 -51.84 5.83
N GLY A 115 70.19 -50.72 5.11
CA GLY A 115 69.51 -49.53 5.59
C GLY A 115 68.15 -49.27 4.96
N TYR A 116 67.10 -49.45 5.75
CA TYR A 116 65.72 -49.16 5.34
C TYR A 116 65.06 -48.33 6.44
N SER A 117 65.06 -47.01 6.28
CA SER A 117 64.47 -46.11 7.25
C SER A 117 63.48 -45.19 6.53
N HIS A 118 62.19 -45.41 6.76
CA HIS A 118 61.12 -44.64 6.15
C HIS A 118 60.66 -43.56 7.13
N VAL A 119 60.62 -42.31 6.67
CA VAL A 119 60.34 -41.17 7.54
C VAL A 119 59.26 -40.31 6.90
N ALA A 120 58.35 -39.78 7.73
CA ALA A 120 57.29 -38.88 7.30
C ALA A 120 57.33 -37.61 8.13
N PHE A 121 57.14 -36.47 7.47
CA PHE A 121 57.15 -35.17 8.12
C PHE A 121 55.79 -34.51 7.99
N GLY A 122 55.33 -33.88 9.07
CA GLY A 122 54.02 -33.27 9.08
C GLY A 122 54.06 -31.88 9.71
N SER A 123 53.01 -31.11 9.41
CA SER A 123 52.88 -29.78 9.97
C SER A 123 52.47 -29.86 11.43
N THR A 124 52.57 -28.73 12.13
CA THR A 124 52.24 -28.63 13.54
C THR A 124 51.10 -27.64 13.74
N LYS A 125 50.16 -28.01 14.61
CA LYS A 125 49.04 -27.15 14.97
C LYS A 125 49.12 -26.80 16.45
N SER A 126 48.75 -25.57 16.78
CA SER A 126 48.69 -25.11 18.15
C SER A 126 47.25 -24.74 18.48
N TYR A 127 46.98 -24.60 19.79
CA TYR A 127 45.67 -24.22 20.28
C TYR A 127 44.57 -25.19 19.87
N ARG A 128 44.29 -26.18 20.69
CA ARG A 128 43.18 -27.09 20.42
C ARG A 128 41.86 -26.34 20.53
N VAL A 129 40.90 -26.72 19.68
CA VAL A 129 39.61 -26.04 19.57
C VAL A 129 38.53 -26.97 20.10
N SER A 130 37.56 -26.40 20.82
CA SER A 130 36.41 -27.12 21.32
C SER A 130 35.14 -26.39 20.90
N THR A 131 34.12 -27.14 20.49
CA THR A 131 32.93 -26.57 19.89
C THR A 131 31.67 -27.00 20.65
N GLY A 132 30.55 -26.44 20.21
CA GLY A 132 29.25 -26.63 20.83
C GLY A 132 28.28 -25.56 20.39
N ALA A 133 27.02 -25.92 20.20
CA ALA A 133 26.03 -24.97 19.70
C ALA A 133 24.66 -25.33 20.23
N ALA A 134 23.74 -24.37 20.11
CA ALA A 134 22.35 -24.56 20.51
C ALA A 134 21.44 -24.07 19.39
N HIS A 135 20.43 -24.86 19.06
CA HIS A 135 19.57 -24.61 17.92
C HIS A 135 18.12 -24.45 18.38
N ALA A 136 17.39 -23.56 17.74
CA ALA A 136 16.00 -23.33 18.07
C ALA A 136 15.28 -22.69 16.89
N ALA A 137 14.03 -23.10 16.67
CA ALA A 137 13.19 -22.57 15.60
C ALA A 137 12.13 -21.65 16.21
N LYS A 138 11.56 -20.80 15.34
CA LYS A 138 10.52 -19.87 15.79
C LYS A 138 9.35 -20.62 16.41
N GLY A 139 8.69 -21.47 15.63
CA GLY A 139 7.65 -22.33 16.14
C GLY A 139 8.14 -23.57 16.87
N GLY A 140 9.44 -23.68 17.11
CA GLY A 140 9.98 -24.84 17.80
C GLY A 140 9.76 -26.16 17.09
N GLY A 141 9.57 -26.14 15.78
CA GLY A 141 9.24 -27.34 15.05
C GLY A 141 10.11 -27.53 13.81
N LEU A 142 10.59 -28.77 13.64
CA LEU A 142 11.29 -29.20 12.44
C LEU A 142 12.51 -28.34 12.10
N VAL A 143 12.36 -27.45 11.13
CA VAL A 143 13.47 -26.76 10.50
C VAL A 143 13.41 -25.28 10.81
N SER A 144 14.55 -24.69 11.14
CA SER A 144 14.65 -23.30 11.53
C SER A 144 15.23 -22.47 10.39
N GLY A 145 14.87 -21.18 10.36
CA GLY A 145 15.33 -20.27 9.33
C GLY A 145 16.78 -19.85 9.48
N ASP A 146 17.44 -20.23 10.57
CA ASP A 146 18.86 -19.96 10.77
C ASP A 146 19.65 -21.24 10.54
N SER A 147 20.78 -21.10 9.85
CA SER A 147 21.68 -22.22 9.57
C SER A 147 23.08 -21.87 10.01
N TYR A 148 23.80 -22.88 10.49
CA TYR A 148 25.16 -22.71 10.98
C TYR A 148 25.98 -23.92 10.57
N SER A 149 27.31 -23.78 10.69
CA SER A 149 28.23 -24.86 10.42
C SER A 149 29.58 -24.50 11.01
N MET A 150 30.31 -25.53 11.44
CA MET A 150 31.65 -25.34 11.99
C MET A 150 32.47 -26.60 11.70
N MET A 151 33.42 -26.50 10.76
CA MET A 151 34.29 -27.61 10.38
C MET A 151 35.73 -27.13 10.37
N GLU A 152 36.66 -28.07 10.51
CA GLU A 152 38.08 -27.77 10.53
C GLU A 152 38.65 -27.95 9.13
N LEU A 153 39.50 -27.02 8.71
CA LEU A 153 40.13 -27.09 7.39
C LEU A 153 41.60 -27.46 7.59
N GLY A 154 41.83 -28.75 7.83
CA GLY A 154 43.17 -29.28 8.01
C GLY A 154 43.77 -28.99 9.36
N ALA A 155 44.92 -28.30 9.37
CA ALA A 155 45.63 -27.99 10.60
C ALA A 155 45.57 -26.52 11.00
N ARG A 156 45.28 -25.61 10.07
CA ARG A 156 45.57 -24.21 10.31
C ARG A 156 44.42 -23.49 11.00
N LYS A 157 43.19 -23.68 10.53
CA LYS A 157 42.10 -22.81 10.91
C LYS A 157 40.83 -23.59 11.20
N TYR A 158 40.03 -23.07 12.11
CA TYR A 158 38.70 -23.60 12.40
C TYR A 158 37.66 -22.54 12.04
N ALA A 159 36.62 -22.95 11.33
CA ALA A 159 35.62 -22.03 10.79
C ALA A 159 34.29 -22.18 11.51
N ALA A 160 33.51 -21.09 11.49
CA ALA A 160 32.19 -21.08 12.12
C ALA A 160 31.36 -19.98 11.47
N ALA A 161 30.25 -20.36 10.83
CA ALA A 161 29.41 -19.42 10.10
C ALA A 161 27.97 -19.57 10.55
N ILE A 162 27.22 -18.47 10.47
CA ILE A 162 25.81 -18.44 10.83
C ILE A 162 25.08 -17.56 9.83
N SER A 163 23.98 -18.06 9.30
CA SER A 163 23.18 -17.32 8.32
C SER A 163 21.75 -17.16 8.80
N ASP A 164 21.15 -16.02 8.46
CA ASP A 164 19.78 -15.72 8.87
C ASP A 164 18.85 -15.68 7.66
N GLY A 165 18.46 -14.50 7.23
CA GLY A 165 17.59 -14.37 6.06
C GLY A 165 16.21 -13.85 6.38
N MET A 166 15.19 -14.48 5.80
CA MET A 166 13.81 -14.08 6.03
C MET A 166 13.27 -14.71 7.31
N GLY A 167 12.02 -14.41 7.64
CA GLY A 167 11.40 -14.89 8.85
C GLY A 167 10.46 -16.05 8.65
N ASN A 168 10.06 -16.29 7.40
CA ASN A 168 9.18 -17.40 7.10
C ASN A 168 9.87 -18.73 7.41
N GLY A 169 9.05 -19.77 7.57
CA GLY A 169 9.56 -21.08 7.88
C GLY A 169 10.35 -21.70 6.74
N ALA A 170 9.65 -22.17 5.70
CA ALA A 170 10.31 -22.84 4.59
C ALA A 170 10.99 -21.86 3.64
N ARG A 171 10.49 -20.63 3.55
CA ARG A 171 11.02 -19.66 2.59
C ARG A 171 12.43 -19.21 2.94
N ALA A 172 12.86 -19.40 4.19
CA ALA A 172 14.15 -18.88 4.63
C ALA A 172 15.21 -19.94 4.84
N HIS A 173 14.85 -21.19 5.10
CA HIS A 173 15.86 -22.21 5.30
C HIS A 173 16.54 -22.58 3.98
N PHE A 174 15.73 -22.87 2.95
CA PHE A 174 16.29 -23.26 1.66
C PHE A 174 17.19 -22.19 1.07
N GLU A 175 17.01 -20.93 1.46
CA GLU A 175 17.90 -19.86 1.04
C GLU A 175 19.07 -19.68 1.98
N SER A 176 18.90 -19.98 3.26
CA SER A 176 19.98 -19.88 4.25
C SER A 176 20.87 -21.12 4.27
N ASN A 177 20.28 -22.30 4.12
CA ASN A 177 21.08 -23.52 4.08
C ASN A 177 21.97 -23.55 2.85
N GLU A 178 21.54 -22.92 1.75
CA GLU A 178 22.32 -22.93 0.52
C GLU A 178 23.56 -22.05 0.65
N THR A 179 23.44 -20.93 1.39
CA THR A 179 24.59 -20.05 1.58
C THR A 179 25.73 -20.77 2.29
N ILE A 180 25.41 -21.49 3.36
CA ILE A 180 26.44 -22.19 4.11
C ILE A 180 27.05 -23.31 3.28
N LYS A 181 26.22 -24.02 2.52
CA LYS A 181 26.74 -25.07 1.64
C LYS A 181 27.66 -24.50 0.58
N LEU A 182 27.33 -23.32 0.05
CA LEU A 182 28.22 -22.68 -0.90
C LEU A 182 29.47 -22.15 -0.21
N LEU A 183 29.32 -21.62 0.99
CA LEU A 183 30.49 -21.16 1.75
C LEU A 183 31.33 -22.33 2.24
N GLU A 184 30.69 -23.46 2.56
CA GLU A 184 31.42 -24.61 3.07
C GLU A 184 32.33 -25.23 2.01
N LYS A 185 32.09 -24.96 0.73
CA LYS A 185 32.92 -25.47 -0.35
C LYS A 185 33.95 -24.46 -0.83
N ILE A 186 33.60 -23.18 -0.85
CA ILE A 186 34.55 -22.16 -1.29
C ILE A 186 35.65 -21.96 -0.26
N LEU A 187 35.30 -22.03 1.03
CA LEU A 187 36.32 -21.92 2.06
C LEU A 187 37.21 -23.16 2.10
N GLU A 188 36.70 -24.30 1.66
CA GLU A 188 37.52 -25.52 1.65
C GLU A 188 38.66 -25.41 0.64
N SER A 189 38.50 -24.57 -0.39
CA SER A 189 39.52 -24.46 -1.42
C SER A 189 40.83 -23.89 -0.88
N GLY A 190 40.77 -23.10 0.18
CA GLY A 190 41.97 -22.50 0.72
C GLY A 190 42.31 -21.19 0.04
N ILE A 191 41.31 -20.31 -0.08
CA ILE A 191 41.47 -19.02 -0.72
C ILE A 191 41.37 -17.94 0.36
N ASP A 192 41.91 -16.76 0.04
CA ASP A 192 41.83 -15.64 0.98
C ASP A 192 40.39 -15.37 1.36
N GLU A 193 40.15 -15.22 2.67
CA GLU A 193 38.78 -15.11 3.17
C GLU A 193 38.13 -13.82 2.70
N LYS A 194 38.89 -12.72 2.62
CA LYS A 194 38.32 -11.47 2.15
C LYS A 194 37.87 -11.57 0.70
N ILE A 195 38.54 -12.40 -0.10
CA ILE A 195 38.13 -12.61 -1.48
C ILE A 195 37.01 -13.64 -1.55
N ALA A 196 37.00 -14.61 -0.64
CA ALA A 196 35.97 -15.65 -0.66
C ALA A 196 34.59 -15.11 -0.40
N ILE A 197 34.48 -14.00 0.34
CA ILE A 197 33.18 -13.43 0.64
C ILE A 197 32.64 -12.65 -0.55
N LYS A 198 33.50 -11.86 -1.21
CA LYS A 198 33.09 -11.20 -2.45
C LYS A 198 32.63 -12.21 -3.49
N THR A 199 33.30 -13.37 -3.54
CA THR A 199 32.92 -14.40 -4.51
C THR A 199 31.56 -14.99 -4.18
N ILE A 200 31.28 -15.23 -2.90
CA ILE A 200 29.95 -15.68 -2.49
C ILE A 200 28.95 -14.56 -2.67
N ASN A 201 29.32 -13.33 -2.31
CA ASN A 201 28.41 -12.19 -2.45
C ASN A 201 28.06 -11.94 -3.91
N SER A 202 28.99 -12.23 -4.83
CA SER A 202 28.71 -12.02 -6.24
C SER A 202 27.80 -13.10 -6.82
N ILE A 203 28.01 -14.35 -6.42
CA ILE A 203 27.18 -15.45 -6.94
C ILE A 203 25.74 -15.29 -6.47
N LEU A 204 25.54 -14.84 -5.23
CA LEU A 204 24.22 -14.77 -4.65
C LEU A 204 23.45 -13.50 -5.03
N SER A 205 24.01 -12.65 -5.89
CA SER A 205 23.33 -11.44 -6.32
C SER A 205 22.21 -11.81 -7.30
N LEU A 206 20.96 -11.63 -6.88
CA LEU A 206 19.81 -12.03 -7.69
C LEU A 206 18.69 -11.02 -7.49
N ARG A 207 18.13 -10.54 -8.61
CA ARG A 207 16.92 -9.72 -8.70
C ARG A 207 17.17 -8.25 -8.35
N THR A 208 18.31 -7.90 -7.76
CA THR A 208 18.63 -6.52 -7.38
C THR A 208 17.57 -5.94 -6.44
N THR A 209 17.25 -6.70 -5.41
CA THR A 209 16.35 -6.27 -4.35
C THR A 209 17.18 -5.76 -3.17
N ASP A 210 16.48 -5.32 -2.12
CA ASP A 210 17.12 -4.91 -0.87
C ASP A 210 17.03 -6.06 0.13
N GLU A 211 18.15 -6.36 0.78
CA GLU A 211 18.25 -7.47 1.72
C GLU A 211 17.76 -8.77 1.06
N ILE A 212 18.32 -9.06 -0.10
CA ILE A 212 17.84 -10.17 -0.94
C ILE A 212 18.04 -11.50 -0.23
N TYR A 213 19.30 -11.89 -0.05
CA TYR A 213 19.64 -13.25 0.31
C TYR A 213 20.05 -13.33 1.79
N SER A 214 20.68 -14.44 2.13
CA SER A 214 20.97 -14.76 3.52
C SER A 214 22.08 -13.87 4.06
N THR A 215 21.79 -13.17 5.15
CA THR A 215 22.83 -12.55 5.94
C THR A 215 23.71 -13.63 6.55
N LEU A 216 24.99 -13.32 6.77
CA LEU A 216 25.95 -14.32 7.22
C LEU A 216 26.91 -13.72 8.23
N ASP A 217 27.50 -14.59 9.06
CA ASP A 217 28.44 -14.20 10.10
C ASP A 217 29.54 -15.24 10.20
N LEU A 218 30.73 -14.92 9.68
CA LEU A 218 31.83 -15.86 9.61
C LEU A 218 32.94 -15.46 10.57
N SER A 219 33.42 -16.42 11.36
CA SER A 219 34.55 -16.24 12.25
C SER A 219 35.52 -17.39 12.04
N ILE A 220 36.77 -17.07 11.72
CA ILE A 220 37.79 -18.06 11.41
C ILE A 220 38.96 -17.86 12.37
N ILE A 221 39.26 -18.90 13.15
CA ILE A 221 40.30 -18.85 14.17
C ILE A 221 41.55 -19.54 13.62
N ASP A 222 42.59 -18.76 13.35
CA ASP A 222 43.86 -19.31 12.90
C ASP A 222 44.61 -19.92 14.07
N LEU A 223 44.97 -21.21 13.95
CA LEU A 223 45.69 -21.90 15.00
C LEU A 223 47.18 -21.61 14.99
N GLN A 224 47.67 -20.83 14.02
CA GLN A 224 49.09 -20.50 13.99
C GLN A 224 49.47 -19.61 15.16
N ASP A 225 48.67 -18.57 15.44
CA ASP A 225 48.99 -17.63 16.50
C ASP A 225 47.75 -17.15 17.23
N ALA A 226 46.69 -17.96 17.20
CA ALA A 226 45.45 -17.68 17.92
C ALA A 226 44.83 -16.35 17.51
N SER A 227 44.96 -16.00 16.22
CA SER A 227 44.30 -14.81 15.69
C SER A 227 42.96 -15.20 15.08
N CYS A 228 42.07 -14.22 14.97
CA CYS A 228 40.74 -14.44 14.44
C CYS A 228 40.45 -13.42 13.33
N LYS A 229 39.66 -13.86 12.36
CA LYS A 229 39.25 -13.03 11.23
C LYS A 229 37.73 -12.87 11.32
N PHE A 230 37.28 -11.73 11.84
CA PHE A 230 35.85 -11.47 12.02
C PHE A 230 35.31 -10.87 10.73
N LEU A 231 34.62 -11.70 9.94
CA LEU A 231 33.98 -11.27 8.71
C LEU A 231 32.48 -11.20 8.97
N LYS A 232 31.92 -10.00 8.92
CA LYS A 232 30.49 -9.78 9.10
C LYS A 232 29.93 -9.30 7.78
N VAL A 233 29.16 -10.17 7.11
CA VAL A 233 28.39 -9.79 5.94
C VAL A 233 26.90 -9.81 6.23
N GLY A 234 26.50 -10.26 7.42
CA GLY A 234 25.12 -10.20 7.85
C GLY A 234 24.81 -9.16 8.90
N SER A 235 25.77 -8.33 9.30
CA SER A 235 25.57 -7.27 10.30
C SER A 235 25.09 -7.83 11.64
N THR A 236 25.42 -9.08 11.92
CA THR A 236 25.06 -9.68 13.20
C THR A 236 26.18 -9.51 14.21
N PRO A 237 25.90 -9.04 15.41
CA PRO A 237 26.96 -8.81 16.40
C PRO A 237 27.48 -10.12 16.99
N SER A 238 28.71 -10.05 17.49
CA SER A 238 29.37 -11.19 18.11
C SER A 238 30.12 -10.71 19.35
N PHE A 239 30.54 -11.66 20.18
CA PHE A 239 31.17 -11.33 21.45
C PHE A 239 32.34 -12.27 21.71
N ILE A 240 33.25 -11.80 22.58
CA ILE A 240 34.38 -12.59 23.05
C ILE A 240 34.43 -12.46 24.56
N LYS A 241 34.55 -13.59 25.25
CA LYS A 241 34.61 -13.62 26.71
C LYS A 241 35.96 -14.14 27.15
N ARG A 242 36.67 -13.35 27.97
CA ARG A 242 37.96 -13.73 28.55
C ARG A 242 37.85 -13.54 30.05
N GLY A 243 37.67 -14.63 30.79
CA GLY A 243 37.47 -14.56 32.21
C GLY A 243 36.15 -13.90 32.59
N ASP A 244 36.19 -12.59 32.88
CA ASP A 244 34.98 -11.84 33.18
C ASP A 244 34.76 -10.66 32.24
N GLN A 245 35.70 -10.39 31.34
CA GLN A 245 35.52 -9.32 30.36
C GLN A 245 34.65 -9.81 29.20
N VAL A 246 33.89 -8.88 28.63
CA VAL A 246 33.06 -9.15 27.45
C VAL A 246 33.33 -8.04 26.46
N MET A 247 34.07 -8.36 25.39
CA MET A 247 34.38 -7.42 24.33
C MET A 247 33.48 -7.67 23.14
N LYS A 248 32.85 -6.61 22.64
CA LYS A 248 31.93 -6.71 21.52
C LYS A 248 32.64 -6.33 20.23
N VAL A 249 32.47 -7.14 19.19
CA VAL A 249 32.97 -6.85 17.86
C VAL A 249 31.77 -6.58 16.95
N GLN A 250 31.87 -5.53 16.14
CA GLN A 250 30.80 -5.19 15.21
C GLN A 250 31.43 -4.61 13.95
N ALA A 251 30.65 -4.59 12.87
CA ALA A 251 31.14 -4.07 11.60
C ALA A 251 29.97 -3.49 10.82
N SER A 252 30.26 -2.46 10.03
CA SER A 252 29.28 -1.82 9.19
C SER A 252 29.36 -2.39 7.78
N ASN A 253 28.30 -3.05 7.35
CA ASN A 253 28.08 -3.49 5.98
C ASN A 253 26.75 -4.22 5.93
N LEU A 254 26.19 -4.28 4.74
CA LEU A 254 24.82 -4.69 4.50
C LEU A 254 24.75 -6.14 4.04
N PRO A 255 23.57 -6.76 4.04
CA PRO A 255 23.48 -8.21 3.83
C PRO A 255 24.01 -8.65 2.47
N ILE A 256 24.06 -9.99 2.32
CA ILE A 256 24.59 -10.60 1.11
C ILE A 256 23.72 -10.26 -0.09
N GLY A 257 24.36 -10.01 -1.22
CA GLY A 257 23.68 -9.65 -2.45
C GLY A 257 24.56 -8.75 -3.29
N ILE A 258 24.05 -7.57 -3.63
CA ILE A 258 24.88 -6.51 -4.20
C ILE A 258 24.39 -5.20 -3.60
N ILE A 259 24.12 -5.24 -2.29
CA ILE A 259 23.55 -4.09 -1.60
C ILE A 259 24.59 -3.02 -1.36
N ASN A 260 25.87 -3.39 -1.30
CA ASN A 260 26.95 -2.46 -1.02
C ASN A 260 27.96 -2.46 -2.14
N GLU A 261 28.60 -1.31 -2.33
CA GLU A 261 29.78 -1.19 -3.18
C GLU A 261 31.03 -1.21 -2.32
N PHE A 262 32.17 -1.47 -2.98
CA PHE A 262 33.46 -1.56 -2.31
C PHE A 262 33.45 -2.63 -1.22
N ASP A 263 32.68 -3.70 -1.47
CA ASP A 263 32.70 -4.97 -0.75
C ASP A 263 32.68 -4.89 0.77
N VAL A 264 33.38 -5.82 1.40
CA VAL A 264 33.23 -6.12 2.82
C VAL A 264 34.54 -5.82 3.54
N GLU A 265 34.42 -5.22 4.73
CA GLU A 265 35.57 -4.91 5.56
C GLU A 265 35.85 -6.06 6.51
N VAL A 266 37.13 -6.26 6.81
CA VAL A 266 37.58 -7.33 7.72
C VAL A 266 37.90 -6.71 9.07
N VAL A 267 37.67 -7.49 10.13
CA VAL A 267 37.95 -7.08 11.49
C VAL A 267 38.78 -8.19 12.15
N SER A 268 39.85 -7.80 12.85
CA SER A 268 40.77 -8.73 13.46
C SER A 268 40.84 -8.51 14.96
N GLU A 269 40.97 -9.62 15.71
CA GLU A 269 41.14 -9.57 17.15
C GLU A 269 42.15 -10.62 17.57
N GLN A 270 42.79 -10.39 18.71
CA GLN A 270 43.82 -11.27 19.24
C GLN A 270 43.35 -11.90 20.54
N LEU A 271 43.40 -13.22 20.62
CA LEU A 271 42.96 -13.95 21.79
C LEU A 271 44.02 -14.95 22.22
N LYS A 272 43.90 -15.43 23.45
CA LYS A 272 44.85 -16.35 24.05
C LYS A 272 44.12 -17.62 24.49
N ALA A 273 44.83 -18.45 25.25
CA ALA A 273 44.25 -19.70 25.71
C ALA A 273 43.16 -19.45 26.76
N GLY A 274 42.16 -20.31 26.75
CA GLY A 274 41.04 -20.17 27.67
C GLY A 274 39.96 -19.20 27.23
N ASP A 275 40.15 -18.49 26.13
CA ASP A 275 39.18 -17.51 25.69
C ASP A 275 37.96 -18.20 25.09
N LEU A 276 36.83 -17.48 25.10
CA LEU A 276 35.56 -18.02 24.64
C LEU A 276 34.98 -17.09 23.59
N LEU A 277 34.85 -17.60 22.37
CA LEU A 277 34.23 -16.86 21.27
C LEU A 277 32.81 -17.40 21.10
N ILE A 278 31.82 -16.60 21.47
CA ILE A 278 30.42 -16.95 21.29
C ILE A 278 29.84 -16.07 20.20
N MET A 279 28.94 -16.66 19.40
CA MET A 279 28.26 -15.94 18.32
C MET A 279 26.78 -16.31 18.36
N MET A 280 25.95 -15.37 17.92
CA MET A 280 24.52 -15.63 17.83
C MET A 280 23.96 -14.86 16.66
N SER A 281 22.72 -15.21 16.30
CA SER A 281 22.01 -14.51 15.23
C SER A 281 21.19 -13.38 15.85
N ASP A 282 20.38 -12.72 15.02
CA ASP A 282 19.53 -11.65 15.52
C ASP A 282 18.37 -12.15 16.37
N GLY A 283 18.11 -13.46 16.35
CA GLY A 283 17.04 -14.01 17.18
C GLY A 283 17.38 -14.16 18.65
N ILE A 284 18.67 -14.19 18.98
CA ILE A 284 19.11 -14.25 20.36
C ILE A 284 19.50 -12.88 20.89
N PHE A 285 20.24 -12.10 20.10
CA PHE A 285 20.66 -10.78 20.53
C PHE A 285 19.47 -9.84 20.73
N GLU A 286 18.51 -9.88 19.81
CA GLU A 286 17.24 -9.16 19.95
C GLU A 286 16.12 -10.07 20.43
N GLY A 287 16.47 -11.14 21.15
CA GLY A 287 15.50 -12.12 21.61
C GLY A 287 14.48 -11.61 22.60
N PRO A 288 14.93 -11.14 23.76
CA PRO A 288 13.99 -10.68 24.80
C PRO A 288 13.18 -9.49 24.34
N LYS A 289 11.85 -9.63 24.42
CA LYS A 289 10.99 -8.56 23.95
C LYS A 289 10.96 -7.39 24.93
N HIS A 290 11.22 -7.65 26.21
CA HIS A 290 11.20 -6.61 27.23
C HIS A 290 12.61 -6.17 27.62
N VAL A 291 13.42 -5.74 26.65
CA VAL A 291 14.78 -5.28 26.91
C VAL A 291 15.09 -4.11 25.99
N GLU A 292 15.66 -3.05 26.57
CA GLU A 292 16.07 -1.87 25.80
C GLU A 292 17.52 -2.00 25.33
N ASN A 293 18.45 -2.11 26.26
CA ASN A 293 19.88 -2.21 25.93
C ASN A 293 20.23 -3.69 25.78
N HIS A 294 20.35 -4.14 24.53
CA HIS A 294 20.68 -5.53 24.27
C HIS A 294 22.16 -5.83 24.45
N ASP A 295 23.02 -4.82 24.44
CA ASP A 295 24.45 -5.05 24.61
C ASP A 295 24.80 -5.29 26.08
N LEU A 296 24.30 -4.44 26.98
CA LEU A 296 24.54 -4.65 28.40
C LEU A 296 23.87 -5.92 28.89
N TRP A 297 22.67 -6.24 28.36
CA TRP A 297 21.98 -7.44 28.77
C TRP A 297 22.77 -8.69 28.38
N MET A 298 23.42 -8.67 27.22
CA MET A 298 24.20 -9.82 26.78
C MET A 298 25.55 -9.90 27.48
N LYS A 299 26.11 -8.76 27.89
CA LYS A 299 27.37 -8.78 28.62
C LYS A 299 27.20 -9.33 30.03
N ARG A 300 26.16 -8.88 30.73
CA ARG A 300 25.94 -9.35 32.10
C ARG A 300 25.54 -10.82 32.14
N LYS A 301 24.90 -11.33 31.08
CA LYS A 301 24.51 -12.73 31.05
C LYS A 301 25.73 -13.64 30.97
N MET A 302 26.81 -13.19 30.35
CA MET A 302 28.02 -14.00 30.23
C MET A 302 28.85 -13.96 31.50
N LYS A 303 28.88 -12.81 32.19
CA LYS A 303 29.62 -12.72 33.45
C LYS A 303 29.05 -13.65 34.50
N GLY A 304 27.75 -13.97 34.40
CA GLY A 304 27.16 -14.96 35.27
C GLY A 304 27.46 -16.39 34.89
N LEU A 305 27.85 -16.63 33.64
CA LEU A 305 28.22 -17.98 33.21
C LEU A 305 29.54 -18.38 33.87
N LYS A 306 29.50 -19.46 34.65
CA LYS A 306 30.69 -19.91 35.36
C LYS A 306 31.11 -21.29 34.86
N THR A 307 31.49 -21.39 33.59
CA THR A 307 31.93 -22.66 33.03
C THR A 307 32.80 -22.38 31.82
N ASN A 308 33.59 -23.39 31.43
CA ASN A 308 34.46 -23.30 30.27
C ASN A 308 34.10 -24.30 29.18
N ASP A 309 33.06 -25.10 29.36
CA ASP A 309 32.65 -26.04 28.34
C ASP A 309 31.84 -25.32 27.28
N PRO A 310 32.27 -25.30 26.01
CA PRO A 310 31.56 -24.52 24.99
C PRO A 310 30.14 -25.01 24.74
N GLN A 311 29.83 -26.27 25.01
CA GLN A 311 28.47 -26.76 24.78
C GLN A 311 27.49 -26.19 25.80
N GLU A 312 27.88 -26.17 27.08
CA GLU A 312 27.00 -25.63 28.10
C GLU A 312 26.80 -24.13 27.95
N ILE A 313 27.83 -23.41 27.50
CA ILE A 313 27.73 -21.96 27.36
C ILE A 313 26.68 -21.60 26.31
N ALA A 314 26.58 -22.39 25.24
CA ALA A 314 25.59 -22.09 24.21
C ALA A 314 24.17 -22.35 24.70
N ASP A 315 23.99 -23.28 25.63
CA ASP A 315 22.66 -23.59 26.13
C ASP A 315 22.21 -22.63 27.22
N LEU A 316 23.12 -22.29 28.15
CA LEU A 316 22.74 -21.40 29.24
C LEU A 316 22.39 -20.00 28.73
N LEU A 317 22.97 -19.58 27.62
CA LEU A 317 22.54 -18.34 26.98
C LEU A 317 21.25 -18.52 26.21
N MET A 318 21.08 -19.69 25.57
CA MET A 318 19.88 -19.94 24.78
C MET A 318 18.63 -19.97 25.65
N GLU A 319 18.67 -20.72 26.75
CA GLU A 319 17.50 -20.83 27.61
C GLU A 319 17.26 -19.57 28.43
N GLU A 320 18.30 -18.76 28.64
CA GLU A 320 18.11 -17.50 29.37
C GLU A 320 17.30 -16.50 28.54
N VAL A 321 17.46 -16.52 27.22
CA VAL A 321 16.59 -15.71 26.36
C VAL A 321 15.17 -16.25 26.38
N ILE A 322 15.02 -17.58 26.44
CA ILE A 322 13.71 -18.19 26.55
C ILE A 322 13.08 -17.89 27.91
N ARG A 323 13.90 -17.76 28.96
CA ARG A 323 13.38 -17.46 30.29
C ARG A 323 12.74 -16.08 30.36
N THR A 324 13.23 -15.12 29.57
CA THR A 324 12.66 -13.78 29.58
C THR A 324 11.22 -13.77 29.10
N ARG A 325 10.80 -14.77 28.33
CA ARG A 325 9.43 -14.93 27.89
C ARG A 325 8.77 -16.06 28.67
N SER A 326 7.50 -16.30 28.37
CA SER A 326 6.76 -17.41 28.95
C SER A 326 6.96 -18.68 28.12
N GLY A 327 8.24 -19.03 27.93
CA GLY A 327 8.60 -20.10 27.04
C GLY A 327 8.39 -19.79 25.58
N GLN A 328 8.20 -18.52 25.23
CA GLN A 328 7.91 -18.13 23.85
C GLN A 328 9.20 -18.06 23.03
N ILE A 329 9.04 -18.25 21.73
CA ILE A 329 10.13 -18.12 20.78
C ILE A 329 9.66 -17.26 19.60
N GLU A 330 9.89 -15.96 19.67
CA GLU A 330 9.37 -15.05 18.66
C GLU A 330 10.25 -14.97 17.41
N ASP A 331 11.39 -15.64 17.38
CA ASP A 331 12.25 -15.61 16.21
C ASP A 331 13.18 -16.80 16.24
N ASP A 332 13.74 -17.13 15.08
CA ASP A 332 14.70 -18.22 14.99
C ASP A 332 15.96 -17.88 15.77
N MET A 333 16.40 -18.82 16.61
CA MET A 333 17.50 -18.58 17.53
C MET A 333 18.61 -19.61 17.30
N THR A 334 19.85 -19.13 17.30
CA THR A 334 21.02 -19.97 17.05
C THR A 334 22.24 -19.32 17.70
N VAL A 335 23.04 -20.13 18.37
CA VAL A 335 24.24 -19.65 19.09
C VAL A 335 25.33 -20.70 18.97
N VAL A 336 26.56 -20.23 18.71
CA VAL A 336 27.72 -21.10 18.52
C VAL A 336 28.86 -20.60 19.41
N VAL A 337 29.53 -21.54 20.08
CA VAL A 337 30.61 -21.22 21.02
C VAL A 337 31.86 -22.01 20.63
N VAL A 338 33.01 -21.35 20.73
CA VAL A 338 34.31 -21.97 20.42
C VAL A 338 35.30 -21.52 21.49
N ARG A 339 36.03 -22.49 22.06
CA ARG A 339 37.04 -22.21 23.09
C ARG A 339 38.42 -22.48 22.52
N ILE A 340 39.42 -21.77 23.06
CA ILE A 340 40.81 -21.88 22.63
C ILE A 340 41.65 -22.29 23.82
N ASP A 341 42.49 -23.31 23.64
CA ASP A 341 43.47 -23.71 24.63
C ASP A 341 44.55 -24.54 23.94
N HIS A 342 45.77 -24.44 24.46
CA HIS A 342 46.93 -25.05 23.82
C HIS A 342 46.78 -26.58 23.76
N ASN A 343 47.66 -27.19 22.97
CA ASN A 343 47.68 -28.66 22.87
C ASN A 343 48.39 -29.29 24.04
N THR A 344 49.53 -28.72 24.46
CA THR A 344 50.43 -29.29 25.45
C THR A 344 50.75 -30.74 25.12
N PRO A 345 51.45 -31.02 24.01
CA PRO A 345 51.72 -32.39 23.59
C PRO A 345 52.89 -33.02 24.34
N LEU B 3 -8.26 78.48 1.61
CA LEU B 3 -7.57 78.87 0.37
C LEU B 3 -7.02 77.65 -0.37
N THR B 4 -7.05 77.71 -1.70
CA THR B 4 -6.45 76.66 -2.51
C THR B 4 -4.96 76.90 -2.65
N LEU B 5 -4.19 75.81 -2.63
CA LEU B 5 -2.74 75.90 -2.68
C LEU B 5 -2.09 75.07 -3.78
N LYS B 6 -2.85 74.27 -4.52
CA LYS B 6 -2.32 73.41 -5.58
C LYS B 6 -1.37 72.36 -5.03
N LYS B 7 -0.49 72.76 -4.10
CA LYS B 7 0.39 71.83 -3.42
C LYS B 7 -0.34 71.12 -2.29
N LYS B 8 -1.66 70.96 -2.44
CA LYS B 8 -2.41 70.11 -1.53
C LYS B 8 -1.86 68.69 -1.50
N VAL B 9 -1.21 68.26 -2.59
CA VAL B 9 -0.47 67.00 -2.57
C VAL B 9 0.59 67.02 -1.47
N GLN B 10 1.32 68.13 -1.35
CA GLN B 10 2.27 68.27 -0.25
C GLN B 10 1.53 68.37 1.09
N ASP B 11 0.39 69.04 1.11
CA ASP B 11 -0.41 69.10 2.33
C ASP B 11 -1.00 67.74 2.66
N SER B 12 -1.25 66.91 1.65
CA SER B 12 -1.79 65.58 1.89
C SER B 12 -0.71 64.60 2.32
N ARG B 13 0.55 64.85 1.96
CA ARG B 13 1.62 63.95 2.35
C ARG B 13 1.93 64.05 3.84
N ARG B 14 1.84 65.24 4.41
CA ARG B 14 1.97 65.37 5.86
C ARG B 14 0.77 64.79 6.60
N LEU B 15 -0.39 64.73 5.93
CA LEU B 15 -1.57 64.11 6.56
C LEU B 15 -1.51 62.60 6.46
N VAL B 16 -1.11 62.06 5.30
CA VAL B 16 -0.90 60.62 5.17
C VAL B 16 0.24 60.17 6.09
N ALA B 17 1.23 61.06 6.30
CA ALA B 17 2.33 60.73 7.20
C ALA B 17 1.83 60.49 8.62
N GLU B 18 0.99 61.40 9.14
CA GLU B 18 0.47 61.24 10.49
C GLU B 18 -0.38 59.99 10.63
N GLN B 19 -1.18 59.68 9.60
CA GLN B 19 -1.96 58.44 9.63
C GLN B 19 -1.04 57.22 9.58
N LEU B 20 0.02 57.29 8.77
CA LEU B 20 0.99 56.21 8.74
C LEU B 20 1.91 56.21 9.95
N LEU B 21 2.09 57.37 10.60
CA LEU B 21 2.76 57.38 11.89
C LEU B 21 1.82 56.97 13.02
N GLY B 22 0.52 57.25 12.88
CA GLY B 22 -0.43 56.86 13.90
C GLY B 22 -0.52 55.35 14.08
N VAL B 23 -0.55 54.62 12.97
CA VAL B 23 -0.50 53.16 13.07
C VAL B 23 0.85 52.71 13.58
N SER B 24 1.92 53.43 13.23
CA SER B 24 3.24 53.15 13.80
C SER B 24 3.29 53.42 15.30
N GLU B 25 2.41 54.29 15.80
CA GLU B 25 2.36 54.57 17.23
C GLU B 25 1.71 53.42 18.00
N VAL B 26 0.59 52.89 17.50
CA VAL B 26 -0.11 51.82 18.20
C VAL B 26 0.65 50.51 18.13
N MET B 27 1.53 50.35 17.14
CA MET B 27 2.31 49.11 17.07
C MET B 27 3.38 49.07 18.15
N ALA B 28 4.04 50.20 18.40
CA ALA B 28 5.01 50.26 19.49
C ALA B 28 4.34 50.12 20.85
N ASP B 29 3.14 50.70 21.00
CA ASP B 29 2.38 50.50 22.23
C ASP B 29 1.87 49.06 22.34
N PHE B 30 1.54 48.44 21.21
CA PHE B 30 1.22 47.02 21.21
C PHE B 30 2.45 46.18 21.52
N SER B 31 3.62 46.61 21.05
CA SER B 31 4.85 45.86 21.32
C SER B 31 5.22 45.92 22.80
N ARG B 32 4.98 47.06 23.45
CA ARG B 32 5.25 47.15 24.88
C ARG B 32 4.23 46.35 25.69
N GLU B 33 2.99 46.25 25.21
CA GLU B 33 1.98 45.49 25.93
C GLU B 33 2.26 43.99 25.87
N ILE B 34 2.72 43.50 24.71
CA ILE B 34 3.00 42.07 24.60
C ILE B 34 4.34 41.72 25.26
N LYS B 35 5.32 42.62 25.18
CA LYS B 35 6.62 42.35 25.79
C LYS B 35 6.51 42.30 27.31
N ARG B 36 5.66 43.14 27.90
CA ARG B 36 5.47 43.10 29.34
C ARG B 36 4.86 41.78 29.79
N GLU B 37 3.86 41.29 29.05
CA GLU B 37 3.27 39.99 29.36
C GLU B 37 4.24 38.86 29.06
N ARG B 38 5.12 39.03 28.07
CA ARG B 38 6.12 38.02 27.75
C ARG B 38 7.17 37.92 28.84
N GLU B 39 7.52 39.05 29.47
CA GLU B 39 8.49 39.04 30.56
C GLU B 39 7.86 38.74 31.92
N GLN B 40 6.58 39.08 32.10
CA GLN B 40 5.90 38.73 33.33
C GLN B 40 5.77 37.23 33.48
N HIS B 41 5.52 36.52 32.38
CA HIS B 41 5.49 35.06 32.42
C HIS B 41 6.88 34.49 32.63
N PHE B 42 7.92 35.19 32.17
CA PHE B 42 9.28 34.84 32.54
C PHE B 42 9.51 35.06 34.02
N LEU B 43 8.93 36.12 34.58
CA LEU B 43 9.02 36.37 36.01
C LEU B 43 8.32 35.28 36.81
N GLN B 44 7.20 34.76 36.28
CA GLN B 44 6.51 33.66 36.95
C GLN B 44 7.36 32.39 36.94
N GLU B 45 8.16 32.18 35.90
CA GLU B 45 8.94 30.96 35.79
C GLU B 45 10.07 30.92 36.82
N GLU B 46 10.71 32.07 37.08
CA GLU B 46 11.82 32.10 38.03
C GLU B 46 11.36 31.73 39.43
N GLN B 47 10.19 32.24 39.84
CA GLN B 47 9.68 31.91 41.16
C GLN B 47 9.32 30.44 41.28
N ILE B 48 8.99 29.79 40.17
CA ILE B 48 8.60 28.39 40.22
C ILE B 48 9.82 27.49 40.42
N ILE B 49 10.91 27.75 39.70
CA ILE B 49 12.03 26.82 39.71
C ILE B 49 12.76 26.83 41.05
N GLU B 50 12.78 27.96 41.75
CA GLU B 50 13.38 27.98 43.08
C GLU B 50 12.44 27.37 44.11
N ALA B 51 11.14 27.61 43.98
CA ALA B 51 10.18 27.00 44.91
C ALA B 51 10.09 25.49 44.70
N LEU B 52 10.17 25.05 43.44
CA LEU B 52 10.20 23.61 43.18
C LEU B 52 11.49 22.98 43.71
N GLN B 53 12.58 23.74 43.71
CA GLN B 53 13.85 23.20 44.19
C GLN B 53 13.82 22.99 45.69
N HIS B 54 13.30 23.95 46.45
CA HIS B 54 13.15 23.79 47.89
C HIS B 54 12.09 22.75 48.19
N PHE B 55 12.38 21.48 47.92
CA PHE B 55 11.46 20.39 48.19
C PHE B 55 12.25 19.09 48.24
N GLY B 56 11.67 18.09 48.91
CA GLY B 56 12.34 16.81 49.06
C GLY B 56 12.70 16.16 47.74
N ILE B 57 11.87 16.34 46.71
CA ILE B 57 12.18 15.79 45.39
C ILE B 57 12.93 16.77 44.51
N GLU B 58 13.10 18.02 44.96
CA GLU B 58 13.80 19.09 44.23
C GLU B 58 13.11 19.27 42.86
N ILE B 59 13.85 19.69 41.83
CA ILE B 59 13.25 19.93 40.52
C ILE B 59 13.53 18.76 39.59
N GLN B 60 14.70 18.11 39.74
CA GLN B 60 15.16 17.09 38.80
C GLN B 60 15.15 17.60 37.37
N HIS B 61 14.19 17.15 36.57
CA HIS B 61 14.04 17.58 35.18
C HIS B 61 12.58 17.97 34.96
N VAL B 62 12.22 19.16 35.42
CA VAL B 62 10.90 19.72 35.21
C VAL B 62 10.82 20.32 33.80
N GLU B 63 9.63 20.27 33.21
CA GLU B 63 9.39 20.79 31.87
C GLU B 63 8.16 21.69 31.89
N ILE B 64 8.33 22.94 31.47
CA ILE B 64 7.24 23.88 31.32
C ILE B 64 6.97 24.05 29.82
N TYR B 65 5.88 23.46 29.35
CA TYR B 65 5.55 23.53 27.92
C TYR B 65 4.99 24.90 27.55
N SER B 66 4.10 25.44 28.38
CA SER B 66 3.52 26.76 28.15
C SER B 66 2.97 27.28 29.47
N LEU B 67 3.01 28.61 29.63
CA LEU B 67 2.60 29.26 30.86
C LEU B 67 1.85 30.55 30.52
N GLU B 68 0.64 30.39 30.00
CA GLU B 68 -0.31 31.49 29.85
C GLU B 68 -1.28 31.45 31.03
N GLN B 69 -1.80 32.63 31.40
CA GLN B 69 -2.75 32.67 32.50
C GLN B 69 -4.00 31.86 32.21
N GLY B 70 -4.31 31.63 30.94
CA GLY B 70 -5.41 30.76 30.58
C GLY B 70 -4.98 29.32 30.39
N ASN B 71 -3.84 29.11 29.74
CA ASN B 71 -3.34 27.80 29.40
C ASN B 71 -2.04 27.52 30.17
N ILE B 72 -2.17 26.89 31.33
CA ILE B 72 -1.03 26.44 32.12
C ILE B 72 -0.84 24.95 31.87
N ASP B 73 0.34 24.56 31.41
CA ASP B 73 0.62 23.16 31.11
C ASP B 73 2.08 22.88 31.43
N ILE B 74 2.32 22.12 32.50
CA ILE B 74 3.66 21.71 32.90
C ILE B 74 3.62 20.23 33.28
N GLU B 75 4.75 19.56 33.12
CA GLU B 75 4.90 18.16 33.47
C GLU B 75 6.06 17.99 34.44
N MET B 76 5.91 17.08 35.40
CA MET B 76 6.96 16.79 36.37
C MET B 76 7.09 15.29 36.53
N THR B 77 8.16 14.89 37.20
CA THR B 77 8.42 13.49 37.54
C THR B 77 8.89 13.43 38.99
N ILE B 78 8.24 12.59 39.79
CA ILE B 78 8.52 12.54 41.23
C ILE B 78 8.74 11.10 41.67
N PRO B 79 9.56 10.86 42.69
CA PRO B 79 9.65 9.50 43.27
C PRO B 79 8.34 9.13 43.95
N PHE B 80 7.74 8.03 43.52
CA PHE B 80 6.45 7.63 44.06
C PHE B 80 6.58 7.25 45.54
N SER B 81 5.71 7.84 46.36
CA SER B 81 5.63 7.48 47.77
C SER B 81 4.22 7.09 48.22
N GLY B 82 3.18 7.56 47.54
CA GLY B 82 1.82 7.15 47.83
C GLY B 82 1.10 7.94 48.90
N HIS B 83 1.77 8.93 49.52
CA HIS B 83 1.12 9.72 50.56
C HIS B 83 0.12 10.71 49.98
N GLY B 84 0.36 11.21 48.77
CA GLY B 84 -0.45 12.27 48.21
C GLY B 84 0.41 13.45 47.80
N GLU B 85 1.47 13.16 47.04
CA GLU B 85 2.44 14.19 46.68
C GLU B 85 1.87 15.18 45.67
N SER B 86 1.19 14.68 44.63
CA SER B 86 0.70 15.55 43.56
C SER B 86 -0.31 16.56 44.09
N GLU B 87 -1.15 16.14 45.05
CA GLU B 87 -2.13 17.06 45.62
C GLU B 87 -1.52 17.98 46.67
N LYS B 88 -0.37 17.61 47.24
CA LYS B 88 0.32 18.49 48.18
C LYS B 88 1.26 19.48 47.50
N ILE B 89 1.62 19.23 46.23
CA ILE B 89 2.40 20.20 45.47
C ILE B 89 1.53 21.22 44.76
N ILE B 90 0.20 21.05 44.80
CA ILE B 90 -0.68 21.95 44.08
C ILE B 90 -1.13 23.13 44.94
N ALA B 91 -1.18 22.97 46.26
CA ALA B 91 -1.51 24.09 47.13
C ALA B 91 -0.51 25.24 46.99
N PRO B 92 0.80 25.03 46.92
CA PRO B 92 1.68 26.14 46.53
C PRO B 92 1.60 26.44 45.04
N MET B 93 1.31 25.44 44.21
CA MET B 93 1.26 25.66 42.77
C MET B 93 0.14 26.61 42.37
N LEU B 94 -0.97 26.62 43.12
CA LEU B 94 -2.02 27.58 42.83
C LEU B 94 -1.66 28.97 43.35
N SER B 95 -0.91 29.05 44.44
CA SER B 95 -0.61 30.35 45.05
C SER B 95 0.58 31.02 44.37
N ASP B 96 1.59 30.26 43.96
CA ASP B 96 2.77 30.87 43.36
C ASP B 96 2.48 31.43 41.98
N ILE B 97 1.68 30.70 41.18
CA ILE B 97 1.21 31.25 39.91
C ILE B 97 0.23 32.39 40.16
N LEU B 98 -0.53 32.31 41.28
CA LEU B 98 -1.40 33.37 41.76
C LEU B 98 -2.60 33.56 40.86
N GLU B 99 -3.67 34.16 41.40
CA GLU B 99 -4.90 34.49 40.69
C GLU B 99 -5.60 33.28 40.09
N GLU B 100 -5.19 32.07 40.44
CA GLU B 100 -5.71 30.89 39.76
C GLU B 100 -5.45 29.64 40.59
N GLN B 101 -6.07 28.55 40.18
CA GLN B 101 -5.90 27.24 40.79
C GLN B 101 -5.35 26.27 39.76
N ILE B 102 -4.70 25.22 40.24
CA ILE B 102 -4.10 24.19 39.39
C ILE B 102 -4.63 22.83 39.83
N LEU B 103 -4.90 21.96 38.86
CA LEU B 103 -5.32 20.59 39.10
C LEU B 103 -4.23 19.63 38.63
N VAL B 104 -4.40 18.35 38.99
CA VAL B 104 -3.39 17.34 38.76
C VAL B 104 -3.89 16.32 37.74
N LYS B 105 -2.94 15.58 37.15
CA LYS B 105 -3.20 14.44 36.27
C LYS B 105 -2.06 13.43 36.50
N ALA B 106 -1.99 12.88 37.71
CA ALA B 106 -0.88 12.03 38.12
C ALA B 106 -1.00 10.67 37.46
N GLU B 107 -0.14 10.39 36.49
CA GLU B 107 -0.13 9.14 35.75
C GLU B 107 1.20 8.43 35.98
N GLN B 108 1.16 7.27 36.59
CA GLN B 108 2.36 6.52 36.90
C GLN B 108 2.37 5.18 36.16
N HIS B 109 3.57 4.76 35.76
CA HIS B 109 3.77 3.57 34.95
C HIS B 109 4.33 2.40 35.74
N SER B 110 5.37 2.62 36.53
CA SER B 110 5.99 1.56 37.30
C SER B 110 5.36 1.44 38.69
N TYR B 116 8.77 5.92 38.77
CA TYR B 116 8.05 6.46 37.63
C TYR B 116 6.65 6.95 38.03
N SER B 117 6.57 8.23 38.41
CA SER B 117 5.31 8.87 38.79
C SER B 117 5.21 10.19 38.02
N HIS B 118 4.74 10.10 36.78
CA HIS B 118 4.60 11.28 35.93
C HIS B 118 3.34 12.04 36.29
N VAL B 119 3.43 13.37 36.31
CA VAL B 119 2.30 14.22 36.64
C VAL B 119 2.24 15.35 35.61
N ALA B 120 1.02 15.72 35.22
CA ALA B 120 0.77 16.85 34.35
C ALA B 120 -0.26 17.75 35.00
N PHE B 121 -0.02 19.05 34.96
CA PHE B 121 -0.86 20.03 35.64
C PHE B 121 -1.45 21.00 34.62
N GLY B 122 -2.76 21.26 34.74
CA GLY B 122 -3.43 22.16 33.83
C GLY B 122 -4.35 23.09 34.60
N SER B 123 -4.70 24.19 33.94
CA SER B 123 -5.65 25.14 34.50
C SER B 123 -7.03 24.50 34.61
N THR B 124 -7.91 25.16 35.35
CA THR B 124 -9.29 24.73 35.51
C THR B 124 -10.22 25.77 34.91
N LYS B 125 -11.16 25.31 34.09
CA LYS B 125 -12.16 26.18 33.48
C LYS B 125 -13.54 25.81 33.99
N SER B 126 -14.35 26.82 34.25
CA SER B 126 -15.74 26.65 34.62
C SER B 126 -16.63 27.31 33.58
N TYR B 127 -17.92 26.98 33.65
CA TYR B 127 -18.92 27.56 32.75
C TYR B 127 -18.66 27.21 31.30
N ARG B 128 -19.19 26.09 30.84
CA ARG B 128 -19.09 25.70 29.43
C ARG B 128 -20.00 26.58 28.58
N VAL B 129 -19.62 26.76 27.31
CA VAL B 129 -20.33 27.60 26.37
C VAL B 129 -20.95 26.73 25.28
N SER B 130 -22.15 27.11 24.84
CA SER B 130 -22.85 26.46 23.73
C SER B 130 -23.18 27.50 22.68
N THR B 131 -23.10 27.11 21.41
CA THR B 131 -23.17 28.06 20.30
C THR B 131 -24.25 27.66 19.30
N GLY B 132 -24.45 28.54 18.33
CA GLY B 132 -25.44 28.39 17.28
C GLY B 132 -25.67 29.73 16.61
N ALA B 133 -25.86 29.74 15.29
CA ALA B 133 -26.00 31.00 14.57
C ALA B 133 -26.78 30.76 13.29
N ALA B 134 -27.31 31.86 12.74
CA ALA B 134 -28.08 31.83 11.51
C ALA B 134 -27.52 32.86 10.54
N HIS B 135 -27.35 32.46 9.28
CA HIS B 135 -26.75 33.30 8.26
C HIS B 135 -27.74 33.46 7.11
N ALA B 136 -27.80 34.67 6.55
CA ALA B 136 -28.75 34.95 5.48
C ALA B 136 -28.25 36.11 4.63
N ALA B 137 -28.56 36.06 3.35
CA ALA B 137 -28.22 37.09 2.39
C ALA B 137 -29.46 37.88 1.98
N LYS B 138 -29.22 39.06 1.41
CA LYS B 138 -30.33 39.94 1.00
C LYS B 138 -31.23 39.25 -0.02
N GLY B 139 -30.68 38.90 -1.18
CA GLY B 139 -31.46 38.24 -2.20
C GLY B 139 -31.53 36.74 -2.02
N GLY B 140 -31.23 36.26 -0.82
CA GLY B 140 -31.18 34.83 -0.58
C GLY B 140 -30.09 34.14 -1.39
N GLY B 141 -29.00 34.84 -1.66
CA GLY B 141 -27.97 34.33 -2.54
C GLY B 141 -26.76 33.80 -1.80
N LEU B 142 -25.87 33.17 -2.57
CA LEU B 142 -24.73 32.44 -2.00
C LEU B 142 -23.89 33.32 -1.08
N VAL B 143 -23.60 34.54 -1.49
CA VAL B 143 -22.67 35.42 -0.78
C VAL B 143 -23.45 36.52 -0.10
N SER B 144 -23.24 36.68 1.21
CA SER B 144 -23.92 37.68 2.01
C SER B 144 -22.93 38.72 2.53
N GLY B 145 -23.43 39.93 2.75
CA GLY B 145 -22.57 41.02 3.17
C GLY B 145 -22.11 40.95 4.61
N ASP B 146 -22.69 40.07 5.42
CA ASP B 146 -22.30 39.91 6.81
C ASP B 146 -21.57 38.59 7.00
N SER B 147 -20.49 38.62 7.78
CA SER B 147 -19.73 37.43 8.12
C SER B 147 -19.42 37.45 9.61
N TYR B 148 -19.40 36.25 10.20
CA TYR B 148 -19.19 36.11 11.63
C TYR B 148 -18.19 34.99 11.88
N SER B 149 -17.67 34.97 13.12
CA SER B 149 -16.81 33.89 13.56
C SER B 149 -16.86 33.81 15.08
N MET B 150 -16.72 32.59 15.60
CA MET B 150 -16.75 32.36 17.04
C MET B 150 -15.89 31.14 17.35
N MET B 151 -14.74 31.37 17.98
CA MET B 151 -13.81 30.31 18.32
C MET B 151 -13.41 30.45 19.78
N GLU B 152 -12.86 29.36 20.33
CA GLU B 152 -12.42 29.33 21.72
C GLU B 152 -10.91 29.56 21.76
N LEU B 153 -10.46 30.42 22.67
CA LEU B 153 -9.05 30.73 22.80
C LEU B 153 -8.52 30.03 24.06
N GLY B 154 -8.27 28.73 23.92
CA GLY B 154 -7.74 27.92 25.01
C GLY B 154 -8.75 27.57 26.07
N ALA B 155 -8.49 27.99 27.31
CA ALA B 155 -9.37 27.66 28.44
C ALA B 155 -10.12 28.86 28.99
N ARG B 156 -9.67 30.08 28.73
CA ARG B 156 -10.16 31.21 29.52
C ARG B 156 -11.44 31.81 28.93
N LYS B 157 -11.46 32.08 27.62
CA LYS B 157 -12.50 32.92 27.06
C LYS B 157 -13.02 32.33 25.75
N TYR B 158 -14.26 32.70 25.42
CA TYR B 158 -14.90 32.35 24.17
C TYR B 158 -15.28 33.64 23.45
N ALA B 159 -14.95 33.73 22.16
CA ALA B 159 -15.14 34.94 21.39
C ALA B 159 -16.24 34.76 20.35
N ALA B 160 -16.90 35.86 20.01
CA ALA B 160 -17.94 35.88 18.98
C ALA B 160 -17.97 37.26 18.36
N ALA B 161 -17.81 37.33 17.04
CA ALA B 161 -17.68 38.59 16.33
C ALA B 161 -18.66 38.68 15.17
N ILE B 162 -19.12 39.90 14.89
CA ILE B 162 -20.04 40.20 13.80
C ILE B 162 -19.62 41.50 13.15
N SER B 163 -19.41 41.48 11.83
CA SER B 163 -18.97 42.65 11.10
C SER B 163 -19.92 42.95 9.94
N ASP B 164 -20.05 44.24 9.62
CA ASP B 164 -20.92 44.69 8.54
C ASP B 164 -20.11 45.31 7.40
N GLY B 165 -20.23 46.62 7.20
CA GLY B 165 -19.50 47.31 6.15
C GLY B 165 -20.45 48.05 5.21
N MET B 166 -20.19 47.92 3.91
CA MET B 166 -21.00 48.64 2.92
C MET B 166 -22.44 48.18 2.92
N GLY B 167 -22.70 46.93 3.28
CA GLY B 167 -24.03 46.37 3.23
C GLY B 167 -24.39 45.71 1.92
N ASN B 168 -23.61 45.94 0.87
CA ASN B 168 -23.85 45.30 -0.41
C ASN B 168 -23.58 43.80 -0.33
N GLY B 169 -24.17 43.05 -1.25
CA GLY B 169 -23.91 41.63 -1.30
C GLY B 169 -22.56 41.26 -1.92
N ALA B 170 -21.89 42.23 -2.55
CA ALA B 170 -20.63 41.99 -3.23
C ALA B 170 -19.45 42.59 -2.50
N ARG B 171 -19.49 43.89 -2.21
CA ARG B 171 -18.37 44.53 -1.51
C ARG B 171 -18.28 44.07 -0.07
N ALA B 172 -19.43 44.01 0.62
CA ALA B 172 -19.42 43.90 2.07
C ALA B 172 -18.91 42.55 2.56
N HIS B 173 -19.09 41.48 1.80
CA HIS B 173 -18.61 40.18 2.25
C HIS B 173 -17.10 40.17 2.37
N PHE B 174 -16.40 40.67 1.34
CA PHE B 174 -14.95 40.64 1.35
C PHE B 174 -14.37 41.55 2.41
N GLU B 175 -14.94 42.74 2.57
CA GLU B 175 -14.43 43.66 3.58
C GLU B 175 -14.78 43.20 4.99
N SER B 176 -15.91 42.51 5.16
CA SER B 176 -16.28 41.99 6.48
C SER B 176 -15.50 40.74 6.83
N ASN B 177 -15.40 39.79 5.89
CA ASN B 177 -14.72 38.55 6.18
C ASN B 177 -13.24 38.75 6.49
N GLU B 178 -12.62 39.77 5.87
CA GLU B 178 -11.21 40.02 6.13
C GLU B 178 -10.98 40.66 7.49
N THR B 179 -11.88 41.56 7.91
CA THR B 179 -11.75 42.15 9.23
C THR B 179 -11.79 41.09 10.32
N ILE B 180 -12.70 40.13 10.21
CA ILE B 180 -12.78 39.07 11.21
C ILE B 180 -11.55 38.18 11.13
N LYS B 181 -11.07 37.91 9.91
CA LYS B 181 -9.85 37.11 9.76
C LYS B 181 -8.65 37.84 10.32
N LEU B 182 -8.59 39.17 10.15
CA LEU B 182 -7.50 39.93 10.75
C LEU B 182 -7.67 40.04 12.26
N LEU B 183 -8.91 40.15 12.73
CA LEU B 183 -9.16 40.21 14.16
C LEU B 183 -9.01 38.84 14.82
N GLU B 184 -9.28 37.76 14.06
CA GLU B 184 -9.16 36.42 14.61
C GLU B 184 -7.71 36.06 14.95
N LYS B 185 -6.74 36.83 14.45
CA LYS B 185 -5.34 36.62 14.78
C LYS B 185 -4.84 37.56 15.87
N ILE B 186 -5.39 38.77 15.97
CA ILE B 186 -4.97 39.69 17.03
C ILE B 186 -5.59 39.28 18.36
N LEU B 187 -6.85 38.80 18.34
CA LEU B 187 -7.44 38.26 19.55
C LEU B 187 -6.80 36.93 19.93
N GLU B 188 -6.26 36.20 18.95
CA GLU B 188 -5.63 34.91 19.25
C GLU B 188 -4.36 35.08 20.05
N SER B 189 -3.70 36.24 19.95
CA SER B 189 -2.46 36.48 20.69
C SER B 189 -2.68 36.51 22.20
N GLY B 190 -3.90 36.77 22.65
CA GLY B 190 -4.18 36.92 24.07
C GLY B 190 -3.93 38.30 24.62
N ILE B 191 -3.78 39.30 23.76
CA ILE B 191 -3.49 40.67 24.18
C ILE B 191 -4.75 41.28 24.77
N ASP B 192 -4.60 42.42 25.46
CA ASP B 192 -5.72 43.09 26.09
C ASP B 192 -6.83 43.36 25.07
N GLU B 193 -8.08 43.13 25.49
CA GLU B 193 -9.20 43.23 24.58
C GLU B 193 -9.41 44.67 24.09
N LYS B 194 -9.27 45.64 24.99
CA LYS B 194 -9.41 47.04 24.59
C LYS B 194 -8.32 47.44 23.60
N ILE B 195 -7.10 46.94 23.79
CA ILE B 195 -5.99 47.32 22.92
C ILE B 195 -6.02 46.54 21.62
N ALA B 196 -6.55 45.31 21.64
CA ALA B 196 -6.64 44.53 20.40
C ALA B 196 -7.55 45.20 19.38
N ILE B 197 -8.49 46.03 19.84
CA ILE B 197 -9.38 46.73 18.92
C ILE B 197 -8.72 47.98 18.38
N LYS B 198 -7.95 48.70 19.21
CA LYS B 198 -7.21 49.86 18.73
C LYS B 198 -6.20 49.47 17.66
N THR B 199 -5.74 48.21 17.66
CA THR B 199 -4.87 47.74 16.60
C THR B 199 -5.67 47.50 15.32
N ILE B 200 -6.85 46.88 15.43
CA ILE B 200 -7.72 46.70 14.27
C ILE B 200 -8.25 48.05 13.80
N ASN B 201 -8.64 48.92 14.75
CA ASN B 201 -9.16 50.22 14.38
C ASN B 201 -8.13 51.06 13.64
N SER B 202 -6.84 50.88 13.97
CA SER B 202 -5.81 51.69 13.33
C SER B 202 -5.42 51.14 11.96
N ILE B 203 -5.30 49.82 11.83
CA ILE B 203 -4.86 49.22 10.57
C ILE B 203 -5.89 49.46 9.47
N LEU B 204 -7.18 49.46 9.81
CA LEU B 204 -8.23 49.58 8.81
C LEU B 204 -8.53 51.02 8.40
N SER B 205 -7.80 51.99 8.93
CA SER B 205 -7.99 53.38 8.54
C SER B 205 -7.47 53.61 7.12
N LEU B 206 -8.37 53.88 6.19
CA LEU B 206 -8.02 54.06 4.79
C LEU B 206 -8.92 55.12 4.16
N ARG B 207 -8.30 56.09 3.48
CA ARG B 207 -8.91 57.11 2.64
C ARG B 207 -9.51 58.27 3.44
N THR B 208 -9.65 58.15 4.76
CA THR B 208 -10.21 59.21 5.61
C THR B 208 -11.62 59.61 5.14
N THR B 209 -12.46 58.60 4.91
CA THR B 209 -13.85 58.80 4.59
C THR B 209 -14.68 58.64 5.86
N ASP B 210 -16.00 58.76 5.73
CA ASP B 210 -16.92 58.55 6.83
C ASP B 210 -17.55 57.17 6.70
N GLU B 211 -17.58 56.43 7.81
CA GLU B 211 -18.08 55.05 7.82
C GLU B 211 -17.37 54.20 6.78
N ILE B 212 -16.04 54.22 6.84
CA ILE B 212 -15.21 53.61 5.80
C ILE B 212 -15.40 52.10 5.78
N TYR B 213 -14.96 51.43 6.84
CA TYR B 213 -14.78 49.99 6.79
C TYR B 213 -15.84 49.27 7.63
N SER B 214 -15.56 48.01 7.97
CA SER B 214 -16.55 47.15 8.59
C SER B 214 -16.81 47.55 10.03
N THR B 215 -18.05 47.88 10.35
CA THR B 215 -18.47 47.99 11.73
C THR B 215 -18.38 46.62 12.40
N LEU B 216 -18.11 46.61 13.70
CA LEU B 216 -17.88 45.38 14.42
C LEU B 216 -18.56 45.42 15.79
N ASP B 217 -18.85 44.24 16.32
CA ASP B 217 -19.45 44.07 17.64
C ASP B 217 -18.82 42.83 18.25
N LEU B 218 -17.92 43.04 19.20
CA LEU B 218 -17.16 41.94 19.80
C LEU B 218 -17.64 41.68 21.22
N SER B 219 -17.93 40.42 21.52
CA SER B 219 -18.33 39.99 22.86
C SER B 219 -17.45 38.82 23.28
N ILE B 220 -16.73 39.00 24.38
CA ILE B 220 -15.80 37.98 24.88
C ILE B 220 -16.29 37.55 26.25
N ILE B 221 -16.55 36.25 26.41
CA ILE B 221 -17.13 35.70 27.62
C ILE B 221 -16.03 35.06 28.44
N ASP B 222 -15.71 35.65 29.59
CA ASP B 222 -14.76 35.06 30.52
C ASP B 222 -15.39 33.85 31.19
N LEU B 223 -14.72 32.70 31.12
CA LEU B 223 -15.29 31.46 31.63
C LEU B 223 -15.08 31.26 33.12
N GLN B 224 -13.89 31.60 33.64
CA GLN B 224 -13.54 31.20 35.00
C GLN B 224 -14.44 31.83 36.04
N ASP B 225 -14.91 33.07 35.82
CA ASP B 225 -15.81 33.71 36.77
C ASP B 225 -17.02 34.33 36.08
N ALA B 226 -17.34 33.90 34.87
CA ALA B 226 -18.59 34.25 34.18
C ALA B 226 -18.76 35.75 33.98
N SER B 227 -17.66 36.48 33.80
CA SER B 227 -17.74 37.88 33.46
C SER B 227 -17.72 38.04 31.94
N CYS B 228 -18.24 39.17 31.47
CA CYS B 228 -18.35 39.43 30.04
C CYS B 228 -17.77 40.80 29.72
N LYS B 229 -17.14 40.89 28.55
CA LYS B 229 -16.54 42.12 28.05
C LYS B 229 -17.24 42.50 26.74
N PHE B 230 -18.14 43.48 26.82
CA PHE B 230 -18.89 43.93 25.65
C PHE B 230 -18.10 45.03 24.94
N LEU B 231 -17.60 44.72 23.75
CA LEU B 231 -16.85 45.66 22.93
C LEU B 231 -17.65 45.95 21.67
N LYS B 232 -18.10 47.19 21.52
CA LYS B 232 -18.89 47.61 20.37
C LYS B 232 -18.17 48.76 19.67
N VAL B 233 -17.75 48.53 18.44
CA VAL B 233 -17.20 49.58 17.58
C VAL B 233 -18.08 49.84 16.37
N GLY B 234 -19.25 49.22 16.31
CA GLY B 234 -20.14 49.44 15.18
C GLY B 234 -21.51 49.91 15.61
N SER B 235 -21.65 50.25 16.89
CA SER B 235 -22.90 50.76 17.47
C SER B 235 -24.06 49.80 17.27
N THR B 236 -23.77 48.50 17.25
CA THR B 236 -24.81 47.49 17.11
C THR B 236 -25.25 47.02 18.48
N PRO B 237 -26.54 47.12 18.83
CA PRO B 237 -26.98 46.74 20.17
C PRO B 237 -26.99 45.22 20.34
N SER B 238 -26.81 44.79 21.58
CA SER B 238 -26.86 43.38 21.94
C SER B 238 -27.78 43.20 23.14
N PHE B 239 -28.19 41.95 23.38
CA PHE B 239 -29.17 41.66 24.40
C PHE B 239 -28.75 40.44 25.19
N ILE B 240 -29.29 40.32 26.40
CA ILE B 240 -29.08 39.17 27.27
C ILE B 240 -30.44 38.75 27.81
N LYS B 241 -30.75 37.46 27.69
CA LYS B 241 -32.01 36.91 28.17
C LYS B 241 -31.74 35.91 29.29
N ARG B 242 -32.33 36.13 30.45
CA ARG B 242 -32.32 35.19 31.57
C ARG B 242 -33.75 35.02 32.05
N GLY B 243 -34.36 33.90 31.72
CA GLY B 243 -35.76 33.68 32.06
C GLY B 243 -36.69 34.60 31.30
N ASP B 244 -37.04 35.73 31.92
CA ASP B 244 -37.93 36.71 31.29
C ASP B 244 -37.31 38.10 31.16
N GLN B 245 -36.11 38.30 31.68
CA GLN B 245 -35.45 39.60 31.63
C GLN B 245 -34.71 39.79 30.31
N VAL B 246 -34.72 41.02 29.82
CA VAL B 246 -34.02 41.39 28.59
C VAL B 246 -33.23 42.66 28.89
N MET B 247 -31.92 42.53 29.04
CA MET B 247 -31.03 43.66 29.27
C MET B 247 -30.31 44.03 27.98
N LYS B 248 -30.33 45.31 27.65
CA LYS B 248 -29.69 45.81 26.44
C LYS B 248 -28.37 46.50 26.78
N VAL B 249 -27.34 46.21 26.00
CA VAL B 249 -26.05 46.88 26.09
C VAL B 249 -25.86 47.71 24.82
N GLN B 250 -25.38 48.94 24.99
CA GLN B 250 -25.20 49.82 23.85
C GLN B 250 -24.04 50.77 24.14
N ALA B 251 -23.48 51.31 23.06
CA ALA B 251 -22.41 52.30 23.14
C ALA B 251 -22.59 53.31 22.02
N SER B 252 -22.03 54.50 22.21
CA SER B 252 -22.23 55.62 21.30
C SER B 252 -21.05 55.85 20.37
N ASN B 253 -20.15 54.89 20.24
CA ASN B 253 -18.99 55.08 19.39
C ASN B 253 -19.31 54.74 17.93
N LEU B 254 -18.46 55.22 17.04
CA LEU B 254 -18.68 55.24 15.60
C LEU B 254 -17.91 54.11 14.93
N PRO B 255 -18.20 53.82 13.65
CA PRO B 255 -17.66 52.61 13.02
C PRO B 255 -16.14 52.59 12.94
N ILE B 256 -15.63 51.44 12.49
CA ILE B 256 -14.20 51.20 12.40
C ILE B 256 -13.59 52.09 11.32
N GLY B 257 -12.39 52.60 11.59
CA GLY B 257 -11.69 53.49 10.69
C GLY B 257 -10.85 54.45 11.51
N ILE B 258 -11.04 55.75 11.28
CA ILE B 258 -10.48 56.75 12.18
C ILE B 258 -11.56 57.81 12.35
N ILE B 259 -12.81 57.36 12.54
CA ILE B 259 -13.94 58.27 12.61
C ILE B 259 -14.02 58.94 13.97
N ASN B 260 -13.46 58.31 15.01
CA ASN B 260 -13.51 58.84 16.36
C ASN B 260 -12.09 59.04 16.90
N GLU B 261 -11.97 59.98 17.83
CA GLU B 261 -10.77 60.15 18.62
C GLU B 261 -10.97 59.55 20.00
N PHE B 262 -9.85 59.34 20.70
CA PHE B 262 -9.85 58.75 22.04
C PHE B 262 -10.47 57.35 22.03
N ASP B 263 -10.24 56.62 20.93
CA ASP B 263 -10.53 55.19 20.76
C ASP B 263 -11.91 54.75 21.27
N VAL B 264 -11.97 53.54 21.81
CA VAL B 264 -13.23 52.86 22.12
C VAL B 264 -13.31 52.61 23.62
N GLU B 265 -14.49 52.80 24.19
CA GLU B 265 -14.75 52.50 25.59
C GLU B 265 -15.24 51.06 25.74
N VAL B 266 -14.87 50.44 26.85
CA VAL B 266 -15.23 49.05 27.13
C VAL B 266 -16.42 49.02 28.08
N VAL B 267 -17.24 47.98 27.94
CA VAL B 267 -18.41 47.76 28.79
C VAL B 267 -18.31 46.36 29.38
N SER B 268 -18.54 46.26 30.69
CA SER B 268 -18.49 45.00 31.41
C SER B 268 -19.86 44.67 31.99
N GLU B 269 -20.22 43.39 31.97
CA GLU B 269 -21.46 42.92 32.56
C GLU B 269 -21.18 41.61 33.29
N GLN B 270 -22.04 41.30 34.26
CA GLN B 270 -21.91 40.10 35.06
C GLN B 270 -23.09 39.18 34.76
N LEU B 271 -22.79 37.96 34.33
CA LEU B 271 -23.79 36.96 34.00
C LEU B 271 -23.53 35.68 34.77
N LYS B 272 -24.54 34.81 34.82
CA LYS B 272 -24.43 33.54 35.54
C LYS B 272 -24.79 32.39 34.61
N ALA B 273 -24.95 31.20 35.18
CA ALA B 273 -25.24 30.01 34.37
C ALA B 273 -26.66 30.08 33.81
N GLY B 274 -26.83 29.49 32.64
CA GLY B 274 -28.11 29.44 31.97
C GLY B 274 -28.48 30.69 31.19
N ASP B 275 -27.64 31.72 31.21
CA ASP B 275 -27.94 32.95 30.49
C ASP B 275 -27.74 32.75 28.99
N LEU B 276 -28.41 33.60 28.21
CA LEU B 276 -28.39 33.52 26.75
C LEU B 276 -27.93 34.87 26.21
N LEU B 277 -26.73 34.91 25.64
CA LEU B 277 -26.21 36.11 25.00
C LEU B 277 -26.44 35.98 23.50
N ILE B 278 -27.35 36.77 22.98
CA ILE B 278 -27.63 36.81 21.55
C ILE B 278 -26.99 38.07 20.96
N MET B 279 -26.48 37.94 19.74
CA MET B 279 -25.89 39.06 19.02
C MET B 279 -26.43 39.07 17.61
N MET B 280 -26.58 40.26 17.05
CA MET B 280 -27.07 40.40 15.69
C MET B 280 -26.38 41.59 15.03
N SER B 281 -26.60 41.72 13.72
CA SER B 281 -26.13 42.87 12.97
C SER B 281 -27.23 43.92 12.91
N ASP B 282 -26.98 44.99 12.16
CA ASP B 282 -28.01 46.00 11.96
C ASP B 282 -29.15 45.47 11.09
N GLY B 283 -28.94 44.37 10.37
CA GLY B 283 -29.99 43.81 9.55
C GLY B 283 -31.08 43.09 10.31
N ILE B 284 -30.81 42.68 11.54
CA ILE B 284 -31.79 41.98 12.37
C ILE B 284 -32.47 42.92 13.35
N PHE B 285 -31.71 43.78 14.02
CA PHE B 285 -32.30 44.72 14.96
C PHE B 285 -33.25 45.69 14.26
N GLU B 286 -32.84 46.20 13.10
CA GLU B 286 -33.68 47.04 12.26
C GLU B 286 -34.38 46.25 11.18
N GLY B 287 -34.59 44.96 11.42
CA GLY B 287 -35.19 44.06 10.45
C GLY B 287 -36.64 44.38 10.12
N PRO B 288 -37.52 44.30 11.12
CA PRO B 288 -38.94 44.60 10.86
C PRO B 288 -39.13 46.03 10.40
N LYS B 289 -39.63 46.18 9.17
CA LYS B 289 -39.76 47.51 8.59
C LYS B 289 -40.99 48.25 9.10
N HIS B 290 -42.02 47.52 9.55
CA HIS B 290 -43.23 48.12 10.08
C HIS B 290 -43.18 48.23 11.60
N VAL B 291 -42.10 48.81 12.14
CA VAL B 291 -41.92 48.95 13.59
C VAL B 291 -41.25 50.27 13.89
N GLU B 292 -41.77 51.00 14.88
CA GLU B 292 -41.16 52.24 15.33
C GLU B 292 -40.13 51.99 16.43
N ASN B 293 -40.57 51.44 17.56
CA ASN B 293 -39.69 51.16 18.69
C ASN B 293 -39.06 49.79 18.47
N HIS B 294 -37.79 49.78 18.05
CA HIS B 294 -37.10 48.52 17.80
C HIS B 294 -36.72 47.79 19.08
N ASP B 295 -36.66 48.50 20.21
CA ASP B 295 -36.29 47.85 21.46
C ASP B 295 -37.46 47.08 22.07
N LEU B 296 -38.63 47.72 22.14
CA LEU B 296 -39.81 47.03 22.67
C LEU B 296 -40.19 45.85 21.80
N TRP B 297 -40.03 45.99 20.48
CA TRP B 297 -40.31 44.86 19.58
C TRP B 297 -39.30 43.75 19.78
N MET B 298 -38.03 44.10 20.02
CA MET B 298 -37.00 43.09 20.21
C MET B 298 -37.07 42.45 21.59
N LYS B 299 -37.57 43.18 22.59
CA LYS B 299 -37.73 42.59 23.91
C LYS B 299 -38.89 41.61 23.94
N ARG B 300 -40.02 41.97 23.34
CA ARG B 300 -41.19 41.10 23.35
C ARG B 300 -40.98 39.85 22.49
N LYS B 301 -40.15 39.95 21.45
CA LYS B 301 -39.95 38.79 20.57
C LYS B 301 -39.15 37.70 21.25
N MET B 302 -38.20 38.05 22.12
CA MET B 302 -37.42 37.03 22.81
C MET B 302 -38.18 36.41 23.98
N LYS B 303 -39.02 37.21 24.66
CA LYS B 303 -39.77 36.69 25.79
C LYS B 303 -40.75 35.60 25.36
N GLY B 304 -41.13 35.56 24.08
CA GLY B 304 -41.92 34.46 23.57
C GLY B 304 -41.13 33.20 23.29
N LEU B 305 -39.82 33.32 23.12
CA LEU B 305 -38.97 32.15 22.95
C LEU B 305 -38.86 31.39 24.26
N LYS B 306 -39.24 30.12 24.25
CA LYS B 306 -39.19 29.31 25.46
C LYS B 306 -38.23 28.13 25.27
N THR B 307 -36.95 28.42 25.08
CA THR B 307 -35.96 27.38 24.89
C THR B 307 -34.59 27.92 25.28
N ASN B 308 -33.67 26.98 25.57
CA ASN B 308 -32.31 27.31 25.95
C ASN B 308 -31.27 26.89 24.92
N ASP B 309 -31.68 26.20 23.86
CA ASP B 309 -30.74 25.77 22.82
C ASP B 309 -30.38 26.96 21.95
N PRO B 310 -29.10 27.39 21.94
CA PRO B 310 -28.73 28.58 21.18
C PRO B 310 -28.98 28.45 19.69
N GLN B 311 -28.92 27.24 19.14
CA GLN B 311 -29.18 27.04 17.72
C GLN B 311 -30.63 27.36 17.38
N GLU B 312 -31.58 26.84 18.17
CA GLU B 312 -32.98 27.12 17.90
C GLU B 312 -33.30 28.60 18.12
N ILE B 313 -32.65 29.23 19.10
CA ILE B 313 -32.91 30.63 19.39
C ILE B 313 -32.45 31.52 18.24
N ALA B 314 -31.33 31.18 17.60
CA ALA B 314 -30.82 32.01 16.52
C ALA B 314 -31.74 31.98 15.30
N ASP B 315 -32.39 30.85 15.03
CA ASP B 315 -33.25 30.75 13.86
C ASP B 315 -34.63 31.35 14.12
N LEU B 316 -35.18 31.15 15.32
CA LEU B 316 -36.53 31.63 15.60
C LEU B 316 -36.57 33.16 15.65
N LEU B 317 -35.45 33.81 15.98
CA LEU B 317 -35.39 35.26 15.88
C LEU B 317 -35.31 35.72 14.43
N MET B 318 -34.51 35.02 13.61
CA MET B 318 -34.36 35.42 12.22
C MET B 318 -35.65 35.18 11.43
N GLU B 319 -36.31 34.04 11.65
CA GLU B 319 -37.52 33.73 10.91
C GLU B 319 -38.69 34.63 11.29
N GLU B 320 -38.66 35.20 12.50
CA GLU B 320 -39.69 36.15 12.89
C GLU B 320 -39.51 37.49 12.19
N VAL B 321 -38.26 37.86 11.88
CA VAL B 321 -38.00 39.07 11.11
C VAL B 321 -38.49 38.89 9.68
N ILE B 322 -38.28 37.69 9.11
CA ILE B 322 -38.80 37.40 7.79
C ILE B 322 -40.33 37.40 7.79
N ARG B 323 -40.94 37.01 8.91
CA ARG B 323 -42.39 36.91 8.99
C ARG B 323 -43.05 38.29 8.91
N THR B 324 -42.43 39.31 9.50
CA THR B 324 -42.98 40.65 9.45
C THR B 324 -43.07 41.18 8.02
N ARG B 325 -42.26 40.63 7.11
CA ARG B 325 -42.34 40.93 5.69
C ARG B 325 -43.07 39.81 4.96
N SER B 326 -43.23 39.98 3.66
CA SER B 326 -43.80 38.93 2.81
C SER B 326 -42.73 37.94 2.37
N GLY B 327 -42.02 37.38 3.35
CA GLY B 327 -40.88 36.54 3.04
C GLY B 327 -39.69 37.26 2.49
N GLN B 328 -39.69 38.59 2.53
CA GLN B 328 -38.61 39.38 1.95
C GLN B 328 -37.43 39.47 2.90
N ILE B 329 -36.25 39.71 2.32
CA ILE B 329 -35.02 39.93 3.08
C ILE B 329 -34.39 41.20 2.50
N GLU B 330 -34.72 42.35 3.09
CA GLU B 330 -34.28 43.63 2.54
C GLU B 330 -32.86 43.99 2.91
N ASP B 331 -32.17 43.19 3.73
CA ASP B 331 -30.79 43.47 4.09
C ASP B 331 -30.16 42.18 4.60
N ASP B 332 -28.82 42.18 4.63
CA ASP B 332 -28.09 41.04 5.16
C ASP B 332 -28.40 40.85 6.63
N MET B 333 -28.65 39.60 7.02
CA MET B 333 -29.02 39.27 8.40
C MET B 333 -28.05 38.23 8.95
N THR B 334 -27.67 38.41 10.21
CA THR B 334 -26.78 37.49 10.90
C THR B 334 -27.03 37.61 12.39
N VAL B 335 -27.21 36.47 13.06
CA VAL B 335 -27.52 36.44 14.48
C VAL B 335 -26.73 35.30 15.12
N VAL B 336 -26.09 35.60 16.26
CA VAL B 336 -25.26 34.63 16.97
C VAL B 336 -25.74 34.56 18.42
N VAL B 337 -25.89 33.34 18.94
CA VAL B 337 -26.37 33.10 20.30
C VAL B 337 -25.36 32.22 21.03
N VAL B 338 -25.12 32.53 22.31
CA VAL B 338 -24.22 31.76 23.15
C VAL B 338 -24.85 31.56 24.52
N ARG B 339 -24.84 30.33 25.02
CA ARG B 339 -25.37 29.99 26.32
C ARG B 339 -24.23 29.65 27.28
N ILE B 340 -24.48 29.83 28.57
CA ILE B 340 -23.50 29.60 29.62
C ILE B 340 -24.00 28.44 30.48
N ASP B 341 -23.40 27.26 30.31
CA ASP B 341 -23.69 26.10 31.14
C ASP B 341 -22.54 25.86 32.10
N HIS B 342 -22.86 25.72 33.39
CA HIS B 342 -21.82 25.45 34.38
C HIS B 342 -21.19 24.08 34.15
N ASN B 343 -19.87 24.07 34.02
CA ASN B 343 -19.11 22.82 33.84
C ASN B 343 -18.69 22.34 35.22
N THR B 344 -19.37 21.30 35.71
CA THR B 344 -19.11 20.80 37.06
C THR B 344 -18.25 19.55 37.00
N PRO B 345 -17.19 19.45 37.82
CA PRO B 345 -16.31 18.28 37.87
C PRO B 345 -17.05 17.00 38.29
N ALA C 1 39.95 -49.93 -3.91
CA ALA C 1 40.60 -48.64 -4.11
C ALA C 1 42.12 -48.77 -4.12
N HIS C 2 42.81 -47.83 -3.48
CA HIS C 2 44.27 -47.82 -3.48
C HIS C 2 44.72 -47.84 -2.02
N LEU C 3 45.53 -46.88 -1.60
CA LEU C 3 45.91 -46.76 -0.20
C LEU C 3 44.72 -46.32 0.66
N THR C 4 44.95 -46.18 1.96
CA THR C 4 43.89 -45.78 2.88
C THR C 4 43.59 -44.29 2.84
N LEU C 5 44.21 -43.55 1.91
CA LEU C 5 44.02 -42.11 1.72
C LEU C 5 43.73 -41.37 3.02
N LYS C 6 44.74 -41.30 3.89
CA LYS C 6 44.61 -40.72 5.23
C LYS C 6 44.16 -39.27 5.18
N LYS C 7 45.05 -38.37 4.75
CA LYS C 7 44.70 -36.96 4.58
C LYS C 7 44.08 -36.78 3.19
N LYS C 8 42.87 -37.31 3.05
CA LYS C 8 42.09 -37.10 1.85
C LYS C 8 41.57 -35.67 1.76
N VAL C 9 41.49 -34.97 2.89
CA VAL C 9 40.97 -33.60 2.91
C VAL C 9 41.78 -32.71 1.98
N GLN C 10 43.08 -32.96 1.84
CA GLN C 10 43.87 -32.22 0.85
C GLN C 10 43.48 -32.60 -0.56
N ASP C 11 43.35 -33.91 -0.83
CA ASP C 11 42.93 -34.37 -2.15
C ASP C 11 41.47 -34.05 -2.43
N SER C 12 40.64 -33.98 -1.38
CA SER C 12 39.23 -33.66 -1.56
C SER C 12 38.98 -32.17 -1.76
N ARG C 13 39.90 -31.31 -1.31
CA ARG C 13 39.73 -29.88 -1.51
C ARG C 13 40.34 -29.39 -2.81
N ARG C 14 41.37 -30.07 -3.32
CA ARG C 14 41.87 -29.74 -4.64
C ARG C 14 40.86 -30.10 -5.73
N LEU C 15 40.02 -31.10 -5.48
CA LEU C 15 38.97 -31.44 -6.44
C LEU C 15 37.85 -30.41 -6.41
N VAL C 16 37.48 -29.95 -5.21
CA VAL C 16 36.47 -28.89 -5.11
C VAL C 16 36.99 -27.60 -5.76
N ALA C 17 38.30 -27.36 -5.67
CA ALA C 17 38.88 -26.19 -6.32
C ALA C 17 38.72 -26.27 -7.83
N GLU C 18 39.05 -27.43 -8.42
CA GLU C 18 38.92 -27.59 -9.86
C GLU C 18 37.48 -27.47 -10.32
N GLN C 19 36.52 -27.89 -9.50
CA GLN C 19 35.12 -27.67 -9.82
C GLN C 19 34.80 -26.17 -9.89
N LEU C 20 35.43 -25.39 -8.99
CA LEU C 20 35.21 -23.95 -8.98
C LEU C 20 35.98 -23.23 -10.07
N LEU C 21 37.06 -23.83 -10.57
CA LEU C 21 37.76 -23.26 -11.72
C LEU C 21 36.97 -23.52 -13.01
N GLY C 22 36.26 -24.63 -13.08
CA GLY C 22 35.47 -24.92 -14.27
C GLY C 22 34.38 -23.90 -14.50
N VAL C 23 33.63 -23.56 -13.46
CA VAL C 23 32.60 -22.53 -13.59
C VAL C 23 33.23 -21.17 -13.84
N SER C 24 34.40 -20.91 -13.24
CA SER C 24 35.13 -19.68 -13.53
C SER C 24 35.64 -19.65 -14.97
N GLU C 25 35.78 -20.82 -15.61
CA GLU C 25 36.22 -20.86 -16.99
C GLU C 25 35.12 -20.44 -17.94
N VAL C 26 33.90 -20.98 -17.76
CA VAL C 26 32.80 -20.61 -18.63
C VAL C 26 32.38 -19.17 -18.37
N MET C 27 32.64 -18.65 -17.17
CA MET C 27 32.28 -17.27 -16.87
C MET C 27 33.18 -16.29 -17.61
N ALA C 28 34.48 -16.60 -17.70
CA ALA C 28 35.37 -15.79 -18.52
C ALA C 28 35.08 -15.96 -20.01
N ASP C 29 34.69 -17.18 -20.42
CA ASP C 29 34.25 -17.38 -21.80
C ASP C 29 32.95 -16.68 -22.08
N PHE C 30 32.06 -16.58 -21.08
CA PHE C 30 30.83 -15.81 -21.25
C PHE C 30 31.14 -14.33 -21.44
N SER C 31 32.16 -13.82 -20.74
CA SER C 31 32.52 -12.42 -20.87
C SER C 31 33.11 -12.13 -22.24
N ARG C 32 33.90 -13.04 -22.78
CA ARG C 32 34.47 -12.83 -24.12
C ARG C 32 33.40 -12.97 -25.21
N GLU C 33 32.36 -13.77 -24.96
CA GLU C 33 31.32 -13.93 -25.96
C GLU C 33 30.44 -12.67 -26.05
N ILE C 34 30.11 -12.07 -24.91
CA ILE C 34 29.31 -10.84 -24.94
C ILE C 34 30.16 -9.67 -25.40
N LYS C 35 31.46 -9.66 -25.06
CA LYS C 35 32.34 -8.64 -25.59
C LYS C 35 32.48 -8.76 -27.11
N ARG C 36 32.41 -9.99 -27.63
CA ARG C 36 32.43 -10.18 -29.08
C ARG C 36 31.19 -9.55 -29.72
N GLU C 37 30.02 -9.70 -29.08
CA GLU C 37 28.82 -9.05 -29.60
C GLU C 37 28.86 -7.54 -29.35
N ARG C 38 29.52 -7.10 -28.29
CA ARG C 38 29.67 -5.66 -28.06
C ARG C 38 30.66 -5.05 -29.05
N GLU C 39 31.67 -5.81 -29.47
CA GLU C 39 32.54 -5.34 -30.54
C GLU C 39 31.84 -5.43 -31.89
N GLN C 40 30.94 -6.41 -32.06
CA GLN C 40 30.16 -6.49 -33.29
C GLN C 40 29.19 -5.32 -33.38
N HIS C 41 28.49 -5.01 -32.28
CA HIS C 41 27.56 -3.88 -32.29
C HIS C 41 28.31 -2.55 -32.46
N PHE C 42 29.55 -2.46 -31.97
CA PHE C 42 30.31 -1.23 -32.13
C PHE C 42 30.89 -1.11 -33.54
N LEU C 43 31.39 -2.22 -34.09
CA LEU C 43 31.91 -2.19 -35.46
C LEU C 43 30.80 -1.89 -36.46
N GLN C 44 29.60 -2.43 -36.23
CA GLN C 44 28.47 -2.11 -37.09
C GLN C 44 28.05 -0.66 -36.93
N GLU C 45 28.16 -0.10 -35.72
CA GLU C 45 27.78 1.29 -35.52
C GLU C 45 28.66 2.23 -36.33
N GLU C 46 29.97 1.99 -36.34
CA GLU C 46 30.87 2.78 -37.17
C GLU C 46 30.54 2.60 -38.64
N GLN C 47 30.17 1.37 -39.04
CA GLN C 47 29.76 1.12 -40.41
C GLN C 47 28.47 1.86 -40.76
N ILE C 48 27.65 2.17 -39.76
CA ILE C 48 26.39 2.85 -40.02
C ILE C 48 26.59 4.32 -40.30
N ILE C 49 27.47 4.99 -39.54
CA ILE C 49 27.54 6.44 -39.59
C ILE C 49 28.20 6.92 -40.88
N GLU C 50 29.12 6.15 -41.45
CA GLU C 50 29.70 6.54 -42.73
C GLU C 50 28.71 6.35 -43.86
N ALA C 51 27.90 5.28 -43.81
CA ALA C 51 26.89 5.06 -44.82
C ALA C 51 25.76 6.08 -44.71
N LEU C 52 25.44 6.52 -43.49
CA LEU C 52 24.42 7.55 -43.32
C LEU C 52 24.91 8.93 -43.74
N GLN C 53 26.22 9.17 -43.67
CA GLN C 53 26.75 10.47 -44.01
C GLN C 53 26.68 10.72 -45.52
N HIS C 54 27.08 9.73 -46.31
CA HIS C 54 27.05 9.87 -47.76
C HIS C 54 25.61 9.85 -48.27
N PHE C 55 24.89 10.96 -48.07
CA PHE C 55 23.54 11.11 -48.58
C PHE C 55 23.21 12.59 -48.61
N GLY C 56 22.37 12.97 -49.58
CA GLY C 56 21.97 14.36 -49.72
C GLY C 56 21.22 14.94 -48.54
N ILE C 57 20.85 14.09 -47.57
CA ILE C 57 20.14 14.58 -46.38
C ILE C 57 21.07 14.85 -45.22
N GLU C 58 22.30 14.34 -45.25
CA GLU C 58 23.29 14.50 -44.18
C GLU C 58 22.86 13.76 -42.92
N ILE C 59 23.82 13.34 -42.10
CA ILE C 59 23.49 12.62 -40.87
C ILE C 59 22.68 13.50 -39.94
N GLN C 60 23.01 14.79 -39.87
CA GLN C 60 22.40 15.73 -38.93
C GLN C 60 22.53 15.20 -37.51
N HIS C 61 21.41 14.82 -36.91
CA HIS C 61 21.37 14.30 -35.54
C HIS C 61 20.72 12.92 -35.57
N VAL C 62 21.50 11.90 -35.89
CA VAL C 62 21.05 10.52 -35.85
C VAL C 62 21.24 9.98 -34.45
N GLU C 63 20.26 9.20 -33.98
CA GLU C 63 20.29 8.63 -32.64
C GLU C 63 20.10 7.13 -32.73
N ILE C 64 21.08 6.37 -32.26
CA ILE C 64 21.01 4.92 -32.21
C ILE C 64 20.82 4.52 -30.75
N TYR C 65 19.59 4.12 -30.40
CA TYR C 65 19.30 3.78 -29.02
C TYR C 65 19.85 2.41 -28.65
N SER C 66 19.68 1.43 -29.51
CA SER C 66 20.24 0.09 -29.29
C SER C 66 20.27 -0.65 -30.62
N LEU C 67 21.26 -1.54 -30.77
CA LEU C 67 21.49 -2.25 -32.01
C LEU C 67 21.95 -3.69 -31.71
N GLU C 68 21.00 -4.52 -31.30
CA GLU C 68 21.19 -5.96 -31.27
C GLU C 68 20.33 -6.57 -32.39
N GLN C 69 20.71 -7.77 -32.83
CA GLN C 69 20.06 -8.40 -33.97
C GLN C 69 18.56 -8.58 -33.77
N GLY C 70 18.08 -8.57 -32.53
CA GLY C 70 16.66 -8.69 -32.26
C GLY C 70 15.93 -7.37 -32.26
N ASN C 71 16.44 -6.41 -31.49
CA ASN C 71 15.78 -5.12 -31.30
C ASN C 71 16.60 -4.05 -32.03
N ILE C 72 16.24 -3.77 -33.27
CA ILE C 72 16.85 -2.69 -34.05
C ILE C 72 15.94 -1.48 -33.94
N ASP C 73 16.45 -0.40 -33.34
CA ASP C 73 15.65 0.80 -33.15
C ASP C 73 16.57 2.01 -33.20
N ILE C 74 16.45 2.81 -34.27
CA ILE C 74 17.23 4.03 -34.44
C ILE C 74 16.31 5.12 -34.97
N GLU C 75 16.67 6.37 -34.66
CA GLU C 75 15.89 7.52 -35.10
C GLU C 75 16.79 8.50 -35.85
N MET C 76 16.23 9.13 -36.87
CA MET C 76 16.97 10.08 -37.69
C MET C 76 16.10 11.32 -37.94
N THR C 77 16.72 12.34 -38.48
CA THR C 77 16.06 13.58 -38.86
C THR C 77 16.46 13.95 -40.28
N ILE C 78 15.48 14.18 -41.13
CA ILE C 78 15.74 14.36 -42.56
C ILE C 78 14.95 15.57 -43.06
N PRO C 79 15.39 16.18 -44.16
CA PRO C 79 14.57 17.22 -44.79
C PRO C 79 13.25 16.68 -45.29
N PHE C 80 12.29 17.59 -45.49
CA PHE C 80 10.93 17.20 -45.87
C PHE C 80 10.93 16.33 -47.11
N SER C 81 11.71 16.74 -48.13
CA SER C 81 11.90 15.96 -49.35
C SER C 81 10.58 15.60 -50.02
N GLY C 82 10.24 14.31 -50.02
CA GLY C 82 9.02 13.85 -50.64
C GLY C 82 9.00 12.35 -50.86
N HIS C 83 8.73 11.94 -52.09
CA HIS C 83 8.67 10.51 -52.43
C HIS C 83 10.03 9.84 -52.25
N GLU C 87 11.85 6.14 -47.39
CA GLU C 87 12.00 4.76 -46.96
C GLU C 87 13.02 4.02 -47.81
N LYS C 88 13.36 4.60 -48.97
CA LYS C 88 14.33 3.97 -49.87
C LYS C 88 15.75 4.02 -49.31
N ILE C 89 15.97 4.73 -48.20
CA ILE C 89 17.27 4.70 -47.51
C ILE C 89 17.42 3.52 -46.58
N ILE C 90 16.37 2.71 -46.41
CA ILE C 90 16.41 1.58 -45.50
C ILE C 90 16.75 0.26 -46.20
N ALA C 91 16.48 0.16 -47.51
CA ALA C 91 16.92 -1.04 -48.23
C ALA C 91 18.43 -1.24 -48.18
N PRO C 92 19.28 -0.22 -48.35
CA PRO C 92 20.71 -0.45 -48.10
C PRO C 92 21.05 -0.55 -46.62
N MET C 93 20.27 0.09 -45.75
CA MET C 93 20.49 -0.03 -44.31
C MET C 93 20.24 -1.44 -43.81
N LEU C 94 19.42 -2.22 -44.51
CA LEU C 94 19.23 -3.62 -44.16
C LEU C 94 20.40 -4.48 -44.65
N SER C 95 21.04 -4.08 -45.75
CA SER C 95 22.07 -4.92 -46.34
C SER C 95 23.38 -4.88 -45.56
N ASP C 96 23.73 -3.75 -44.96
CA ASP C 96 24.99 -3.67 -44.24
C ASP C 96 24.95 -4.45 -42.93
N ILE C 97 23.79 -4.53 -42.29
CA ILE C 97 23.66 -5.32 -41.08
C ILE C 97 23.63 -6.82 -41.38
N LEU C 98 23.37 -7.19 -42.62
CA LEU C 98 23.48 -8.55 -43.18
C LEU C 98 22.45 -9.54 -42.64
N GLU C 99 21.53 -9.12 -41.77
CA GLU C 99 20.52 -10.01 -41.25
C GLU C 99 19.20 -9.27 -41.10
N GLU C 100 18.12 -10.05 -40.93
CA GLU C 100 16.78 -9.54 -40.69
C GLU C 100 16.25 -8.68 -41.84
N GLN C 101 15.15 -7.96 -41.57
CA GLN C 101 14.59 -7.00 -42.50
C GLN C 101 14.20 -5.75 -41.71
N ILE C 102 14.10 -4.62 -42.41
CA ILE C 102 13.76 -3.35 -41.79
C ILE C 102 12.46 -2.83 -42.40
N LEU C 103 11.60 -2.28 -41.55
CA LEU C 103 10.39 -1.59 -41.98
C LEU C 103 10.57 -0.10 -41.76
N VAL C 104 9.60 0.66 -42.27
CA VAL C 104 9.64 2.12 -42.22
C VAL C 104 8.63 2.61 -41.18
N LYS C 105 8.94 3.76 -40.59
CA LYS C 105 8.00 4.49 -39.72
C LYS C 105 8.44 5.96 -39.77
N ALA C 106 7.92 6.69 -40.74
CA ALA C 106 8.29 8.08 -40.99
C ALA C 106 7.04 8.94 -40.87
N GLU C 107 7.02 9.82 -39.88
CA GLU C 107 5.90 10.71 -39.64
C GLU C 107 6.33 12.14 -39.95
N GLN C 108 5.59 12.80 -40.83
CA GLN C 108 5.92 14.14 -41.30
C GLN C 108 5.14 15.17 -40.48
N HIS C 109 5.79 15.68 -39.44
CA HIS C 109 5.23 16.77 -38.65
C HIS C 109 5.47 18.10 -39.35
N SER C 110 4.69 19.11 -38.95
CA SER C 110 4.78 20.46 -39.51
C SER C 110 4.54 20.44 -41.01
N PRO C 111 3.28 20.41 -41.45
CA PRO C 111 3.01 20.42 -42.90
C PRO C 111 3.32 21.77 -43.54
N HIS C 112 4.59 22.13 -43.55
CA HIS C 112 5.08 23.40 -44.07
C HIS C 112 6.40 23.14 -44.78
N PRO C 113 6.85 24.09 -45.62
CA PRO C 113 8.13 23.89 -46.33
C PRO C 113 9.36 23.95 -45.43
N ASN C 114 9.19 23.69 -44.14
CA ASN C 114 10.32 23.61 -43.24
C ASN C 114 10.99 22.24 -43.34
N GLY C 115 12.18 22.13 -42.74
CA GLY C 115 12.94 20.90 -42.79
C GLY C 115 12.77 20.03 -41.56
N TYR C 116 11.59 20.09 -40.94
CA TYR C 116 11.30 19.29 -39.75
C TYR C 116 10.67 17.97 -40.18
N SER C 117 11.33 16.86 -39.84
CA SER C 117 10.82 15.53 -40.16
C SER C 117 11.59 14.51 -39.33
N HIS C 118 10.88 13.84 -38.42
CA HIS C 118 11.44 12.79 -37.60
C HIS C 118 11.07 11.43 -38.18
N VAL C 119 11.96 10.46 -38.00
CA VAL C 119 11.75 9.12 -38.54
C VAL C 119 12.35 8.11 -37.57
N ALA C 120 11.69 6.96 -37.45
CA ALA C 120 12.15 5.86 -36.60
C ALA C 120 12.03 4.55 -37.37
N PHE C 121 13.04 3.70 -37.25
CA PHE C 121 13.07 2.42 -37.93
C PHE C 121 13.14 1.28 -36.92
N GLY C 122 12.37 0.23 -37.17
CA GLY C 122 12.30 -0.89 -36.27
C GLY C 122 12.39 -2.21 -37.02
N SER C 123 12.80 -3.24 -36.29
CA SER C 123 12.89 -4.58 -36.85
C SER C 123 11.50 -5.14 -37.16
N THR C 124 11.48 -6.26 -37.86
CA THR C 124 10.25 -6.96 -38.19
C THR C 124 10.29 -8.37 -37.64
N LYS C 125 9.18 -8.79 -37.04
CA LYS C 125 9.04 -10.12 -36.46
C LYS C 125 7.99 -10.90 -37.23
N SER C 126 8.25 -12.19 -37.42
CA SER C 126 7.32 -13.09 -38.09
C SER C 126 6.87 -14.18 -37.13
N TYR C 127 5.79 -14.87 -37.52
CA TYR C 127 5.26 -15.99 -36.75
C TYR C 127 4.81 -15.59 -35.35
N ARG C 128 3.54 -15.23 -35.21
CA ARG C 128 3.00 -14.89 -33.90
C ARG C 128 2.92 -16.12 -33.01
N VAL C 129 3.15 -15.91 -31.72
CA VAL C 129 3.20 -16.99 -30.73
C VAL C 129 1.97 -16.90 -29.84
N SER C 130 1.45 -18.06 -29.44
CA SER C 130 0.33 -18.16 -28.51
C SER C 130 0.69 -19.16 -27.42
N THR C 131 0.30 -18.86 -26.18
CA THR C 131 0.78 -19.60 -25.03
C THR C 131 -0.38 -20.18 -24.22
N GLY C 132 0.00 -20.96 -23.21
CA GLY C 132 -0.94 -21.63 -22.33
C GLY C 132 -0.26 -22.72 -21.53
N ALA C 133 -0.64 -22.89 -20.27
CA ALA C 133 -0.03 -23.89 -19.42
C ALA C 133 -1.03 -24.32 -18.35
N ALA C 134 -0.74 -25.47 -17.73
CA ALA C 134 -1.57 -26.01 -16.66
C ALA C 134 -0.66 -26.43 -15.51
N HIS C 135 -1.08 -26.09 -14.29
CA HIS C 135 -0.26 -26.32 -13.11
C HIS C 135 -1.00 -27.21 -12.12
N ALA C 136 -0.24 -28.05 -11.42
CA ALA C 136 -0.79 -28.98 -10.44
C ALA C 136 0.31 -29.39 -9.47
N ALA C 137 -0.09 -29.64 -8.23
CA ALA C 137 0.83 -30.01 -7.17
C ALA C 137 0.73 -31.50 -6.87
N LYS C 138 1.75 -32.02 -6.17
CA LYS C 138 1.80 -33.43 -5.83
C LYS C 138 0.57 -33.84 -5.01
N GLY C 139 0.42 -33.27 -3.82
CA GLY C 139 -0.73 -33.56 -3.00
C GLY C 139 -1.94 -32.74 -3.37
N GLY C 140 -1.93 -32.14 -4.56
CA GLY C 140 -3.01 -31.28 -4.98
C GLY C 140 -3.12 -30.01 -4.15
N GLY C 141 -2.02 -29.58 -3.54
CA GLY C 141 -2.01 -28.45 -2.64
C GLY C 141 -1.51 -27.17 -3.31
N LEU C 142 -1.09 -26.23 -2.47
CA LEU C 142 -0.64 -24.94 -2.96
C LEU C 142 0.80 -24.96 -3.46
N VAL C 143 1.63 -25.87 -2.95
CA VAL C 143 3.06 -25.88 -3.25
C VAL C 143 3.35 -27.09 -4.15
N SER C 144 3.92 -26.82 -5.32
CA SER C 144 4.29 -27.85 -6.28
C SER C 144 5.80 -27.87 -6.46
N GLY C 145 6.32 -29.05 -6.77
CA GLY C 145 7.74 -29.21 -7.03
C GLY C 145 8.19 -28.85 -8.42
N ASP C 146 7.27 -28.50 -9.31
CA ASP C 146 7.59 -28.11 -10.67
C ASP C 146 7.30 -26.62 -10.87
N SER C 147 8.21 -25.93 -11.55
CA SER C 147 8.07 -24.51 -11.87
C SER C 147 8.38 -24.29 -13.34
N TYR C 148 7.65 -23.36 -13.95
CA TYR C 148 7.78 -23.09 -15.38
C TYR C 148 7.76 -21.58 -15.60
N SER C 149 8.16 -21.18 -16.80
CA SER C 149 8.11 -19.79 -17.20
C SER C 149 8.21 -19.70 -18.71
N MET C 150 7.50 -18.72 -19.29
CA MET C 150 7.53 -18.50 -20.73
C MET C 150 7.39 -16.99 -20.97
N MET C 151 8.51 -16.34 -21.28
CA MET C 151 8.55 -14.90 -21.57
C MET C 151 9.15 -14.68 -22.95
N GLU C 152 8.89 -13.49 -23.49
CA GLU C 152 9.40 -13.10 -24.80
C GLU C 152 10.62 -12.21 -24.61
N LEU C 153 11.68 -12.49 -25.39
CA LEU C 153 12.91 -11.73 -25.32
C LEU C 153 12.97 -10.81 -26.55
N GLY C 154 12.20 -9.73 -26.47
CA GLY C 154 12.19 -8.75 -27.55
C GLY C 154 11.40 -9.17 -28.77
N ALA C 155 12.06 -9.15 -29.94
CA ALA C 155 11.40 -9.47 -31.19
C ALA C 155 11.76 -10.83 -31.76
N ARG C 156 12.87 -11.43 -31.33
CA ARG C 156 13.46 -12.53 -32.09
C ARG C 156 12.98 -13.90 -31.64
N LYS C 157 12.80 -14.12 -30.33
CA LYS C 157 12.60 -15.48 -29.85
C LYS C 157 11.63 -15.49 -28.68
N TYR C 158 10.89 -16.59 -28.55
CA TYR C 158 10.04 -16.85 -27.40
C TYR C 158 10.57 -18.07 -26.67
N ALA C 159 10.69 -17.98 -25.35
CA ALA C 159 11.32 -19.01 -24.54
C ALA C 159 10.31 -19.77 -23.70
N ALA C 160 10.67 -21.00 -23.34
CA ALA C 160 9.82 -21.84 -22.51
C ALA C 160 10.69 -22.86 -21.79
N ALA C 161 10.71 -22.79 -20.45
CA ALA C 161 11.54 -23.67 -19.64
C ALA C 161 10.67 -24.38 -18.62
N ILE C 162 11.05 -25.62 -18.31
CA ILE C 162 10.35 -26.45 -17.32
C ILE C 162 11.40 -27.20 -16.50
N SER C 163 11.32 -27.08 -15.19
CA SER C 163 12.20 -27.79 -14.28
C SER C 163 11.38 -28.68 -13.34
N ASP C 164 11.97 -29.81 -12.96
CA ASP C 164 11.31 -30.76 -12.08
C ASP C 164 12.02 -30.83 -10.73
N GLY C 165 13.01 -31.72 -10.62
CA GLY C 165 13.76 -31.87 -9.40
C GLY C 165 13.28 -33.02 -8.54
N MET C 166 13.29 -32.84 -7.22
CA MET C 166 12.86 -33.89 -6.33
C MET C 166 11.33 -34.03 -6.38
N GLY C 167 10.83 -35.07 -5.70
CA GLY C 167 9.42 -35.40 -5.76
C GLY C 167 8.56 -34.66 -4.75
N ASN C 168 9.09 -34.46 -3.54
CA ASN C 168 8.34 -33.77 -2.51
C ASN C 168 8.05 -32.33 -2.92
N GLY C 169 7.05 -31.74 -2.28
CA GLY C 169 6.60 -30.40 -2.64
C GLY C 169 7.48 -29.29 -2.12
N ALA C 170 8.02 -29.45 -0.91
CA ALA C 170 8.80 -28.40 -0.27
C ALA C 170 10.26 -28.43 -0.67
N ARG C 171 10.90 -29.60 -0.57
CA ARG C 171 12.31 -29.73 -0.89
C ARG C 171 12.61 -29.41 -2.35
N ALA C 172 11.62 -29.52 -3.23
CA ALA C 172 11.83 -29.30 -4.65
C ALA C 172 11.31 -27.96 -5.15
N HIS C 173 10.41 -27.30 -4.41
CA HIS C 173 9.89 -26.02 -4.87
C HIS C 173 10.97 -24.94 -4.89
N PHE C 174 11.95 -25.02 -3.98
CA PHE C 174 13.02 -24.04 -4.01
C PHE C 174 14.02 -24.33 -5.13
N GLU C 175 14.37 -25.59 -5.34
CA GLU C 175 15.33 -25.93 -6.38
C GLU C 175 14.77 -25.69 -7.76
N SER C 176 13.45 -25.84 -7.93
CA SER C 176 12.83 -25.59 -9.23
C SER C 176 12.63 -24.10 -9.48
N ASN C 177 12.18 -23.37 -8.46
CA ASN C 177 11.97 -21.94 -8.62
C ASN C 177 13.29 -21.20 -8.83
N GLU C 178 14.38 -21.70 -8.23
CA GLU C 178 15.66 -21.03 -8.36
C GLU C 178 16.28 -21.25 -9.74
N THR C 179 16.10 -22.44 -10.31
CA THR C 179 16.67 -22.73 -11.63
C THR C 179 16.10 -21.80 -12.70
N ILE C 180 14.79 -21.60 -12.69
CA ILE C 180 14.16 -20.77 -13.72
C ILE C 180 14.49 -19.31 -13.50
N LYS C 181 14.55 -18.86 -12.25
CA LYS C 181 14.91 -17.48 -11.97
C LYS C 181 16.34 -17.19 -12.40
N LEU C 182 17.25 -18.15 -12.21
CA LEU C 182 18.61 -17.97 -12.71
C LEU C 182 18.66 -18.08 -14.22
N LEU C 183 17.80 -18.93 -14.81
CA LEU C 183 17.74 -19.03 -16.26
C LEU C 183 17.12 -17.78 -16.88
N GLU C 184 16.19 -17.13 -16.17
CA GLU C 184 15.51 -15.96 -16.71
C GLU C 184 16.43 -14.75 -16.80
N LYS C 185 17.58 -14.78 -16.12
CA LYS C 185 18.55 -13.70 -16.20
C LYS C 185 19.70 -13.99 -17.15
N ILE C 186 20.11 -15.25 -17.26
CA ILE C 186 21.21 -15.58 -18.16
C ILE C 186 20.76 -15.55 -19.61
N LEU C 187 19.52 -15.95 -19.88
CA LEU C 187 19.01 -15.88 -21.25
C LEU C 187 18.68 -14.45 -21.64
N GLU C 188 18.34 -13.59 -20.68
CA GLU C 188 18.00 -12.20 -21.00
C GLU C 188 19.23 -11.39 -21.40
N SER C 189 20.43 -11.79 -20.96
CA SER C 189 21.63 -11.03 -21.27
C SER C 189 21.92 -10.98 -22.77
N GLY C 190 21.41 -11.95 -23.54
CA GLY C 190 21.71 -12.02 -24.95
C GLY C 190 23.04 -12.70 -25.20
N ILE C 191 23.03 -14.03 -25.24
CA ILE C 191 24.25 -14.82 -25.41
C ILE C 191 23.90 -16.09 -26.16
N ASP C 192 24.93 -16.76 -26.67
CA ASP C 192 24.75 -18.02 -27.37
C ASP C 192 23.99 -19.02 -26.49
N GLU C 193 23.00 -19.68 -27.07
CA GLU C 193 22.15 -20.59 -26.31
C GLU C 193 22.94 -21.81 -25.82
N LYS C 194 23.89 -22.28 -26.63
CA LYS C 194 24.70 -23.41 -26.23
C LYS C 194 25.62 -23.05 -25.06
N ILE C 195 26.14 -21.83 -25.07
CA ILE C 195 26.98 -21.38 -23.96
C ILE C 195 26.13 -20.96 -22.77
N ALA C 196 24.88 -20.56 -23.00
CA ALA C 196 24.02 -20.17 -21.89
C ALA C 196 23.66 -21.37 -21.03
N ILE C 197 23.69 -22.57 -21.59
CA ILE C 197 23.35 -23.76 -20.82
C ILE C 197 24.53 -24.21 -19.96
N LYS C 198 25.74 -24.17 -20.51
CA LYS C 198 26.92 -24.50 -19.71
C LYS C 198 27.14 -23.49 -18.60
N THR C 199 26.59 -22.28 -18.72
CA THR C 199 26.68 -21.31 -17.64
C THR C 199 25.74 -21.66 -16.49
N ILE C 200 24.52 -22.09 -16.81
CA ILE C 200 23.57 -22.48 -15.78
C ILE C 200 24.03 -23.74 -15.07
N ASN C 201 24.46 -24.74 -15.84
CA ASN C 201 24.81 -26.03 -15.26
C ASN C 201 26.09 -25.96 -14.43
N SER C 202 27.02 -25.07 -14.77
CA SER C 202 28.26 -24.97 -14.02
C SER C 202 28.04 -24.32 -12.66
N ILE C 203 27.15 -23.31 -12.61
CA ILE C 203 26.88 -22.63 -11.34
C ILE C 203 26.17 -23.57 -10.37
N LEU C 204 25.32 -24.46 -10.88
CA LEU C 204 24.51 -25.33 -10.05
C LEU C 204 25.23 -26.61 -9.63
N SER C 205 26.52 -26.76 -9.97
CA SER C 205 27.29 -27.93 -9.56
C SER C 205 27.62 -27.80 -8.07
N LEU C 206 27.04 -28.68 -7.26
CA LEU C 206 27.20 -28.62 -5.81
C LEU C 206 27.22 -30.03 -5.24
N ARG C 207 28.21 -30.32 -4.39
CA ARG C 207 28.36 -31.51 -3.58
C ARG C 207 28.83 -32.73 -4.38
N THR C 208 28.82 -32.69 -5.71
CA THR C 208 29.26 -33.80 -6.55
C THR C 208 28.47 -35.07 -6.25
N THR C 209 27.15 -34.93 -6.20
CA THR C 209 26.24 -36.06 -6.04
C THR C 209 25.73 -36.47 -7.42
N ASP C 210 24.86 -37.48 -7.44
CA ASP C 210 24.21 -37.93 -8.67
C ASP C 210 22.80 -37.36 -8.72
N GLU C 211 22.43 -36.80 -9.87
CA GLU C 211 21.13 -36.14 -10.04
C GLU C 211 20.91 -35.08 -8.97
N ILE C 212 21.88 -34.19 -8.83
CA ILE C 212 21.92 -33.22 -7.74
C ILE C 212 20.74 -32.27 -7.82
N TYR C 213 20.73 -31.41 -8.84
CA TYR C 213 19.84 -30.27 -8.87
C TYR C 213 18.69 -30.50 -9.86
N SER C 214 18.02 -29.41 -10.22
CA SER C 214 16.80 -29.49 -11.02
C SER C 214 17.11 -29.88 -12.46
N THR C 215 16.45 -30.91 -12.95
CA THR C 215 16.45 -31.18 -14.37
C THR C 215 15.72 -30.06 -15.10
N LEU C 216 16.10 -29.82 -16.35
CA LEU C 216 15.61 -28.68 -17.10
C LEU C 216 15.15 -29.12 -18.49
N ASP C 217 14.25 -28.33 -19.06
CA ASP C 217 13.72 -28.57 -20.40
C ASP C 217 13.50 -27.20 -21.05
N LEU C 218 14.39 -26.81 -21.95
CA LEU C 218 14.36 -25.50 -22.57
C LEU C 218 13.99 -25.64 -24.04
N SER C 219 13.00 -24.85 -24.48
CA SER C 219 12.60 -24.80 -25.88
C SER C 219 12.63 -23.35 -26.34
N ILE C 220 13.38 -23.08 -27.41
CA ILE C 220 13.57 -21.74 -27.93
C ILE C 220 13.03 -21.70 -29.36
N ILE C 221 12.03 -20.87 -29.59
CA ILE C 221 11.39 -20.73 -30.90
C ILE C 221 11.84 -19.42 -31.51
N ASP C 222 12.64 -19.51 -32.58
CA ASP C 222 13.11 -18.34 -33.31
C ASP C 222 11.97 -17.80 -34.17
N LEU C 223 11.65 -16.52 -33.99
CA LEU C 223 10.62 -15.88 -34.79
C LEU C 223 11.13 -15.38 -36.14
N GLN C 224 12.43 -15.54 -36.41
CA GLN C 224 12.98 -15.09 -37.69
C GLN C 224 12.60 -16.05 -38.81
N ASP C 225 12.86 -17.34 -38.62
CA ASP C 225 12.56 -18.33 -39.66
C ASP C 225 11.90 -19.57 -39.09
N ALA C 226 11.27 -19.48 -37.91
CA ALA C 226 10.51 -20.57 -37.31
C ALA C 226 11.37 -21.80 -37.02
N SER C 227 12.65 -21.59 -36.73
CA SER C 227 13.52 -22.68 -36.29
C SER C 227 13.47 -22.79 -34.77
N CYS C 228 13.72 -24.00 -34.28
CA CYS C 228 13.64 -24.28 -32.85
C CYS C 228 14.93 -24.91 -32.36
N LYS C 229 15.28 -24.60 -31.12
CA LYS C 229 16.47 -25.14 -30.45
C LYS C 229 16.00 -25.92 -29.23
N PHE C 230 15.97 -27.25 -29.34
CA PHE C 230 15.53 -28.11 -28.26
C PHE C 230 16.72 -28.43 -27.37
N LEU C 231 16.75 -27.86 -26.17
CA LEU C 231 17.77 -28.12 -25.17
C LEU C 231 17.13 -28.87 -24.01
N LYS C 232 17.57 -30.11 -23.79
CA LYS C 232 17.00 -30.97 -22.76
C LYS C 232 18.10 -31.40 -21.81
N VAL C 233 17.94 -31.08 -20.54
CA VAL C 233 18.84 -31.55 -19.49
C VAL C 233 18.00 -32.43 -18.56
N GLY C 234 18.12 -33.75 -18.75
CA GLY C 234 17.38 -34.67 -17.91
C GLY C 234 16.56 -35.69 -18.69
N SER C 235 16.77 -35.75 -20.00
CA SER C 235 16.10 -36.71 -20.87
C SER C 235 14.59 -36.62 -20.78
N THR C 236 14.06 -35.42 -20.56
CA THR C 236 12.62 -35.23 -20.47
C THR C 236 12.05 -35.08 -21.87
N PRO C 237 11.15 -35.96 -22.29
CA PRO C 237 10.67 -35.92 -23.69
C PRO C 237 9.70 -34.78 -23.93
N SER C 238 9.69 -34.30 -25.16
CA SER C 238 8.72 -33.31 -25.62
C SER C 238 8.14 -33.78 -26.95
N PHE C 239 7.06 -33.14 -27.38
CA PHE C 239 6.35 -33.57 -28.58
C PHE C 239 5.95 -32.37 -29.41
N ILE C 240 5.80 -32.61 -30.72
CA ILE C 240 5.36 -31.60 -31.67
C ILE C 240 4.19 -32.17 -32.46
N LYS C 241 3.12 -31.39 -32.58
CA LYS C 241 1.93 -31.81 -33.31
C LYS C 241 1.73 -30.91 -34.52
N ARG C 242 1.68 -31.51 -35.70
CA ARG C 242 1.40 -30.80 -36.95
C ARG C 242 0.25 -31.53 -37.64
N GLY C 243 -0.96 -30.99 -37.50
CA GLY C 243 -2.13 -31.65 -38.04
C GLY C 243 -2.47 -32.92 -37.29
N ASP C 244 -1.97 -34.06 -37.77
CA ASP C 244 -2.19 -35.33 -37.12
C ASP C 244 -0.89 -36.06 -36.77
N GLN C 245 0.26 -35.53 -37.15
CA GLN C 245 1.54 -36.13 -36.81
C GLN C 245 1.96 -35.75 -35.40
N VAL C 246 2.64 -36.67 -34.73
CA VAL C 246 3.16 -36.47 -33.38
C VAL C 246 4.63 -36.86 -33.41
N MET C 247 5.52 -35.87 -33.42
CA MET C 247 6.96 -36.09 -33.43
C MET C 247 7.51 -35.84 -32.03
N LYS C 248 8.32 -36.78 -31.54
CA LYS C 248 8.95 -36.67 -30.23
C LYS C 248 10.41 -36.27 -30.38
N VAL C 249 10.84 -35.33 -29.55
CA VAL C 249 12.23 -34.91 -29.47
C VAL C 249 12.80 -35.39 -28.13
N GLN C 250 14.03 -35.90 -28.16
CA GLN C 250 14.67 -36.40 -26.96
C GLN C 250 16.18 -36.26 -27.09
N ALA C 251 16.87 -36.29 -25.95
CA ALA C 251 18.31 -36.19 -25.90
C ALA C 251 18.84 -37.11 -24.80
N SER C 252 20.06 -37.62 -25.01
CA SER C 252 20.62 -38.65 -24.16
C SER C 252 21.33 -38.13 -22.92
N ASN C 253 21.36 -36.81 -22.71
CA ASN C 253 22.18 -36.24 -21.65
C ASN C 253 21.49 -36.36 -20.30
N LEU C 254 22.28 -36.15 -19.25
CA LEU C 254 21.92 -36.37 -17.86
C LEU C 254 21.57 -35.06 -17.17
N PRO C 255 20.96 -35.11 -15.95
CA PRO C 255 20.46 -33.88 -15.32
C PRO C 255 21.50 -32.81 -15.00
N ILE C 256 21.03 -31.66 -14.53
CA ILE C 256 21.88 -30.52 -14.26
C ILE C 256 22.78 -30.81 -13.06
N GLY C 257 24.02 -30.32 -13.14
CA GLY C 257 25.03 -30.54 -12.12
C GLY C 257 26.40 -30.59 -12.75
N ILE C 258 27.14 -31.67 -12.50
CA ILE C 258 28.35 -31.97 -13.25
C ILE C 258 28.34 -33.48 -13.50
N ILE C 259 27.17 -33.99 -13.87
CA ILE C 259 26.98 -35.43 -14.02
C ILE C 259 27.58 -35.91 -15.33
N ASN C 260 27.70 -35.03 -16.33
CA ASN C 260 28.21 -35.39 -17.64
C ASN C 260 29.42 -34.53 -17.98
N GLU C 261 30.29 -35.09 -18.82
CA GLU C 261 31.38 -34.35 -19.43
C GLU C 261 31.01 -33.99 -20.87
N PHE C 262 31.77 -33.04 -21.42
CA PHE C 262 31.55 -32.56 -22.78
C PHE C 262 30.16 -31.96 -22.95
N ASP C 263 29.70 -31.28 -21.89
CA ASP C 263 28.48 -30.46 -21.84
C ASP C 263 27.27 -31.09 -22.50
N VAL C 264 26.44 -30.26 -23.16
CA VAL C 264 25.12 -30.64 -23.63
C VAL C 264 25.10 -30.63 -25.15
N GLU C 265 24.42 -31.61 -25.74
CA GLU C 265 24.19 -31.63 -27.17
C GLU C 265 23.00 -30.74 -27.52
N VAL C 266 23.12 -30.00 -28.61
CA VAL C 266 22.06 -29.11 -29.09
C VAL C 266 21.29 -29.82 -30.20
N VAL C 267 19.98 -29.61 -30.22
CA VAL C 267 19.10 -30.21 -31.22
C VAL C 267 18.29 -29.10 -31.87
N SER C 268 18.24 -29.10 -33.20
CA SER C 268 17.51 -28.10 -33.96
C SER C 268 16.40 -28.77 -34.76
N GLU C 269 15.26 -28.11 -34.86
CA GLU C 269 14.13 -28.58 -35.65
C GLU C 269 13.50 -27.42 -36.39
N GLN C 270 12.83 -27.74 -37.49
CA GLN C 270 12.17 -26.77 -38.35
C GLN C 270 10.67 -26.99 -38.32
N LEU C 271 9.93 -25.94 -38.02
CA LEU C 271 8.48 -26.01 -37.95
C LEU C 271 7.86 -24.91 -38.80
N LYS C 272 6.58 -25.04 -39.08
CA LYS C 272 5.84 -24.11 -39.92
C LYS C 272 4.63 -23.58 -39.16
N ALA C 273 3.77 -22.86 -39.87
CA ALA C 273 2.58 -22.29 -39.24
C ALA C 273 1.58 -23.38 -38.85
N GLY C 274 0.86 -23.13 -37.76
CA GLY C 274 -0.13 -24.06 -37.26
C GLY C 274 0.40 -25.17 -36.40
N ASP C 275 1.70 -25.29 -36.22
CA ASP C 275 2.28 -26.35 -35.41
C ASP C 275 2.11 -26.06 -33.93
N LEU C 276 2.08 -27.13 -33.14
CA LEU C 276 1.82 -27.06 -31.71
C LEU C 276 2.97 -27.70 -30.95
N LEU C 277 3.72 -26.90 -30.19
CA LEU C 277 4.83 -27.38 -29.38
C LEU C 277 4.31 -27.56 -27.95
N ILE C 278 4.19 -28.81 -27.52
CA ILE C 278 3.77 -29.14 -26.16
C ILE C 278 4.96 -29.68 -25.40
N MET C 279 5.03 -29.37 -24.11
CA MET C 279 6.08 -29.83 -23.23
C MET C 279 5.47 -30.26 -21.90
N MET C 280 6.11 -31.23 -21.26
CA MET C 280 5.66 -31.69 -19.95
C MET C 280 6.85 -32.20 -19.16
N SER C 281 6.64 -32.38 -17.86
CA SER C 281 7.65 -32.93 -16.98
C SER C 281 7.47 -34.44 -16.87
N ASP C 282 8.25 -35.08 -16.01
CA ASP C 282 8.10 -36.51 -15.81
C ASP C 282 6.83 -36.87 -15.07
N GLY C 283 6.16 -35.90 -14.45
CA GLY C 283 4.91 -36.17 -13.77
C GLY C 283 3.72 -36.34 -14.69
N ILE C 284 3.81 -35.82 -15.91
CA ILE C 284 2.75 -35.97 -16.91
C ILE C 284 3.05 -37.09 -17.88
N PHE C 285 4.28 -37.15 -18.39
CA PHE C 285 4.66 -38.22 -19.31
C PHE C 285 4.52 -39.59 -18.65
N GLU C 286 4.95 -39.70 -17.39
CA GLU C 286 4.74 -40.90 -16.59
C GLU C 286 3.50 -40.77 -15.70
N GLY C 287 2.55 -39.93 -16.09
CA GLY C 287 1.32 -39.76 -15.35
C GLY C 287 0.50 -41.03 -15.26
N PRO C 288 0.03 -41.54 -16.39
CA PRO C 288 -0.72 -42.81 -16.37
C PRO C 288 0.15 -43.94 -15.85
N LYS C 289 -0.25 -44.50 -14.71
CA LYS C 289 0.59 -45.49 -14.06
C LYS C 289 0.38 -46.89 -14.64
N HIS C 290 -0.79 -47.15 -15.23
CA HIS C 290 -1.09 -48.45 -15.84
C HIS C 290 -0.88 -48.40 -17.35
N VAL C 291 0.32 -48.01 -17.76
CA VAL C 291 0.68 -47.88 -19.17
C VAL C 291 2.12 -48.32 -19.36
N GLU C 292 2.36 -49.18 -20.36
CA GLU C 292 3.71 -49.59 -20.69
C GLU C 292 4.41 -48.55 -21.57
N ASN C 293 3.87 -48.33 -22.77
CA ASN C 293 4.44 -47.39 -23.73
C ASN C 293 3.87 -46.00 -23.43
N HIS C 294 4.65 -45.18 -22.72
CA HIS C 294 4.20 -43.82 -22.42
C HIS C 294 4.24 -42.91 -23.65
N ASP C 295 5.01 -43.29 -24.67
CA ASP C 295 5.07 -42.49 -25.89
C ASP C 295 3.86 -42.76 -26.79
N LEU C 296 3.55 -44.04 -27.01
CA LEU C 296 2.37 -44.39 -27.82
C LEU C 296 1.08 -43.93 -27.14
N TRP C 297 1.02 -44.04 -25.82
CA TRP C 297 -0.16 -43.56 -25.09
C TRP C 297 -0.30 -42.05 -25.23
N MET C 298 0.81 -41.32 -25.15
CA MET C 298 0.75 -39.87 -25.29
C MET C 298 0.45 -39.45 -26.72
N LYS C 299 0.83 -40.27 -27.70
CA LYS C 299 0.57 -39.95 -29.10
C LYS C 299 -0.92 -40.07 -29.42
N ARG C 300 -1.57 -41.13 -28.93
CA ARG C 300 -3.00 -41.28 -29.18
C ARG C 300 -3.82 -40.20 -28.48
N LYS C 301 -3.33 -39.70 -27.36
CA LYS C 301 -4.06 -38.66 -26.63
C LYS C 301 -4.08 -37.34 -27.40
N MET C 302 -3.00 -37.04 -28.13
CA MET C 302 -2.94 -35.79 -28.88
C MET C 302 -3.75 -35.85 -30.18
N LYS C 303 -3.80 -37.03 -30.82
CA LYS C 303 -4.65 -37.17 -32.00
C LYS C 303 -6.13 -37.02 -31.63
N GLY C 304 -6.47 -37.31 -30.38
CA GLY C 304 -7.82 -37.05 -29.91
C GLY C 304 -8.09 -35.62 -29.54
N LEU C 305 -7.04 -34.83 -29.35
CA LEU C 305 -7.21 -33.40 -29.09
C LEU C 305 -7.64 -32.70 -30.36
N LYS C 306 -8.83 -32.09 -30.34
CA LYS C 306 -9.36 -31.44 -31.53
C LYS C 306 -9.54 -29.94 -31.31
N THR C 307 -8.44 -29.23 -31.06
CA THR C 307 -8.49 -27.79 -30.89
C THR C 307 -7.09 -27.22 -31.11
N ASN C 308 -7.05 -25.93 -31.46
CA ASN C 308 -5.79 -25.23 -31.69
C ASN C 308 -5.53 -24.14 -30.65
N ASP C 309 -6.42 -23.97 -29.68
CA ASP C 309 -6.20 -22.99 -28.63
C ASP C 309 -5.17 -23.53 -27.64
N PRO C 310 -4.00 -22.91 -27.52
CA PRO C 310 -2.94 -23.50 -26.68
C PRO C 310 -3.31 -23.63 -25.22
N GLN C 311 -4.23 -22.80 -24.72
CA GLN C 311 -4.61 -22.89 -23.32
C GLN C 311 -5.46 -24.14 -23.06
N GLU C 312 -6.42 -24.41 -23.94
CA GLU C 312 -7.27 -25.57 -23.77
C GLU C 312 -6.50 -26.87 -23.93
N ILE C 313 -5.49 -26.89 -24.80
CA ILE C 313 -4.70 -28.10 -25.01
C ILE C 313 -3.98 -28.49 -23.72
N ALA C 314 -3.51 -27.51 -22.95
CA ALA C 314 -2.80 -27.81 -21.72
C ALA C 314 -3.73 -28.40 -20.67
N ASP C 315 -4.97 -27.92 -20.59
CA ASP C 315 -5.90 -28.41 -19.58
C ASP C 315 -6.52 -29.75 -20.00
N LEU C 316 -6.97 -29.86 -21.25
CA LEU C 316 -7.62 -31.08 -21.70
C LEU C 316 -6.65 -32.26 -21.79
N LEU C 317 -5.35 -32.00 -21.89
CA LEU C 317 -4.38 -33.09 -21.80
C LEU C 317 -4.10 -33.45 -20.35
N MET C 318 -3.99 -32.46 -19.48
CA MET C 318 -3.73 -32.74 -18.07
C MET C 318 -4.91 -33.45 -17.42
N GLU C 319 -6.13 -32.98 -17.68
CA GLU C 319 -7.29 -33.58 -17.04
C GLU C 319 -7.51 -35.01 -17.52
N GLU C 320 -7.05 -35.34 -18.74
CA GLU C 320 -7.16 -36.70 -19.22
C GLU C 320 -6.15 -37.63 -18.57
N VAL C 321 -4.98 -37.11 -18.18
CA VAL C 321 -4.02 -37.90 -17.42
C VAL C 321 -4.59 -38.25 -16.06
N ILE C 322 -5.40 -37.36 -15.47
CA ILE C 322 -6.01 -37.63 -14.17
C ILE C 322 -6.99 -38.80 -14.26
N ARG C 323 -7.63 -38.97 -15.42
CA ARG C 323 -8.63 -40.02 -15.58
C ARG C 323 -8.02 -41.42 -15.56
N THR C 324 -6.74 -41.56 -15.88
CA THR C 324 -6.10 -42.87 -15.79
C THR C 324 -6.02 -43.37 -14.36
N ARG C 325 -6.02 -42.46 -13.39
CA ARG C 325 -6.08 -42.80 -11.98
C ARG C 325 -7.50 -42.57 -11.45
N SER C 326 -7.68 -42.84 -10.16
CA SER C 326 -8.96 -42.56 -9.51
C SER C 326 -8.97 -41.13 -9.00
N GLY C 327 -8.70 -40.17 -9.88
CA GLY C 327 -8.58 -38.79 -9.49
C GLY C 327 -7.33 -38.45 -8.71
N GLN C 328 -6.39 -39.38 -8.61
CA GLN C 328 -5.20 -39.18 -7.81
C GLN C 328 -4.14 -38.39 -8.58
N ILE C 329 -3.25 -37.75 -7.84
CA ILE C 329 -2.13 -37.00 -8.38
C ILE C 329 -0.89 -37.52 -7.66
N GLU C 330 -0.19 -38.46 -8.27
CA GLU C 330 0.94 -39.10 -7.59
C GLU C 330 2.23 -38.30 -7.68
N ASP C 331 2.26 -37.24 -8.48
CA ASP C 331 3.49 -36.45 -8.63
C ASP C 331 3.13 -35.09 -9.18
N ASP C 332 4.10 -34.17 -9.12
CA ASP C 332 3.91 -32.82 -9.65
C ASP C 332 3.73 -32.87 -11.16
N MET C 333 2.73 -32.15 -11.65
CA MET C 333 2.38 -32.13 -13.07
C MET C 333 2.48 -30.71 -13.61
N THR C 334 3.03 -30.59 -14.82
CA THR C 334 3.19 -29.30 -15.47
C THR C 334 3.29 -29.52 -16.98
N VAL C 335 2.52 -28.75 -17.74
CA VAL C 335 2.48 -28.87 -19.20
C VAL C 335 2.36 -27.48 -19.80
N VAL C 336 3.13 -27.24 -20.86
CA VAL C 336 3.17 -25.95 -21.55
C VAL C 336 2.94 -26.18 -23.04
N VAL C 337 2.06 -25.38 -23.64
CA VAL C 337 1.70 -25.49 -25.04
C VAL C 337 1.99 -24.16 -25.73
N VAL C 338 2.54 -24.23 -26.94
CA VAL C 338 2.87 -23.04 -27.72
C VAL C 338 2.47 -23.27 -29.17
N ARG C 339 1.75 -22.30 -29.74
CA ARG C 339 1.31 -22.35 -31.14
C ARG C 339 2.01 -21.28 -31.95
N ILE C 340 2.19 -21.55 -33.24
CA ILE C 340 2.86 -20.62 -34.14
C ILE C 340 1.85 -20.02 -35.13
N LEU D 5 -35.40 28.67 7.18
CA LEU D 5 -33.97 28.40 7.00
C LEU D 5 -33.37 27.86 8.29
N LYS D 6 -34.12 27.00 8.98
CA LYS D 6 -33.74 26.45 10.26
C LYS D 6 -33.38 24.98 10.09
N LYS D 7 -32.13 24.63 10.39
CA LYS D 7 -31.58 23.28 10.28
C LYS D 7 -32.14 22.53 9.07
N LYS D 8 -31.90 23.09 7.89
CA LYS D 8 -32.38 22.47 6.66
C LYS D 8 -31.60 21.21 6.30
N VAL D 9 -30.65 20.79 7.14
CA VAL D 9 -29.92 19.54 6.88
C VAL D 9 -30.86 18.35 6.94
N GLN D 10 -31.89 18.41 7.79
CA GLN D 10 -32.92 17.38 7.77
C GLN D 10 -33.71 17.42 6.47
N ASP D 11 -34.03 18.62 5.99
CA ASP D 11 -34.72 18.73 4.70
C ASP D 11 -33.83 18.28 3.55
N SER D 12 -32.52 18.46 3.67
CA SER D 12 -31.60 18.02 2.64
C SER D 12 -31.24 16.54 2.77
N ARG D 13 -31.44 15.95 3.95
CA ARG D 13 -31.12 14.54 4.13
C ARG D 13 -32.00 13.65 3.26
N ARG D 14 -33.22 14.11 2.95
CA ARG D 14 -34.08 13.36 2.04
C ARG D 14 -33.55 13.37 0.62
N LEU D 15 -32.70 14.35 0.27
CA LEU D 15 -32.03 14.33 -1.02
C LEU D 15 -30.90 13.31 -1.03
N VAL D 16 -30.18 13.19 0.08
CA VAL D 16 -29.18 12.13 0.20
C VAL D 16 -29.86 10.77 0.23
N ALA D 17 -31.06 10.70 0.81
CA ALA D 17 -31.82 9.45 0.80
C ALA D 17 -32.22 9.06 -0.62
N GLU D 18 -32.68 10.03 -1.41
CA GLU D 18 -33.06 9.74 -2.79
C GLU D 18 -31.88 9.23 -3.60
N GLN D 19 -30.71 9.84 -3.42
CA GLN D 19 -29.51 9.30 -4.06
C GLN D 19 -29.19 7.90 -3.55
N LEU D 20 -29.54 7.62 -2.29
CA LEU D 20 -29.44 6.26 -1.78
C LEU D 20 -30.58 5.38 -2.26
N LEU D 21 -31.72 5.98 -2.63
CA LEU D 21 -32.78 5.23 -3.30
C LEU D 21 -32.49 5.05 -4.79
N GLY D 22 -31.81 6.01 -5.41
CA GLY D 22 -31.47 5.88 -6.82
C GLY D 22 -30.56 4.68 -7.08
N VAL D 23 -29.53 4.52 -6.24
CA VAL D 23 -28.68 3.34 -6.36
C VAL D 23 -29.44 2.08 -5.95
N SER D 24 -30.37 2.21 -5.01
CA SER D 24 -31.19 1.07 -4.61
C SER D 24 -32.18 0.66 -5.68
N GLU D 25 -32.53 1.58 -6.59
CA GLU D 25 -33.44 1.25 -7.69
C GLU D 25 -32.70 0.46 -8.77
N VAL D 26 -31.52 0.94 -9.18
CA VAL D 26 -30.75 0.24 -10.20
C VAL D 26 -30.17 -1.06 -9.66
N MET D 27 -29.97 -1.18 -8.35
CA MET D 27 -29.45 -2.42 -7.79
C MET D 27 -30.53 -3.50 -7.74
N ALA D 28 -31.75 -3.13 -7.35
CA ALA D 28 -32.86 -4.08 -7.43
C ALA D 28 -33.19 -4.40 -8.88
N ASP D 29 -33.05 -3.42 -9.77
CA ASP D 29 -33.23 -3.68 -11.19
C ASP D 29 -32.10 -4.56 -11.73
N PHE D 30 -30.91 -4.47 -11.14
CA PHE D 30 -29.81 -5.34 -11.52
C PHE D 30 -30.04 -6.77 -11.08
N SER D 31 -30.69 -6.96 -9.92
CA SER D 31 -30.90 -8.32 -9.41
C SER D 31 -31.85 -9.11 -10.31
N ARG D 32 -32.89 -8.46 -10.82
CA ARG D 32 -33.83 -9.14 -11.71
C ARG D 32 -33.28 -9.34 -13.11
N GLU D 33 -32.34 -8.49 -13.54
CA GLU D 33 -31.73 -8.68 -14.85
C GLU D 33 -30.79 -9.87 -14.86
N ILE D 34 -29.99 -10.04 -13.80
CA ILE D 34 -29.13 -11.20 -13.71
C ILE D 34 -29.94 -12.46 -13.38
N LYS D 35 -31.03 -12.30 -12.64
CA LYS D 35 -31.91 -13.43 -12.36
C LYS D 35 -32.52 -13.98 -13.65
N ARG D 36 -32.82 -13.11 -14.62
CA ARG D 36 -33.34 -13.58 -15.89
C ARG D 36 -32.32 -14.42 -16.63
N GLU D 37 -31.05 -14.01 -16.60
CA GLU D 37 -29.99 -14.82 -17.20
C GLU D 37 -29.72 -16.08 -16.38
N ARG D 38 -29.85 -16.00 -15.06
CA ARG D 38 -29.69 -17.18 -14.23
C ARG D 38 -30.87 -18.13 -14.36
N GLU D 39 -32.07 -17.60 -14.62
CA GLU D 39 -33.24 -18.45 -14.78
C GLU D 39 -33.30 -19.04 -16.20
N GLN D 40 -32.87 -18.27 -17.20
CA GLN D 40 -32.78 -18.83 -18.55
C GLN D 40 -31.71 -19.90 -18.62
N HIS D 41 -30.60 -19.73 -17.87
CA HIS D 41 -29.58 -20.77 -17.79
C HIS D 41 -30.16 -22.08 -17.28
N PHE D 42 -31.11 -22.00 -16.35
CA PHE D 42 -31.82 -23.19 -15.93
C PHE D 42 -32.79 -23.66 -17.01
N LEU D 43 -33.43 -22.72 -17.70
CA LEU D 43 -34.33 -23.08 -18.79
C LEU D 43 -33.57 -23.75 -19.93
N GLN D 44 -32.39 -23.24 -20.26
CA GLN D 44 -31.56 -23.90 -21.28
C GLN D 44 -31.05 -25.25 -20.77
N GLU D 45 -30.70 -25.33 -19.48
CA GLU D 45 -30.28 -26.60 -18.91
C GLU D 45 -31.42 -27.60 -18.85
N GLU D 46 -32.61 -27.13 -18.48
CA GLU D 46 -33.77 -28.01 -18.39
C GLU D 46 -34.11 -28.61 -19.74
N GLN D 47 -34.16 -27.78 -20.78
CA GLN D 47 -34.56 -28.27 -22.10
C GLN D 47 -33.61 -29.34 -22.63
N ILE D 48 -32.32 -29.26 -22.28
CA ILE D 48 -31.36 -30.18 -22.86
C ILE D 48 -31.53 -31.59 -22.29
N ILE D 49 -31.70 -31.70 -20.98
CA ILE D 49 -31.67 -33.01 -20.32
C ILE D 49 -33.08 -33.56 -20.10
N GLU D 50 -34.08 -32.67 -19.97
CA GLU D 50 -35.46 -33.14 -19.89
C GLU D 50 -35.87 -33.90 -21.14
N ALA D 51 -35.41 -33.44 -22.31
CA ALA D 51 -35.74 -34.07 -23.58
C ALA D 51 -34.50 -34.65 -24.27
N LEU D 52 -33.43 -34.92 -23.51
CA LEU D 52 -32.28 -35.58 -24.11
C LEU D 52 -32.59 -37.03 -24.45
N GLN D 53 -33.32 -37.71 -23.56
CA GLN D 53 -33.66 -39.11 -23.77
C GLN D 53 -34.54 -39.34 -24.98
N HIS D 54 -35.12 -38.27 -25.55
CA HIS D 54 -35.78 -38.39 -26.85
C HIS D 54 -34.76 -38.76 -27.93
N PHE D 55 -33.65 -38.04 -27.99
CA PHE D 55 -32.59 -38.33 -28.94
C PHE D 55 -31.86 -39.61 -28.55
N GLY D 56 -31.14 -39.58 -27.44
CA GLY D 56 -30.48 -40.75 -26.91
C GLY D 56 -30.94 -41.09 -25.51
N ILE D 57 -31.54 -42.26 -25.34
CA ILE D 57 -32.24 -42.62 -24.10
C ILE D 57 -31.38 -43.45 -23.16
N GLU D 58 -30.09 -43.61 -23.46
CA GLU D 58 -29.27 -44.45 -22.59
C GLU D 58 -28.60 -43.66 -21.46
N ILE D 59 -27.95 -42.55 -21.78
CA ILE D 59 -27.05 -41.89 -20.85
C ILE D 59 -27.76 -40.71 -20.21
N GLN D 60 -27.99 -40.83 -18.90
CA GLN D 60 -28.47 -39.72 -18.08
C GLN D 60 -27.39 -39.20 -17.14
N HIS D 61 -26.18 -39.73 -17.23
CA HIS D 61 -25.07 -39.35 -16.36
C HIS D 61 -24.14 -38.43 -17.12
N VAL D 62 -24.32 -37.12 -16.93
CA VAL D 62 -23.47 -36.11 -17.53
C VAL D 62 -23.28 -34.98 -16.53
N GLU D 63 -22.15 -34.30 -16.63
CA GLU D 63 -21.84 -33.17 -15.76
C GLU D 63 -21.61 -31.95 -16.63
N ILE D 64 -22.38 -30.89 -16.37
CA ILE D 64 -22.26 -29.63 -17.10
C ILE D 64 -21.44 -28.69 -16.24
N TYR D 65 -20.23 -28.36 -16.70
CA TYR D 65 -19.35 -27.50 -15.93
C TYR D 65 -19.86 -26.07 -15.92
N SER D 66 -20.24 -25.56 -17.09
CA SER D 66 -20.72 -24.19 -17.21
C SER D 66 -21.39 -24.02 -18.57
N LEU D 67 -22.40 -23.15 -18.61
CA LEU D 67 -23.17 -22.94 -19.83
C LEU D 67 -23.57 -21.46 -19.90
N GLU D 68 -22.57 -20.61 -20.13
CA GLU D 68 -22.79 -19.21 -20.45
C GLU D 68 -22.45 -18.98 -21.91
N GLN D 69 -23.10 -17.99 -22.52
CA GLN D 69 -22.91 -17.76 -23.95
C GLN D 69 -21.45 -17.48 -24.29
N GLY D 70 -20.68 -16.98 -23.33
CA GLY D 70 -19.25 -16.80 -23.56
C GLY D 70 -18.49 -18.09 -23.39
N ASN D 71 -18.71 -18.76 -22.26
CA ASN D 71 -17.98 -19.96 -21.88
C ASN D 71 -18.95 -21.14 -21.84
N ILE D 72 -19.05 -21.84 -22.97
CA ILE D 72 -19.80 -23.10 -23.06
C ILE D 72 -18.81 -24.23 -22.84
N ASP D 73 -19.00 -25.00 -21.78
CA ASP D 73 -18.10 -26.11 -21.47
C ASP D 73 -18.88 -27.21 -20.79
N ILE D 74 -19.14 -28.30 -21.50
CA ILE D 74 -19.80 -29.48 -20.96
C ILE D 74 -19.09 -30.73 -21.46
N GLU D 75 -19.14 -31.79 -20.67
CA GLU D 75 -18.52 -33.06 -21.03
C GLU D 75 -19.56 -34.16 -21.03
N MET D 76 -19.37 -35.13 -21.93
CA MET D 76 -20.26 -36.27 -22.06
C MET D 76 -19.44 -37.56 -22.10
N THR D 77 -20.15 -38.68 -21.97
CA THR D 77 -19.57 -40.01 -22.09
C THR D 77 -20.46 -40.82 -23.01
N ILE D 78 -19.87 -41.40 -24.05
CA ILE D 78 -20.64 -42.07 -25.09
C ILE D 78 -20.03 -43.43 -25.38
N PRO D 79 -20.81 -44.34 -25.95
CA PRO D 79 -20.23 -45.62 -26.41
C PRO D 79 -19.19 -45.39 -27.50
N PHE D 80 -18.27 -46.35 -27.63
CA PHE D 80 -17.17 -46.23 -28.59
C PHE D 80 -17.67 -45.94 -29.99
N SER D 81 -18.71 -46.65 -30.42
CA SER D 81 -19.36 -46.42 -31.70
C SER D 81 -18.39 -46.48 -32.87
N GLY D 84 -18.42 -40.47 -37.33
CA GLY D 84 -18.95 -39.12 -37.32
C GLY D 84 -19.98 -38.90 -36.23
N GLU D 85 -20.26 -39.95 -35.46
CA GLU D 85 -21.25 -39.86 -34.39
C GLU D 85 -20.79 -38.93 -33.28
N SER D 86 -19.47 -38.84 -33.05
CA SER D 86 -18.95 -37.91 -32.06
C SER D 86 -19.14 -36.46 -32.46
N GLU D 87 -19.53 -36.19 -33.70
CA GLU D 87 -19.81 -34.83 -34.16
C GLU D 87 -21.25 -34.61 -34.58
N LYS D 88 -22.01 -35.67 -34.88
CA LYS D 88 -23.43 -35.51 -35.16
C LYS D 88 -24.27 -35.43 -33.89
N ILE D 89 -23.65 -35.62 -32.72
CA ILE D 89 -24.29 -35.28 -31.46
C ILE D 89 -24.11 -33.81 -31.11
N ILE D 90 -23.42 -33.04 -31.96
CA ILE D 90 -23.22 -31.62 -31.71
C ILE D 90 -24.30 -30.78 -32.37
N ALA D 91 -24.84 -31.24 -33.51
CA ALA D 91 -25.94 -30.52 -34.14
C ALA D 91 -27.14 -30.29 -33.22
N PRO D 92 -27.62 -31.28 -32.46
CA PRO D 92 -28.67 -30.96 -31.48
C PRO D 92 -28.18 -30.10 -30.32
N MET D 93 -26.94 -30.31 -29.86
CA MET D 93 -26.37 -29.43 -28.86
C MET D 93 -26.15 -28.02 -29.39
N LEU D 94 -25.98 -27.88 -30.70
CA LEU D 94 -25.81 -26.55 -31.28
C LEU D 94 -27.15 -25.83 -31.46
N SER D 95 -28.20 -26.57 -31.80
CA SER D 95 -29.48 -25.95 -32.12
C SER D 95 -30.22 -25.49 -30.87
N ASP D 96 -30.18 -26.29 -29.80
CA ASP D 96 -30.90 -25.93 -28.58
C ASP D 96 -30.26 -24.73 -27.88
N ILE D 97 -28.94 -24.60 -27.96
CA ILE D 97 -28.26 -23.44 -27.39
C ILE D 97 -28.55 -22.17 -28.19
N LEU D 98 -28.93 -22.32 -29.47
CA LEU D 98 -29.46 -21.25 -30.30
C LEU D 98 -28.41 -20.22 -30.70
N GLU D 99 -27.53 -19.82 -29.78
CA GLU D 99 -26.63 -18.69 -30.02
C GLU D 99 -25.27 -19.12 -30.57
N GLU D 100 -24.42 -19.69 -29.72
CA GLU D 100 -23.02 -19.87 -30.06
C GLU D 100 -22.74 -21.23 -30.69
N GLN D 101 -21.84 -21.23 -31.67
CA GLN D 101 -21.40 -22.46 -32.30
C GLN D 101 -20.61 -23.33 -31.31
N ILE D 102 -20.67 -24.64 -31.53
CA ILE D 102 -19.99 -25.61 -30.67
C ILE D 102 -19.04 -26.45 -31.50
N LEU D 103 -17.88 -26.76 -30.92
CA LEU D 103 -16.89 -27.64 -31.53
C LEU D 103 -16.86 -28.97 -30.79
N VAL D 104 -16.20 -29.94 -31.42
CA VAL D 104 -16.12 -31.31 -30.93
C VAL D 104 -14.69 -31.59 -30.49
N LYS D 105 -14.55 -32.29 -29.36
CA LYS D 105 -13.24 -32.73 -28.86
C LYS D 105 -13.45 -34.08 -28.18
N ALA D 106 -13.50 -35.14 -28.99
CA ALA D 106 -13.82 -36.49 -28.55
C ALA D 106 -12.55 -37.34 -28.60
N GLU D 107 -12.10 -37.80 -27.43
CA GLU D 107 -10.90 -38.62 -27.31
C GLU D 107 -11.27 -39.95 -26.67
N GLN D 108 -10.95 -41.04 -27.36
CA GLN D 108 -11.21 -42.39 -26.84
C GLN D 108 -10.18 -42.74 -25.78
N HIS D 109 -10.67 -43.05 -24.57
CA HIS D 109 -9.76 -43.33 -23.46
C HIS D 109 -9.13 -44.71 -23.57
N SER D 110 -9.93 -45.72 -23.92
CA SER D 110 -9.46 -47.10 -23.97
C SER D 110 -9.59 -47.66 -25.38
N PRO D 111 -8.50 -48.16 -25.98
CA PRO D 111 -8.58 -48.79 -27.32
C PRO D 111 -8.96 -50.26 -27.24
N HIS D 112 -10.20 -50.50 -26.84
CA HIS D 112 -10.75 -51.83 -26.69
C HIS D 112 -12.19 -51.83 -27.17
N PRO D 113 -12.79 -52.99 -27.42
CA PRO D 113 -14.21 -53.02 -27.81
C PRO D 113 -15.11 -52.24 -26.86
N ASN D 114 -14.79 -52.22 -25.58
CA ASN D 114 -15.46 -51.31 -24.64
C ASN D 114 -14.69 -50.00 -24.64
N GLY D 115 -15.36 -48.92 -25.07
CA GLY D 115 -14.72 -47.65 -25.25
C GLY D 115 -14.33 -46.91 -23.98
N TYR D 116 -15.27 -46.75 -23.05
CA TYR D 116 -15.06 -45.90 -21.88
C TYR D 116 -14.65 -44.50 -22.32
N SER D 117 -15.36 -43.99 -23.31
CA SER D 117 -14.97 -42.80 -24.05
C SER D 117 -15.17 -41.54 -23.21
N HIS D 118 -14.65 -40.43 -23.73
CA HIS D 118 -14.78 -39.13 -23.11
C HIS D 118 -14.75 -38.07 -24.19
N VAL D 119 -15.52 -37.01 -24.00
CA VAL D 119 -15.62 -35.94 -24.99
C VAL D 119 -15.82 -34.61 -24.26
N ALA D 120 -15.19 -33.57 -24.80
CA ALA D 120 -15.28 -32.22 -24.23
C ALA D 120 -15.77 -31.26 -25.31
N PHE D 121 -16.63 -30.34 -24.91
CA PHE D 121 -17.24 -29.39 -25.84
C PHE D 121 -16.94 -27.97 -25.40
N GLY D 122 -16.54 -27.13 -26.36
CA GLY D 122 -16.32 -25.73 -26.10
C GLY D 122 -16.88 -24.89 -27.23
N SER D 123 -17.21 -23.66 -26.90
CA SER D 123 -17.62 -22.70 -27.93
C SER D 123 -16.41 -22.30 -28.76
N THR D 124 -16.67 -21.56 -29.84
CA THR D 124 -15.63 -21.08 -30.73
C THR D 124 -15.50 -19.58 -30.61
N LYS D 125 -14.27 -19.09 -30.49
CA LYS D 125 -14.00 -17.66 -30.46
C LYS D 125 -13.28 -17.27 -31.75
N SER D 126 -13.69 -16.15 -32.31
CA SER D 126 -13.10 -15.60 -33.52
C SER D 126 -12.37 -14.30 -33.19
N TYR D 127 -11.58 -13.83 -34.16
CA TYR D 127 -10.85 -12.58 -34.05
C TYR D 127 -9.90 -12.56 -32.85
N ARG D 128 -8.65 -12.99 -33.07
CA ARG D 128 -7.64 -12.89 -32.03
C ARG D 128 -7.25 -11.43 -31.83
N VAL D 129 -7.02 -11.05 -30.57
CA VAL D 129 -6.75 -9.67 -30.21
C VAL D 129 -5.29 -9.54 -29.77
N SER D 130 -4.71 -8.38 -30.06
CA SER D 130 -3.37 -8.03 -29.64
C SER D 130 -3.40 -6.67 -28.97
N THR D 131 -2.71 -6.55 -27.84
CA THR D 131 -2.79 -5.38 -26.99
C THR D 131 -1.44 -4.70 -26.83
N GLY D 132 -1.46 -3.56 -26.16
CA GLY D 132 -0.29 -2.75 -25.92
C GLY D 132 -0.67 -1.39 -25.38
N ALA D 133 0.12 -0.85 -24.45
CA ALA D 133 -0.20 0.43 -23.83
C ALA D 133 1.07 1.11 -23.35
N ALA D 134 0.96 2.40 -23.08
CA ALA D 134 2.07 3.21 -22.62
C ALA D 134 1.64 4.04 -21.42
N HIS D 135 2.51 4.09 -20.41
CA HIS D 135 2.21 4.76 -19.15
C HIS D 135 3.21 5.88 -18.92
N ALA D 136 2.74 7.00 -18.37
CA ALA D 136 3.60 8.14 -18.14
C ALA D 136 3.01 9.01 -17.03
N ALA D 137 3.90 9.65 -16.28
CA ALA D 137 3.50 10.55 -15.21
C ALA D 137 3.80 12.00 -15.60
N LYS D 138 2.96 12.92 -15.10
CA LYS D 138 3.11 14.32 -15.42
C LYS D 138 4.45 14.88 -14.95
N GLY D 139 4.65 14.93 -13.63
CA GLY D 139 5.90 15.45 -13.10
C GLY D 139 7.01 14.44 -13.11
N GLY D 140 6.88 13.40 -13.92
CA GLY D 140 7.89 12.35 -13.96
C GLY D 140 8.02 11.57 -12.67
N GLY D 141 7.01 11.64 -11.80
CA GLY D 141 7.09 11.02 -10.49
C GLY D 141 6.47 9.63 -10.47
N LEU D 142 6.60 8.99 -9.31
CA LEU D 142 6.21 7.59 -9.16
C LEU D 142 4.75 7.38 -9.53
N VAL D 143 3.86 8.26 -9.08
CA VAL D 143 2.42 8.07 -9.19
C VAL D 143 1.87 8.97 -10.30
N SER D 144 1.02 8.38 -11.14
CA SER D 144 0.34 9.09 -12.21
C SER D 144 -1.17 9.12 -11.93
N GLY D 145 -1.82 10.16 -12.44
CA GLY D 145 -3.25 10.33 -12.25
C GLY D 145 -4.13 9.56 -13.19
N ASP D 146 -3.57 8.86 -14.16
CA ASP D 146 -4.33 8.06 -15.12
C ASP D 146 -4.14 6.58 -14.83
N SER D 147 -5.23 5.83 -14.92
CA SER D 147 -5.22 4.39 -14.70
C SER D 147 -6.00 3.70 -15.82
N TYR D 148 -5.51 2.56 -16.26
CA TYR D 148 -6.12 1.80 -17.33
C TYR D 148 -6.14 0.32 -16.95
N SER D 149 -6.94 -0.45 -17.69
CA SER D 149 -7.03 -1.88 -17.48
C SER D 149 -7.57 -2.54 -18.73
N MET D 150 -7.12 -3.77 -18.98
CA MET D 150 -7.59 -4.52 -20.14
C MET D 150 -7.46 -6.01 -19.81
N MET D 151 -8.59 -6.69 -19.62
CA MET D 151 -8.60 -8.12 -19.35
C MET D 151 -9.65 -8.79 -20.22
N GLU D 152 -9.47 -10.08 -20.45
CA GLU D 152 -10.42 -10.86 -21.23
C GLU D 152 -11.42 -11.53 -20.30
N LEU D 153 -12.70 -11.47 -20.69
CA LEU D 153 -13.77 -12.08 -19.89
C LEU D 153 -14.22 -13.35 -20.60
N GLY D 154 -13.41 -14.40 -20.46
CA GLY D 154 -13.71 -15.68 -21.08
C GLY D 154 -13.41 -15.72 -22.55
N ALA D 155 -14.40 -16.05 -23.37
CA ALA D 155 -14.21 -16.22 -24.80
C ALA D 155 -14.89 -15.14 -25.64
N ARG D 156 -15.88 -14.44 -25.10
CA ARG D 156 -16.72 -13.61 -25.96
C ARG D 156 -16.10 -12.22 -26.19
N LYS D 157 -15.69 -11.53 -25.13
CA LYS D 157 -15.38 -10.11 -25.24
C LYS D 157 -14.05 -9.78 -24.57
N TYR D 158 -13.39 -8.76 -25.10
CA TYR D 158 -12.18 -8.20 -24.51
C TYR D 158 -12.46 -6.75 -24.12
N ALA D 159 -12.07 -6.38 -22.91
CA ALA D 159 -12.40 -5.08 -22.34
C ALA D 159 -11.19 -4.16 -22.27
N ALA D 160 -11.46 -2.86 -22.31
CA ALA D 160 -10.41 -1.85 -22.22
C ALA D 160 -11.01 -0.56 -21.68
N ALA D 161 -10.52 -0.11 -20.52
CA ALA D 161 -11.05 1.07 -19.85
C ALA D 161 -9.92 2.00 -19.46
N ILE D 162 -10.21 3.31 -19.47
CA ILE D 162 -9.26 4.35 -19.10
C ILE D 162 -10.00 5.42 -18.32
N SER D 163 -9.47 5.78 -17.16
CA SER D 163 -10.10 6.76 -16.29
C SER D 163 -9.14 7.90 -15.97
N ASP D 164 -9.71 9.09 -15.81
CA ASP D 164 -8.93 10.29 -15.50
C ASP D 164 -9.30 10.82 -14.12
N ARG D 171 -4.15 12.29 -4.92
CA ARG D 171 -5.55 12.68 -4.76
C ARG D 171 -6.35 12.22 -5.98
N ALA D 172 -5.69 12.17 -7.13
CA ALA D 172 -6.30 11.71 -8.36
C ALA D 172 -6.01 10.25 -8.67
N HIS D 173 -4.91 9.70 -8.13
CA HIS D 173 -4.57 8.31 -8.37
C HIS D 173 -5.59 7.37 -7.76
N PHE D 174 -5.77 7.45 -6.43
CA PHE D 174 -6.75 6.63 -5.74
C PHE D 174 -8.18 6.91 -6.19
N GLU D 175 -8.40 8.03 -6.88
CA GLU D 175 -9.71 8.36 -7.42
C GLU D 175 -9.93 7.70 -8.79
N SER D 176 -8.90 7.67 -9.63
CA SER D 176 -9.03 7.04 -10.95
C SER D 176 -8.81 5.54 -10.88
N ASN D 177 -7.79 5.10 -10.16
CA ASN D 177 -7.46 3.68 -10.12
C ASN D 177 -8.55 2.86 -9.45
N GLU D 178 -9.25 3.42 -8.46
CA GLU D 178 -10.27 2.67 -7.74
C GLU D 178 -11.52 2.48 -8.59
N THR D 179 -11.85 3.44 -9.44
CA THR D 179 -13.05 3.34 -10.26
C THR D 179 -12.97 2.15 -11.21
N ILE D 180 -11.85 2.01 -11.92
CA ILE D 180 -11.70 0.91 -12.86
C ILE D 180 -11.70 -0.42 -12.12
N LYS D 181 -11.10 -0.45 -10.93
CA LYS D 181 -11.13 -1.65 -10.11
C LYS D 181 -12.54 -1.99 -9.66
N LEU D 182 -13.37 -0.98 -9.37
CA LEU D 182 -14.77 -1.23 -9.08
C LEU D 182 -15.53 -1.59 -10.35
N LEU D 183 -15.16 -1.00 -11.48
CA LEU D 183 -15.76 -1.38 -12.75
C LEU D 183 -15.34 -2.78 -13.19
N GLU D 184 -14.14 -3.21 -12.80
CA GLU D 184 -13.61 -4.49 -13.24
C GLU D 184 -14.39 -5.67 -12.70
N LYS D 185 -15.20 -5.48 -11.65
CA LYS D 185 -15.99 -6.55 -11.07
C LYS D 185 -17.44 -6.55 -11.54
N ILE D 186 -18.03 -5.37 -11.75
CA ILE D 186 -19.39 -5.31 -12.25
C ILE D 186 -19.43 -5.73 -13.72
N LEU D 187 -18.40 -5.38 -14.48
CA LEU D 187 -18.33 -5.78 -15.88
C LEU D 187 -18.01 -7.26 -16.02
N GLU D 188 -17.33 -7.85 -15.02
CA GLU D 188 -16.96 -9.26 -15.08
C GLU D 188 -18.15 -10.18 -14.91
N SER D 189 -19.23 -9.71 -14.30
CA SER D 189 -20.38 -10.56 -14.02
C SER D 189 -21.06 -11.04 -15.30
N GLY D 190 -20.93 -10.29 -16.39
CA GLY D 190 -21.58 -10.66 -17.64
C GLY D 190 -22.98 -10.11 -17.75
N ILE D 191 -23.16 -8.86 -17.35
CA ILE D 191 -24.46 -8.21 -17.38
C ILE D 191 -24.45 -7.18 -18.52
N ASP D 192 -25.63 -6.66 -18.84
CA ASP D 192 -25.76 -5.65 -19.88
C ASP D 192 -24.83 -4.47 -19.58
N GLU D 193 -24.07 -4.06 -20.59
CA GLU D 193 -23.06 -3.02 -20.40
C GLU D 193 -23.70 -1.68 -20.05
N LYS D 194 -24.91 -1.42 -20.55
CA LYS D 194 -25.58 -0.17 -20.23
C LYS D 194 -26.05 -0.14 -18.78
N ILE D 195 -26.47 -1.29 -18.24
CA ILE D 195 -26.90 -1.34 -16.84
C ILE D 195 -25.69 -1.40 -15.91
N ALA D 196 -24.59 -2.02 -16.36
CA ALA D 196 -23.38 -2.05 -15.52
C ALA D 196 -22.80 -0.67 -15.32
N ILE D 197 -23.02 0.25 -16.27
CA ILE D 197 -22.52 1.61 -16.12
C ILE D 197 -23.44 2.43 -15.24
N LYS D 198 -24.75 2.22 -15.35
CA LYS D 198 -25.70 2.90 -14.46
C LYS D 198 -25.46 2.53 -13.00
N THR D 199 -24.90 1.34 -12.76
CA THR D 199 -24.52 0.98 -11.40
C THR D 199 -23.31 1.77 -10.93
N ILE D 200 -22.29 1.88 -11.78
CA ILE D 200 -21.13 2.69 -11.44
C ILE D 200 -21.51 4.16 -11.37
N ASN D 201 -22.38 4.61 -12.27
CA ASN D 201 -22.88 5.98 -12.20
C ASN D 201 -23.61 6.24 -10.89
N SER D 202 -24.27 5.21 -10.34
CA SER D 202 -25.02 5.39 -9.10
C SER D 202 -24.14 5.26 -7.86
N ILE D 203 -23.27 4.24 -7.82
CA ILE D 203 -22.45 4.00 -6.64
C ILE D 203 -21.48 5.16 -6.41
N LEU D 204 -20.97 5.75 -7.48
CA LEU D 204 -19.94 6.77 -7.38
C LEU D 204 -20.50 8.18 -7.15
N SER D 205 -21.81 8.32 -7.01
CA SER D 205 -22.42 9.63 -6.76
C SER D 205 -22.15 10.03 -5.31
N LEU D 206 -21.35 11.07 -5.12
CA LEU D 206 -20.94 11.52 -3.80
C LEU D 206 -20.85 13.03 -3.76
N ARG D 207 -21.48 13.66 -2.77
CA ARG D 207 -21.40 15.07 -2.42
C ARG D 207 -22.22 15.96 -3.35
N THR D 208 -22.70 15.45 -4.48
CA THR D 208 -23.49 16.23 -5.45
C THR D 208 -22.73 17.48 -5.91
N THR D 209 -21.48 17.27 -6.30
CA THR D 209 -20.65 18.31 -6.88
C THR D 209 -20.71 18.18 -8.40
N ASP D 210 -19.95 19.04 -9.09
CA ASP D 210 -19.83 18.99 -10.54
C ASP D 210 -18.49 18.35 -10.90
N GLU D 211 -18.55 17.38 -11.82
CA GLU D 211 -17.35 16.62 -12.21
C GLU D 211 -16.69 15.98 -11.00
N ILE D 212 -17.51 15.29 -10.19
CA ILE D 212 -17.07 14.75 -8.91
C ILE D 212 -15.99 13.71 -9.10
N TYR D 213 -16.37 12.55 -9.61
CA TYR D 213 -15.51 11.38 -9.60
C TYR D 213 -14.82 11.20 -10.94
N SER D 214 -14.25 10.02 -11.14
CA SER D 214 -13.40 9.78 -12.30
C SER D 214 -14.24 9.57 -13.56
N THR D 215 -13.95 10.36 -14.60
CA THR D 215 -14.43 10.03 -15.93
C THR D 215 -13.81 8.72 -16.38
N LEU D 216 -14.56 7.91 -17.13
CA LEU D 216 -14.03 6.66 -17.66
C LEU D 216 -14.40 6.55 -19.13
N ASP D 217 -13.68 5.67 -19.83
CA ASP D 217 -13.87 5.47 -21.26
C ASP D 217 -13.76 3.97 -21.53
N LEU D 218 -14.89 3.32 -21.76
CA LEU D 218 -14.96 1.87 -21.87
C LEU D 218 -15.27 1.46 -23.30
N SER D 219 -14.43 0.57 -23.84
CA SER D 219 -14.62 0.00 -25.16
C SER D 219 -14.60 -1.52 -25.03
N ILE D 220 -15.68 -2.17 -25.46
CA ILE D 220 -15.85 -3.61 -25.33
C ILE D 220 -15.98 -4.20 -26.73
N ILE D 221 -15.06 -5.08 -27.08
CA ILE D 221 -15.01 -5.71 -28.40
C ILE D 221 -15.47 -7.15 -28.26
N ASP D 222 -16.64 -7.45 -28.82
CA ASP D 222 -17.15 -8.82 -28.81
C ASP D 222 -16.45 -9.62 -29.90
N LEU D 223 -15.79 -10.71 -29.51
CA LEU D 223 -15.12 -11.59 -30.46
C LEU D 223 -16.09 -12.53 -31.15
N GLN D 224 -17.37 -12.49 -30.80
CA GLN D 224 -18.36 -13.34 -31.45
C GLN D 224 -18.54 -12.95 -32.92
N ASP D 225 -18.86 -11.68 -33.18
CA ASP D 225 -19.15 -11.21 -34.53
C ASP D 225 -18.51 -9.86 -34.81
N ALA D 226 -17.43 -9.54 -34.10
CA ALA D 226 -16.64 -8.32 -34.31
C ALA D 226 -17.46 -7.06 -34.11
N SER D 227 -18.41 -7.09 -33.17
CA SER D 227 -19.17 -5.91 -32.80
C SER D 227 -18.52 -5.25 -31.58
N CYS D 228 -18.67 -3.94 -31.48
CA CYS D 228 -18.05 -3.17 -30.42
C CYS D 228 -19.09 -2.31 -29.71
N LYS D 229 -18.87 -2.12 -28.40
CA LYS D 229 -19.75 -1.31 -27.56
C LYS D 229 -18.91 -0.16 -27.00
N PHE D 230 -19.04 1.02 -27.59
CA PHE D 230 -18.31 2.21 -27.13
C PHE D 230 -19.15 2.93 -26.08
N LEU D 231 -18.72 2.83 -24.82
CA LEU D 231 -19.37 3.51 -23.71
C LEU D 231 -18.48 4.66 -23.27
N LYS D 232 -18.99 5.89 -23.41
CA LYS D 232 -18.28 7.09 -23.02
C LYS D 232 -19.09 7.83 -21.97
N VAL D 233 -18.51 8.04 -20.80
CA VAL D 233 -19.09 8.92 -19.79
C VAL D 233 -18.32 10.22 -19.64
N GLY D 234 -17.02 10.24 -19.94
CA GLY D 234 -16.21 11.43 -19.83
C GLY D 234 -15.98 12.21 -21.11
N SER D 235 -16.69 11.86 -22.20
CA SER D 235 -16.54 12.54 -23.49
C SER D 235 -15.09 12.55 -23.95
N THR D 236 -14.34 11.52 -23.57
CA THR D 236 -12.96 11.39 -24.02
C THR D 236 -12.95 10.78 -25.42
N PRO D 237 -12.41 11.45 -26.43
CA PRO D 237 -12.51 10.94 -27.80
C PRO D 237 -11.64 9.71 -28.02
N SER D 238 -12.09 8.85 -28.92
CA SER D 238 -11.36 7.68 -29.35
C SER D 238 -11.34 7.64 -30.87
N PHE D 239 -10.40 6.86 -31.42
CA PHE D 239 -10.22 6.78 -32.86
C PHE D 239 -10.07 5.31 -33.27
N ILE D 240 -10.35 5.06 -34.54
CA ILE D 240 -10.21 3.74 -35.15
C ILE D 240 -9.46 3.90 -36.46
N LYS D 241 -8.39 3.12 -36.64
CA LYS D 241 -7.56 3.18 -37.83
C LYS D 241 -7.68 1.87 -38.60
N ARG D 242 -8.05 1.97 -39.88
CA ARG D 242 -8.10 0.84 -40.79
C ARG D 242 -7.22 1.17 -41.99
N GLY D 243 -6.03 0.58 -42.05
CA GLY D 243 -5.08 0.89 -43.09
C GLY D 243 -4.61 2.32 -43.03
N ASP D 244 -5.29 3.22 -43.75
CA ASP D 244 -4.95 4.63 -43.77
C ASP D 244 -6.10 5.53 -43.36
N GLN D 245 -7.26 4.98 -43.04
CA GLN D 245 -8.41 5.78 -42.63
C GLN D 245 -8.37 6.00 -41.12
N VAL D 246 -8.85 7.17 -40.71
CA VAL D 246 -8.92 7.55 -39.30
C VAL D 246 -10.34 8.06 -39.04
N MET D 247 -11.15 7.24 -38.37
CA MET D 247 -12.51 7.61 -38.01
C MET D 247 -12.58 7.96 -36.53
N LYS D 248 -13.25 9.06 -36.22
CA LYS D 248 -13.42 9.53 -34.86
C LYS D 248 -14.82 9.21 -34.35
N VAL D 249 -14.90 8.69 -33.13
CA VAL D 249 -16.16 8.39 -32.47
C VAL D 249 -16.33 9.34 -31.30
N GLN D 250 -17.52 9.91 -31.16
CA GLN D 250 -17.80 10.84 -30.08
C GLN D 250 -19.28 10.80 -29.75
N ALA D 251 -19.59 11.16 -28.51
CA ALA D 251 -20.97 11.22 -28.04
C ALA D 251 -21.07 12.33 -27.00
N SER D 252 -22.30 12.62 -26.58
CA SER D 252 -22.58 13.74 -25.70
C SER D 252 -23.09 13.20 -24.35
N ASN D 253 -22.23 13.27 -23.33
CA ASN D 253 -22.62 13.02 -21.95
C ASN D 253 -21.51 13.45 -21.02
N LEU D 254 -21.87 13.67 -19.75
CA LEU D 254 -21.05 14.32 -18.73
C LEU D 254 -20.45 13.30 -17.77
N PRO D 255 -19.38 13.68 -17.00
CA PRO D 255 -18.61 12.70 -16.23
C PRO D 255 -19.38 11.89 -15.20
N ILE D 256 -18.66 10.96 -14.56
CA ILE D 256 -19.25 10.06 -13.59
C ILE D 256 -19.67 10.82 -12.34
N GLY D 257 -20.79 10.40 -11.75
CA GLY D 257 -21.36 11.03 -10.58
C GLY D 257 -22.87 10.97 -10.67
N ILE D 258 -23.53 12.11 -10.53
CA ILE D 258 -24.94 12.18 -10.88
C ILE D 258 -25.12 13.50 -11.63
N ILE D 259 -24.18 13.77 -12.53
CA ILE D 259 -24.17 15.04 -13.26
C ILE D 259 -25.23 15.08 -14.35
N ASN D 260 -25.67 13.92 -14.85
CA ASN D 260 -26.66 13.84 -15.92
C ASN D 260 -27.85 13.00 -15.48
N GLU D 261 -29.00 13.32 -16.05
CA GLU D 261 -30.20 12.50 -15.92
C GLU D 261 -30.35 11.63 -17.16
N PHE D 262 -31.21 10.62 -17.05
CA PHE D 262 -31.47 9.67 -18.13
C PHE D 262 -30.18 8.96 -18.56
N ASP D 263 -29.33 8.67 -17.57
CA ASP D 263 -28.16 7.80 -17.68
C ASP D 263 -27.28 8.04 -18.90
N VAL D 264 -26.73 6.95 -19.44
CA VAL D 264 -25.67 7.00 -20.44
C VAL D 264 -26.15 6.35 -21.72
N GLU D 265 -25.75 6.92 -22.85
CA GLU D 265 -26.08 6.41 -24.17
C GLU D 265 -25.07 5.37 -24.63
N VAL D 266 -25.54 4.44 -25.46
CA VAL D 266 -24.69 3.38 -26.00
C VAL D 266 -24.31 3.73 -27.43
N VAL D 267 -23.08 3.40 -27.81
CA VAL D 267 -22.57 3.66 -29.15
C VAL D 267 -21.98 2.36 -29.69
N SER D 268 -22.32 2.02 -30.93
CA SER D 268 -21.87 0.80 -31.58
C SER D 268 -21.10 1.13 -32.85
N GLU D 269 -20.09 0.30 -33.13
CA GLU D 269 -19.29 0.43 -34.34
C GLU D 269 -18.94 -0.98 -34.84
N GLN D 270 -18.67 -1.07 -36.14
CA GLN D 270 -18.31 -2.32 -36.79
C GLN D 270 -16.90 -2.22 -37.35
N LEU D 271 -16.05 -3.18 -37.01
CA LEU D 271 -14.67 -3.20 -37.45
C LEU D 271 -14.34 -4.54 -38.10
N LYS D 272 -13.22 -4.58 -38.81
CA LYS D 272 -12.78 -5.79 -39.50
C LYS D 272 -11.35 -6.13 -39.13
N ALA D 273 -10.75 -7.09 -39.82
CA ALA D 273 -9.39 -7.51 -39.51
C ALA D 273 -8.38 -6.42 -39.87
N GLY D 274 -7.28 -6.38 -39.13
CA GLY D 274 -6.24 -5.39 -39.34
C GLY D 274 -6.51 -4.02 -38.78
N ASP D 275 -7.69 -3.79 -38.21
CA ASP D 275 -8.02 -2.49 -37.67
C ASP D 275 -7.26 -2.24 -36.36
N LEU D 276 -7.11 -0.96 -36.03
CA LEU D 276 -6.37 -0.53 -34.84
C LEU D 276 -7.27 0.39 -34.02
N LEU D 277 -7.65 -0.07 -32.83
CA LEU D 277 -8.46 0.72 -31.90
C LEU D 277 -7.52 1.34 -30.88
N ILE D 278 -7.28 2.64 -31.01
CA ILE D 278 -6.43 3.36 -30.06
C ILE D 278 -7.34 4.19 -29.16
N MET D 279 -6.91 4.34 -27.91
CA MET D 279 -7.63 5.13 -26.92
C MET D 279 -6.63 5.91 -26.09
N MET D 280 -7.04 7.09 -25.66
CA MET D 280 -6.20 7.94 -24.83
C MET D 280 -7.09 8.75 -23.89
N SER D 281 -6.46 9.36 -22.90
CA SER D 281 -7.16 10.23 -21.97
C SER D 281 -7.11 11.67 -22.49
N ASP D 282 -7.67 12.59 -21.70
CA ASP D 282 -7.62 14.01 -22.06
C ASP D 282 -6.21 14.57 -22.00
N GLY D 283 -5.26 13.87 -21.36
CA GLY D 283 -3.89 14.33 -21.33
C GLY D 283 -3.12 14.14 -22.61
N ILE D 284 -3.58 13.23 -23.48
CA ILE D 284 -2.94 12.98 -24.75
C ILE D 284 -3.66 13.69 -25.90
N PHE D 285 -5.00 13.63 -25.91
CA PHE D 285 -5.76 14.33 -26.95
C PHE D 285 -5.53 15.83 -26.87
N GLU D 286 -5.55 16.39 -25.66
CA GLU D 286 -5.17 17.78 -25.43
C GLU D 286 -3.70 17.91 -25.06
N GLY D 287 -2.88 16.92 -25.43
CA GLY D 287 -1.47 16.91 -25.11
C GLY D 287 -0.64 17.92 -25.86
N PRO D 288 -0.66 17.89 -27.20
CA PRO D 288 0.17 18.83 -27.97
C PRO D 288 -0.21 20.27 -27.65
N LYS D 289 0.79 21.03 -27.17
CA LYS D 289 0.58 22.39 -26.73
C LYS D 289 0.55 23.39 -27.88
N HIS D 290 1.20 23.08 -29.00
CA HIS D 290 1.19 23.94 -30.19
C HIS D 290 0.15 23.47 -31.20
N VAL D 291 -1.09 23.27 -30.78
CA VAL D 291 -2.15 22.76 -31.65
C VAL D 291 -3.46 23.45 -31.30
N GLU D 292 -4.16 23.93 -32.32
CA GLU D 292 -5.50 24.49 -32.16
C GLU D 292 -6.57 23.40 -32.33
N ASN D 293 -6.60 22.77 -33.50
CA ASN D 293 -7.57 21.72 -33.81
C ASN D 293 -7.00 20.40 -33.33
N HIS D 294 -7.49 19.92 -32.18
CA HIS D 294 -6.99 18.67 -31.62
C HIS D 294 -7.46 17.45 -32.39
N ASP D 295 -8.52 17.57 -33.18
CA ASP D 295 -9.03 16.44 -33.94
C ASP D 295 -8.24 16.24 -35.24
N LEU D 296 -7.99 17.32 -35.97
CA LEU D 296 -7.24 17.22 -37.22
C LEU D 296 -5.79 16.80 -36.97
N TRP D 297 -5.20 17.28 -35.88
CA TRP D 297 -3.81 16.95 -35.58
C TRP D 297 -3.65 15.46 -35.24
N MET D 298 -4.64 14.88 -34.58
CA MET D 298 -4.54 13.46 -34.21
C MET D 298 -4.78 12.57 -35.41
N LYS D 299 -5.56 13.03 -36.41
CA LYS D 299 -5.81 12.23 -37.59
C LYS D 299 -4.57 12.11 -38.47
N ARG D 300 -3.85 13.22 -38.67
CA ARG D 300 -2.68 13.19 -39.53
C ARG D 300 -1.52 12.41 -38.90
N LYS D 301 -1.49 12.35 -37.56
CA LYS D 301 -0.37 11.68 -36.90
C LYS D 301 -0.44 10.17 -37.05
N MET D 302 -1.64 9.61 -37.24
CA MET D 302 -1.75 8.16 -37.36
C MET D 302 -1.45 7.69 -38.78
N LYS D 303 -1.72 8.52 -39.79
CA LYS D 303 -1.39 8.12 -41.16
C LYS D 303 0.11 8.01 -41.36
N GLY D 304 0.91 8.72 -40.56
CA GLY D 304 2.34 8.56 -40.59
C GLY D 304 2.86 7.32 -39.89
N LEU D 305 2.04 6.73 -39.02
CA LEU D 305 2.42 5.49 -38.36
C LEU D 305 2.43 4.35 -39.36
N LYS D 306 3.61 3.75 -39.56
CA LYS D 306 3.74 2.65 -40.51
C LYS D 306 4.12 1.36 -39.78
N THR D 307 3.24 0.90 -38.88
CA THR D 307 3.46 -0.35 -38.17
C THR D 307 2.12 -0.87 -37.69
N ASN D 308 2.07 -2.19 -37.46
CA ASN D 308 0.86 -2.85 -37.00
C ASN D 308 0.98 -3.43 -35.60
N ASP D 309 2.14 -3.32 -34.95
CA ASP D 309 2.29 -3.83 -33.60
C ASP D 309 1.63 -2.86 -32.62
N PRO D 310 0.59 -3.29 -31.89
CA PRO D 310 -0.12 -2.34 -31.02
C PRO D 310 0.73 -1.76 -29.91
N GLN D 311 1.77 -2.47 -29.48
CA GLN D 311 2.61 -1.95 -28.41
C GLN D 311 3.46 -0.77 -28.88
N GLU D 312 4.04 -0.88 -30.08
CA GLU D 312 4.85 0.21 -30.61
C GLU D 312 3.99 1.43 -30.92
N ILE D 313 2.76 1.21 -31.39
CA ILE D 313 1.86 2.32 -31.70
C ILE D 313 1.59 3.15 -30.45
N ALA D 314 1.49 2.49 -29.29
CA ALA D 314 1.31 3.22 -28.05
C ALA D 314 2.54 4.06 -27.70
N ASP D 315 3.73 3.60 -28.07
CA ASP D 315 4.94 4.38 -27.81
C ASP D 315 5.12 5.49 -28.85
N LEU D 316 4.83 5.20 -30.12
CA LEU D 316 5.04 6.18 -31.17
C LEU D 316 4.06 7.34 -31.06
N LEU D 317 2.88 7.10 -30.47
CA LEU D 317 1.93 8.19 -30.25
C LEU D 317 2.28 8.98 -29.00
N MET D 318 2.67 8.29 -27.93
CA MET D 318 2.97 8.98 -26.67
C MET D 318 4.23 9.82 -26.80
N GLU D 319 5.30 9.25 -27.36
CA GLU D 319 6.54 9.98 -27.52
C GLU D 319 6.42 11.11 -28.53
N GLU D 320 5.46 11.02 -29.47
CA GLU D 320 5.25 12.11 -30.41
C GLU D 320 4.56 13.30 -29.75
N VAL D 321 3.69 13.05 -28.77
CA VAL D 321 3.13 14.16 -28.00
C VAL D 321 4.22 14.86 -27.20
N ILE D 322 5.19 14.09 -26.69
CA ILE D 322 6.34 14.69 -26.03
C ILE D 322 7.19 15.46 -27.03
N ARG D 323 7.20 15.03 -28.29
CA ARG D 323 7.98 15.73 -29.31
C ARG D 323 7.49 17.16 -29.52
N THR D 324 6.17 17.38 -29.41
CA THR D 324 5.62 18.72 -29.54
C THR D 324 6.13 19.64 -28.44
N ARG D 325 6.58 19.09 -27.32
CA ARG D 325 7.16 19.84 -26.23
C ARG D 325 8.68 19.61 -26.21
N SER D 326 9.36 20.32 -25.30
CA SER D 326 10.78 20.12 -25.08
C SER D 326 11.02 19.02 -24.04
N GLY D 327 10.44 17.85 -24.29
CA GLY D 327 10.47 16.80 -23.30
C GLY D 327 9.59 17.04 -22.09
N GLN D 328 8.71 18.03 -22.16
CA GLN D 328 7.82 18.34 -21.04
C GLN D 328 6.62 17.41 -21.04
N ILE D 329 6.00 17.29 -19.87
CA ILE D 329 4.80 16.48 -19.68
C ILE D 329 3.83 17.34 -18.87
N GLU D 330 2.93 18.04 -19.56
CA GLU D 330 2.02 18.97 -18.91
C GLU D 330 0.77 18.29 -18.33
N ASP D 331 0.62 16.98 -18.49
CA ASP D 331 -0.53 16.28 -17.93
C ASP D 331 -0.23 14.79 -17.92
N ASP D 332 -1.00 14.05 -17.13
CA ASP D 332 -0.87 12.60 -17.09
C ASP D 332 -1.25 12.00 -18.43
N MET D 333 -0.38 11.14 -18.96
CA MET D 333 -0.55 10.57 -20.28
C MET D 333 -0.71 9.06 -20.18
N THR D 334 -1.65 8.52 -20.95
CA THR D 334 -1.90 7.09 -20.99
C THR D 334 -2.64 6.77 -22.29
N VAL D 335 -2.15 5.77 -23.02
CA VAL D 335 -2.70 5.41 -24.31
C VAL D 335 -2.71 3.89 -24.45
N VAL D 336 -3.81 3.33 -24.95
CA VAL D 336 -3.98 1.90 -25.13
C VAL D 336 -4.33 1.63 -26.58
N VAL D 337 -3.69 0.62 -27.17
CA VAL D 337 -3.89 0.27 -28.57
C VAL D 337 -4.24 -1.21 -28.64
N VAL D 338 -5.24 -1.55 -29.47
CA VAL D 338 -5.70 -2.92 -29.64
C VAL D 338 -5.91 -3.18 -31.13
N ARG D 339 -5.33 -4.27 -31.63
CA ARG D 339 -5.48 -4.69 -33.02
C ARG D 339 -6.32 -5.96 -33.09
N ILE D 340 -7.02 -6.14 -34.21
CA ILE D 340 -7.91 -7.27 -34.42
C ILE D 340 -7.38 -8.11 -35.57
N ASP D 341 -7.19 -9.41 -35.34
CA ASP D 341 -6.73 -10.34 -36.35
C ASP D 341 -7.53 -11.62 -36.26
N HIS D 342 -7.71 -12.30 -37.39
CA HIS D 342 -8.42 -13.56 -37.42
C HIS D 342 -7.56 -14.66 -36.79
N ASN D 343 -8.09 -15.89 -36.81
CA ASN D 343 -7.37 -17.05 -36.30
C ASN D 343 -6.75 -17.87 -37.42
N LEU E 5 -7.84 -21.68 -16.67
CA LEU E 5 -8.91 -22.66 -16.75
C LEU E 5 -10.25 -21.99 -17.04
N LYS E 6 -10.79 -22.22 -18.24
CA LYS E 6 -12.11 -21.71 -18.58
C LYS E 6 -13.19 -22.31 -17.68
N LYS E 7 -12.91 -23.46 -17.06
CA LYS E 7 -13.83 -23.99 -16.05
C LYS E 7 -13.80 -23.14 -14.79
N LYS E 8 -12.67 -22.49 -14.50
CA LYS E 8 -12.56 -21.62 -13.34
C LYS E 8 -12.93 -20.17 -13.65
N VAL E 9 -12.70 -19.71 -14.88
CA VAL E 9 -13.04 -18.34 -15.24
C VAL E 9 -14.53 -18.10 -15.08
N GLN E 10 -15.36 -19.04 -15.53
CA GLN E 10 -16.80 -18.92 -15.34
C GLN E 10 -17.21 -19.19 -13.89
N ASP E 11 -16.55 -20.17 -13.24
CA ASP E 11 -16.87 -20.49 -11.86
C ASP E 11 -16.50 -19.34 -10.93
N SER E 12 -15.44 -18.59 -11.26
CA SER E 12 -15.08 -17.41 -10.49
C SER E 12 -15.98 -16.21 -10.78
N ARG E 13 -16.78 -16.26 -11.84
CA ARG E 13 -17.71 -15.17 -12.16
C ARG E 13 -19.05 -15.32 -11.46
N ARG E 14 -19.59 -16.54 -11.42
CA ARG E 14 -20.84 -16.77 -10.68
C ARG E 14 -20.67 -16.52 -9.20
N LEU E 15 -19.45 -16.60 -8.67
CA LEU E 15 -19.19 -16.21 -7.30
C LEU E 15 -19.20 -14.69 -7.16
N VAL E 16 -18.66 -13.98 -8.14
CA VAL E 16 -18.74 -12.52 -8.15
C VAL E 16 -20.20 -12.07 -8.26
N ALA E 17 -21.05 -12.89 -8.88
CA ALA E 17 -22.47 -12.56 -8.97
C ALA E 17 -23.10 -12.46 -7.59
N GLU E 18 -22.82 -13.43 -6.71
CA GLU E 18 -23.35 -13.37 -5.35
C GLU E 18 -22.86 -12.13 -4.61
N GLN E 19 -21.66 -11.65 -4.94
CA GLN E 19 -21.23 -10.35 -4.43
C GLN E 19 -22.16 -9.25 -4.90
N LEU E 20 -22.38 -9.17 -6.22
CA LEU E 20 -23.30 -8.19 -6.76
C LEU E 20 -24.74 -8.47 -6.32
N LEU E 21 -25.06 -9.72 -6.00
CA LEU E 21 -26.37 -10.03 -5.43
C LEU E 21 -26.43 -9.72 -3.94
N GLY E 22 -25.30 -9.88 -3.23
CA GLY E 22 -25.29 -9.57 -1.81
C GLY E 22 -25.52 -8.10 -1.54
N VAL E 23 -24.83 -7.23 -2.29
CA VAL E 23 -25.06 -5.80 -2.16
C VAL E 23 -26.44 -5.43 -2.67
N SER E 24 -26.95 -6.17 -3.67
CA SER E 24 -28.31 -5.93 -4.16
C SER E 24 -29.37 -6.38 -3.17
N GLU E 25 -29.02 -7.28 -2.25
CA GLU E 25 -29.97 -7.73 -1.25
C GLU E 25 -30.16 -6.69 -0.16
N VAL E 26 -29.06 -6.16 0.38
CA VAL E 26 -29.15 -5.13 1.41
C VAL E 26 -29.66 -3.81 0.86
N MET E 27 -29.49 -3.56 -0.43
CA MET E 27 -30.05 -2.36 -1.04
C MET E 27 -31.57 -2.46 -1.14
N ALA E 28 -32.08 -3.63 -1.53
CA ALA E 28 -33.52 -3.84 -1.53
C ALA E 28 -34.07 -3.89 -0.11
N ASP E 29 -33.30 -4.45 0.83
CA ASP E 29 -33.70 -4.40 2.24
C ASP E 29 -33.68 -2.96 2.75
N PHE E 30 -32.76 -2.14 2.26
CA PHE E 30 -32.77 -0.73 2.62
C PHE E 30 -33.98 -0.03 2.03
N SER E 31 -34.39 -0.43 0.83
CA SER E 31 -35.51 0.23 0.15
C SER E 31 -36.82 -0.01 0.89
N ARG E 32 -37.04 -1.23 1.40
CA ARG E 32 -38.27 -1.50 2.13
C ARG E 32 -38.28 -0.82 3.49
N GLU E 33 -37.11 -0.61 4.09
CA GLU E 33 -37.05 0.04 5.40
C GLU E 33 -37.29 1.54 5.29
N ILE E 34 -36.71 2.19 4.29
CA ILE E 34 -36.87 3.64 4.15
C ILE E 34 -38.29 3.98 3.71
N LYS E 35 -38.88 3.14 2.83
CA LYS E 35 -40.28 3.33 2.46
C LYS E 35 -41.19 3.09 3.66
N ARG E 36 -40.83 2.16 4.53
CA ARG E 36 -41.57 1.95 5.77
C ARG E 36 -41.55 3.20 6.63
N GLU E 37 -40.41 3.89 6.67
CA GLU E 37 -40.30 5.13 7.43
C GLU E 37 -41.12 6.25 6.79
N ARG E 38 -41.18 6.29 5.46
CA ARG E 38 -41.97 7.32 4.79
C ARG E 38 -43.47 7.03 4.92
N GLU E 39 -43.87 5.76 4.94
CA GLU E 39 -45.29 5.44 5.08
C GLU E 39 -45.75 5.55 6.52
N GLN E 40 -44.86 5.27 7.48
CA GLN E 40 -45.24 5.42 8.89
C GLN E 40 -45.43 6.89 9.24
N HIS E 41 -44.49 7.75 8.82
CA HIS E 41 -44.61 9.17 9.11
C HIS E 41 -45.77 9.81 8.36
N PHE E 42 -46.09 9.31 7.16
CA PHE E 42 -47.26 9.81 6.45
C PHE E 42 -48.54 9.49 7.21
N LEU E 43 -48.61 8.29 7.80
CA LEU E 43 -49.73 7.95 8.67
C LEU E 43 -49.74 8.83 9.90
N GLN E 44 -48.55 9.17 10.43
CA GLN E 44 -48.46 10.10 11.53
C GLN E 44 -49.00 11.46 11.14
N GLU E 45 -48.68 11.91 9.92
CA GLU E 45 -49.14 13.23 9.46
C GLU E 45 -50.66 13.27 9.32
N GLU E 46 -51.25 12.21 8.76
CA GLU E 46 -52.69 12.20 8.54
C GLU E 46 -53.45 12.22 9.87
N GLN E 47 -52.95 11.50 10.86
CA GLN E 47 -53.62 11.47 12.16
C GLN E 47 -53.57 12.82 12.86
N ILE E 48 -52.56 13.64 12.55
CA ILE E 48 -52.38 14.90 13.27
C ILE E 48 -53.46 15.91 12.88
N ILE E 49 -53.80 15.98 11.59
CA ILE E 49 -54.65 17.09 11.13
C ILE E 49 -56.07 16.95 11.65
N GLU E 50 -56.55 15.71 11.87
CA GLU E 50 -57.88 15.56 12.45
C GLU E 50 -57.89 15.91 13.93
N ALA E 51 -56.82 15.54 14.65
CA ALA E 51 -56.72 15.90 16.05
C ALA E 51 -56.58 17.41 16.21
N LEU E 52 -55.83 18.06 15.33
CA LEU E 52 -55.72 19.51 15.38
C LEU E 52 -57.03 20.19 15.00
N GLN E 53 -57.81 19.56 14.12
CA GLN E 53 -59.06 20.18 13.67
C GLN E 53 -60.08 20.25 14.79
N HIS E 54 -60.24 19.17 15.56
CA HIS E 54 -61.22 19.14 16.64
C HIS E 54 -60.73 20.02 17.79
N PHE E 55 -60.85 21.33 17.59
CA PHE E 55 -60.49 22.30 18.61
C PHE E 55 -61.16 23.62 18.29
N GLY E 56 -61.41 24.42 19.34
CA GLY E 56 -62.11 25.68 19.17
C GLY E 56 -61.34 26.70 18.37
N ILE E 57 -60.00 26.59 18.36
CA ILE E 57 -59.18 27.52 17.60
C ILE E 57 -59.10 27.17 16.12
N GLU E 58 -59.64 26.02 15.72
CA GLU E 58 -59.56 25.53 14.35
C GLU E 58 -58.10 25.37 13.94
N ILE E 59 -57.84 25.20 12.65
CA ILE E 59 -56.50 25.28 12.10
C ILE E 59 -56.55 26.30 10.96
N GLN E 60 -55.53 27.15 10.90
CA GLN E 60 -55.39 28.07 9.77
C GLN E 60 -54.39 27.53 8.77
N HIS E 61 -54.65 26.29 8.34
CA HIS E 61 -53.77 25.52 7.45
C HIS E 61 -52.32 25.56 7.93
N VAL E 62 -52.11 24.89 9.07
CA VAL E 62 -50.78 24.73 9.65
C VAL E 62 -49.90 23.94 8.70
N GLU E 63 -48.64 24.37 8.59
CA GLU E 63 -47.65 23.67 7.78
C GLU E 63 -46.68 22.90 8.66
N ILE E 64 -46.52 21.62 8.37
CA ILE E 64 -45.49 20.79 9.00
C ILE E 64 -44.24 20.89 8.14
N TYR E 65 -43.17 21.45 8.72
CA TYR E 65 -41.93 21.58 7.96
C TYR E 65 -41.17 20.27 7.90
N SER E 66 -41.07 19.58 9.03
CA SER E 66 -40.43 18.26 9.08
C SER E 66 -40.86 17.59 10.37
N LEU E 67 -41.05 16.26 10.32
CA LEU E 67 -41.54 15.49 11.44
C LEU E 67 -40.77 14.17 11.50
N GLU E 68 -39.51 14.28 11.91
CA GLU E 68 -38.68 13.11 12.22
C GLU E 68 -38.67 12.92 13.73
N GLN E 69 -38.54 11.66 14.15
CA GLN E 69 -38.52 11.38 15.59
C GLN E 69 -37.35 12.06 16.29
N GLY E 70 -36.31 12.43 15.57
CA GLY E 70 -35.22 13.19 16.14
C GLY E 70 -35.56 14.66 16.29
N ASN E 71 -35.85 15.33 15.17
CA ASN E 71 -36.19 16.74 15.17
C ASN E 71 -37.63 16.90 14.69
N ILE E 72 -38.53 17.16 15.62
CA ILE E 72 -39.93 17.43 15.33
C ILE E 72 -40.09 18.94 15.25
N ASP E 73 -40.58 19.45 14.12
CA ASP E 73 -40.68 20.89 13.92
C ASP E 73 -41.98 21.22 13.21
N ILE E 74 -42.89 21.90 13.91
CA ILE E 74 -44.18 22.31 13.35
C ILE E 74 -44.49 23.73 13.82
N GLU E 75 -45.21 24.48 12.97
CA GLU E 75 -45.57 25.86 13.25
C GLU E 75 -47.06 26.07 13.03
N MET E 76 -47.74 26.66 14.01
CA MET E 76 -49.19 26.86 13.96
C MET E 76 -49.54 28.34 14.09
N THR E 77 -50.83 28.63 13.92
CA THR E 77 -51.38 29.96 14.08
C THR E 77 -52.66 29.86 14.90
N ILE E 78 -52.75 30.68 15.96
CA ILE E 78 -53.79 30.54 16.97
C ILE E 78 -54.34 31.92 17.34
N PRO E 79 -55.64 32.07 17.60
CA PRO E 79 -56.14 33.34 18.15
C PRO E 79 -55.44 33.70 19.45
N PHE E 80 -55.51 35.00 19.79
CA PHE E 80 -54.81 35.52 20.97
C PHE E 80 -55.14 34.73 22.22
N SER E 81 -56.42 34.38 22.41
CA SER E 81 -56.86 33.50 23.49
C SER E 81 -56.42 34.01 24.86
N GLY E 82 -55.55 33.27 25.52
CA GLY E 82 -55.07 33.65 26.83
C GLY E 82 -54.78 32.41 27.66
N HIS E 83 -54.42 32.67 28.91
CA HIS E 83 -54.09 31.62 29.89
C HIS E 83 -52.94 30.78 29.36
N GLY E 84 -52.85 29.52 29.79
CA GLY E 84 -51.84 28.61 29.31
C GLY E 84 -52.36 27.72 28.21
N GLU E 85 -53.26 28.25 27.38
CA GLU E 85 -53.83 27.48 26.28
C GLU E 85 -52.85 27.28 25.14
N SER E 86 -51.69 27.92 25.16
CA SER E 86 -50.67 27.65 24.16
C SER E 86 -49.87 26.40 24.48
N GLU E 87 -49.68 26.11 25.78
CA GLU E 87 -48.90 24.96 26.22
C GLU E 87 -49.75 23.75 26.58
N LYS E 88 -50.90 23.97 27.21
CA LYS E 88 -51.75 22.85 27.61
C LYS E 88 -52.37 22.12 26.42
N ILE E 89 -52.26 22.68 25.21
CA ILE E 89 -52.62 21.94 24.01
C ILE E 89 -51.45 21.15 23.44
N ILE E 90 -50.28 21.20 24.09
CA ILE E 90 -49.08 20.54 23.60
C ILE E 90 -48.84 19.28 24.40
N ALA E 91 -49.29 19.27 25.66
CA ALA E 91 -49.31 18.04 26.44
C ALA E 91 -50.05 16.92 25.73
N PRO E 92 -51.20 17.15 25.07
CA PRO E 92 -51.71 16.11 24.16
C PRO E 92 -50.94 16.04 22.86
N MET E 93 -50.36 17.16 22.40
CA MET E 93 -49.67 17.15 21.11
C MET E 93 -48.49 16.19 21.11
N LEU E 94 -47.84 16.00 22.26
CA LEU E 94 -46.79 14.99 22.34
C LEU E 94 -47.35 13.58 22.36
N SER E 95 -48.63 13.41 22.73
CA SER E 95 -49.21 12.08 22.86
C SER E 95 -49.68 11.51 21.53
N ASP E 96 -50.23 12.37 20.64
CA ASP E 96 -50.69 11.86 19.35
C ASP E 96 -49.53 11.32 18.52
N ILE E 97 -48.40 12.04 18.50
CA ILE E 97 -47.22 11.54 17.83
C ILE E 97 -46.59 10.40 18.60
N LEU E 98 -46.83 10.33 19.91
CA LEU E 98 -46.46 9.21 20.78
C LEU E 98 -44.96 9.11 20.99
N GLU E 99 -44.56 8.71 22.21
CA GLU E 99 -43.16 8.45 22.55
C GLU E 99 -42.29 9.70 22.36
N GLU E 100 -42.84 10.88 22.63
CA GLU E 100 -42.11 12.12 22.52
C GLU E 100 -42.62 13.12 23.54
N GLN E 101 -41.78 14.11 23.85
CA GLN E 101 -42.15 15.25 24.67
C GLN E 101 -41.90 16.51 23.88
N ILE E 102 -42.85 17.45 23.91
CA ILE E 102 -42.80 18.65 23.10
C ILE E 102 -43.00 19.87 24.01
N LEU E 103 -42.27 20.94 23.71
CA LEU E 103 -42.42 22.23 24.38
C LEU E 103 -42.96 23.27 23.41
N VAL E 104 -43.39 24.40 23.97
CA VAL E 104 -44.07 25.46 23.24
C VAL E 104 -43.18 26.69 23.16
N LYS E 105 -43.37 27.50 22.11
CA LYS E 105 -42.68 28.78 21.93
C LYS E 105 -43.70 29.77 21.37
N ALA E 106 -44.53 30.32 22.25
CA ALA E 106 -45.65 31.18 21.84
C ALA E 106 -45.11 32.54 21.42
N GLU E 107 -45.22 32.85 20.13
CA GLU E 107 -44.76 34.11 19.56
C GLU E 107 -45.96 34.86 18.99
N GLN E 108 -46.44 35.87 19.71
CA GLN E 108 -47.59 36.64 19.27
C GLN E 108 -47.19 37.99 18.71
N ASN E 114 -57.46 41.10 18.57
CA ASN E 114 -57.54 40.35 17.33
C ASN E 114 -56.15 39.94 16.87
N GLY E 115 -55.39 39.31 17.76
CA GLY E 115 -54.04 38.86 17.45
C GLY E 115 -54.01 37.37 17.19
N TYR E 116 -53.40 37.00 16.08
CA TYR E 116 -53.29 35.60 15.67
C TYR E 116 -51.87 35.13 15.98
N SER E 117 -51.74 34.30 17.01
CA SER E 117 -50.44 33.93 17.55
C SER E 117 -49.69 32.99 16.61
N HIS E 118 -48.39 32.86 16.87
CA HIS E 118 -47.53 31.94 16.15
C HIS E 118 -46.72 31.13 17.16
N VAL E 119 -46.64 29.83 16.91
CA VAL E 119 -46.01 28.89 17.83
C VAL E 119 -45.17 27.91 17.04
N ALA E 120 -43.99 27.58 17.57
CA ALA E 120 -43.09 26.61 16.98
C ALA E 120 -42.78 25.55 18.02
N PHE E 121 -42.84 24.28 17.60
CA PHE E 121 -42.73 23.17 18.51
C PHE E 121 -41.57 22.27 18.11
N GLY E 122 -40.68 22.00 19.06
CA GLY E 122 -39.54 21.14 18.80
C GLY E 122 -39.44 20.06 19.87
N SER E 123 -38.72 19.00 19.52
CA SER E 123 -38.38 17.99 20.51
C SER E 123 -37.46 18.60 21.57
N THR E 124 -37.38 17.93 22.71
CA THR E 124 -36.49 18.33 23.79
C THR E 124 -35.39 17.29 23.92
N LYS E 125 -34.14 17.76 24.01
CA LYS E 125 -32.98 16.89 24.13
C LYS E 125 -32.38 17.05 25.52
N SER E 126 -31.92 15.94 26.08
CA SER E 126 -31.21 15.91 27.35
C SER E 126 -29.77 15.47 27.12
N TYR E 127 -28.95 15.63 28.16
CA TYR E 127 -27.55 15.21 28.12
C TYR E 127 -26.74 15.96 27.06
N ARG E 128 -26.20 17.12 27.43
CA ARG E 128 -25.29 17.83 26.55
C ARG E 128 -24.02 17.01 26.34
N VAL E 129 -23.47 17.09 25.13
CA VAL E 129 -22.28 16.35 24.75
C VAL E 129 -21.10 17.31 24.67
N SER E 130 -19.92 16.83 25.08
CA SER E 130 -18.68 17.56 24.94
C SER E 130 -17.65 16.66 24.29
N THR E 131 -16.88 17.22 23.36
CA THR E 131 -16.02 16.43 22.50
C THR E 131 -14.57 16.86 22.61
N GLY E 132 -13.71 16.08 21.94
CA GLY E 132 -12.28 16.29 21.93
C GLY E 132 -11.59 15.07 21.34
N ALA E 133 -10.55 15.29 20.55
CA ALA E 133 -9.86 14.18 19.90
C ALA E 133 -8.42 14.58 19.63
N ALA E 134 -7.60 13.57 19.35
CA ALA E 134 -6.19 13.77 19.02
C ALA E 134 -5.85 12.93 17.80
N HIS E 135 -5.10 13.52 16.88
CA HIS E 135 -4.76 12.90 15.61
C HIS E 135 -3.25 12.79 15.47
N ALA E 136 -2.80 11.68 14.88
CA ALA E 136 -1.36 11.45 14.74
C ALA E 136 -1.12 10.48 13.59
N ALA E 137 0.00 10.68 12.91
CA ALA E 137 0.44 9.83 11.82
C ALA E 137 1.62 8.98 12.28
N LYS E 138 1.94 7.96 11.49
CA LYS E 138 3.01 7.04 11.85
C LYS E 138 4.33 7.77 11.99
N GLY E 139 4.83 8.36 10.91
CA GLY E 139 6.07 9.10 10.97
C GLY E 139 5.88 10.52 11.48
N GLY E 140 4.75 10.78 12.13
CA GLY E 140 4.43 12.12 12.56
C GLY E 140 4.29 13.10 11.42
N GLY E 141 3.91 12.61 10.24
CA GLY E 141 3.86 13.41 9.04
C GLY E 141 2.46 13.81 8.63
N LEU E 142 2.40 14.59 7.54
CA LEU E 142 1.16 15.24 7.13
C LEU E 142 0.04 14.23 6.88
N VAL E 143 0.36 13.10 6.29
CA VAL E 143 -0.64 12.13 5.84
C VAL E 143 -0.66 10.96 6.81
N SER E 144 -1.85 10.67 7.33
CA SER E 144 -2.06 9.56 8.26
C SER E 144 -3.05 8.57 7.68
N GLY E 145 -2.93 7.32 8.09
CA GLY E 145 -3.82 6.28 7.64
C GLY E 145 -5.15 6.19 8.35
N ASP E 146 -5.36 7.01 9.38
CA ASP E 146 -6.59 6.99 10.16
C ASP E 146 -7.39 8.27 9.91
N SER E 147 -8.70 8.12 9.78
CA SER E 147 -9.61 9.25 9.64
C SER E 147 -10.80 9.06 10.58
N TYR E 148 -11.28 10.16 11.14
CA TYR E 148 -12.36 10.13 12.11
C TYR E 148 -13.34 11.25 11.81
N SER E 149 -14.54 11.13 12.38
CA SER E 149 -15.53 12.20 12.32
C SER E 149 -16.55 11.98 13.44
N MET E 150 -17.05 13.10 13.97
CA MET E 150 -18.07 13.05 15.02
C MET E 150 -18.99 14.26 14.81
N MET E 151 -20.10 14.04 14.12
CA MET E 151 -21.07 15.09 13.85
C MET E 151 -22.37 14.76 14.57
N GLU E 152 -23.17 15.79 14.82
CA GLU E 152 -24.46 15.61 15.46
C GLU E 152 -25.54 15.48 14.39
N LEU E 153 -26.44 14.50 14.56
CA LEU E 153 -27.53 14.28 13.62
C LEU E 153 -28.82 14.80 14.25
N GLY E 154 -29.01 16.11 14.15
CA GLY E 154 -30.19 16.75 14.69
C GLY E 154 -30.21 16.89 16.20
N ALA E 155 -31.26 16.35 16.83
CA ALA E 155 -31.42 16.44 18.28
C ALA E 155 -31.20 15.12 19.00
N ARG E 156 -31.30 13.99 18.30
CA ARG E 156 -31.41 12.72 18.99
C ARG E 156 -30.04 12.16 19.40
N LYS E 157 -29.11 12.08 18.46
CA LYS E 157 -27.93 11.25 18.65
C LYS E 157 -26.67 11.97 18.20
N TYR E 158 -25.57 11.68 18.89
CA TYR E 158 -24.25 12.13 18.52
C TYR E 158 -23.43 10.92 18.07
N ALA E 159 -22.81 11.01 16.91
CA ALA E 159 -22.05 9.91 16.34
C ALA E 159 -20.56 10.14 16.50
N ALA E 160 -19.82 9.04 16.50
CA ALA E 160 -18.37 9.09 16.59
C ALA E 160 -17.81 7.87 15.88
N ALA E 161 -17.03 8.10 14.82
CA ALA E 161 -16.52 7.01 13.99
C ALA E 161 -15.02 7.11 13.83
N ILE E 162 -14.37 5.95 13.73
CA ILE E 162 -12.92 5.84 13.58
C ILE E 162 -12.63 4.73 12.59
N SER E 163 -11.84 5.03 11.57
CA SER E 163 -11.49 4.05 10.55
C SER E 163 -9.98 3.96 10.36
N ASP E 164 -9.50 2.74 10.15
CA ASP E 164 -8.08 2.47 9.94
C ASP E 164 -7.89 1.81 8.58
N GLY E 165 -6.70 1.99 8.01
CA GLY E 165 -6.38 1.39 6.72
C GLY E 165 -5.14 0.52 6.77
N MET E 166 -4.33 0.58 5.71
CA MET E 166 -3.06 -0.13 5.69
C MET E 166 -2.06 0.54 6.63
N GLY E 167 -0.85 -0.03 6.69
CA GLY E 167 0.21 0.55 7.49
C GLY E 167 0.93 1.71 6.84
N ASN E 168 0.93 1.76 5.52
CA ASN E 168 1.57 2.85 4.79
C ASN E 168 0.60 4.02 4.63
N GLY E 169 1.12 5.23 4.80
CA GLY E 169 0.30 6.42 4.85
C GLY E 169 -0.51 6.72 3.61
N ALA E 170 0.14 6.79 2.45
CA ALA E 170 -0.54 7.24 1.23
C ALA E 170 -1.61 6.26 0.80
N ARG E 171 -1.36 4.95 0.95
CA ARG E 171 -2.34 3.97 0.52
C ARG E 171 -3.53 3.90 1.46
N ALA E 172 -3.34 4.26 2.73
CA ALA E 172 -4.36 4.06 3.74
C ALA E 172 -5.24 5.28 3.97
N HIS E 173 -4.73 6.49 3.67
CA HIS E 173 -5.46 7.71 3.96
C HIS E 173 -6.76 7.80 3.18
N PHE E 174 -6.66 8.00 1.86
CA PHE E 174 -7.85 8.06 1.02
C PHE E 174 -8.71 6.81 1.17
N GLU E 175 -8.08 5.67 1.49
CA GLU E 175 -8.84 4.43 1.67
C GLU E 175 -9.77 4.51 2.88
N SER E 176 -9.28 5.12 3.97
CA SER E 176 -10.08 5.27 5.18
C SER E 176 -10.97 6.51 5.14
N ASN E 177 -10.48 7.60 4.55
CA ASN E 177 -11.25 8.84 4.54
C ASN E 177 -12.53 8.70 3.75
N GLU E 178 -12.55 7.86 2.72
CA GLU E 178 -13.78 7.68 1.95
C GLU E 178 -14.84 6.94 2.75
N THR E 179 -14.43 6.01 3.61
CA THR E 179 -15.38 5.27 4.42
C THR E 179 -16.19 6.20 5.31
N ILE E 180 -15.52 7.17 5.94
CA ILE E 180 -16.20 8.07 6.87
C ILE E 180 -17.03 9.10 6.13
N LYS E 181 -16.51 9.62 5.02
CA LYS E 181 -17.27 10.59 4.23
C LYS E 181 -18.52 9.95 3.63
N LEU E 182 -18.43 8.69 3.23
CA LEU E 182 -19.62 7.97 2.75
C LEU E 182 -20.55 7.63 3.90
N LEU E 183 -19.99 7.30 5.07
CA LEU E 183 -20.81 7.02 6.23
C LEU E 183 -21.50 8.27 6.75
N GLU E 184 -20.86 9.44 6.59
CA GLU E 184 -21.43 10.68 7.09
C GLU E 184 -22.73 11.04 6.37
N LYS E 185 -23.01 10.44 5.22
CA LYS E 185 -24.24 10.66 4.50
C LYS E 185 -25.24 9.52 4.62
N ILE E 186 -24.77 8.28 4.71
CA ILE E 186 -25.68 7.15 4.89
C ILE E 186 -26.20 7.13 6.33
N LEU E 187 -25.36 7.50 7.30
CA LEU E 187 -25.85 7.71 8.65
C LEU E 187 -26.68 8.98 8.76
N GLU E 188 -26.50 9.92 7.83
CA GLU E 188 -27.28 11.16 7.82
C GLU E 188 -28.71 10.94 7.37
N SER E 189 -28.97 9.88 6.59
CA SER E 189 -30.32 9.62 6.08
C SER E 189 -31.34 9.38 7.19
N GLY E 190 -30.88 9.01 8.39
CA GLY E 190 -31.79 8.73 9.48
C GLY E 190 -32.41 7.36 9.38
N ILE E 191 -31.59 6.36 9.08
CA ILE E 191 -32.04 5.00 8.91
C ILE E 191 -31.53 4.18 10.09
N ASP E 192 -32.13 3.00 10.26
CA ASP E 192 -31.75 2.11 11.36
C ASP E 192 -30.26 1.81 11.33
N GLU E 193 -29.64 1.85 12.51
CA GLU E 193 -28.19 1.74 12.59
C GLU E 193 -27.71 0.34 12.22
N LYS E 194 -28.52 -0.69 12.46
CA LYS E 194 -28.12 -2.04 12.10
C LYS E 194 -28.19 -2.27 10.59
N ILE E 195 -29.04 -1.51 9.90
CA ILE E 195 -29.16 -1.64 8.45
C ILE E 195 -28.19 -0.72 7.72
N ALA E 196 -27.86 0.43 8.32
CA ALA E 196 -26.89 1.33 7.68
C ALA E 196 -25.50 0.73 7.65
N ILE E 197 -25.19 -0.16 8.58
CA ILE E 197 -23.86 -0.77 8.62
C ILE E 197 -23.74 -1.87 7.58
N LYS E 198 -24.75 -2.74 7.48
CA LYS E 198 -24.74 -3.77 6.45
C LYS E 198 -24.81 -3.17 5.06
N THR E 199 -25.29 -1.93 4.92
CA THR E 199 -25.24 -1.24 3.64
C THR E 199 -23.83 -0.75 3.35
N ILE E 200 -23.14 -0.24 4.36
CA ILE E 200 -21.76 0.21 4.19
C ILE E 200 -20.84 -0.99 3.93
N ASN E 201 -21.01 -2.07 4.70
CA ASN E 201 -20.13 -3.22 4.56
C ASN E 201 -20.29 -3.90 3.21
N SER E 202 -21.49 -3.85 2.62
CA SER E 202 -21.71 -4.53 1.35
C SER E 202 -21.16 -3.74 0.17
N ILE E 203 -21.29 -2.41 0.20
CA ILE E 203 -20.74 -1.58 -0.87
C ILE E 203 -19.23 -1.72 -0.94
N LEU E 204 -18.58 -1.90 0.21
CA LEU E 204 -17.12 -1.92 0.28
C LEU E 204 -16.52 -3.29 -0.03
N SER E 205 -17.34 -4.28 -0.39
CA SER E 205 -16.84 -5.61 -0.71
C SER E 205 -16.19 -5.58 -2.09
N LEU E 206 -14.87 -5.77 -2.14
CA LEU E 206 -14.11 -5.68 -3.38
C LEU E 206 -13.00 -6.72 -3.35
N ARG E 207 -12.90 -7.50 -4.44
CA ARG E 207 -11.81 -8.42 -4.76
C ARG E 207 -11.88 -9.74 -3.97
N THR E 208 -12.71 -9.83 -2.93
CA THR E 208 -12.84 -11.04 -2.11
C THR E 208 -11.49 -11.45 -1.52
N THR E 209 -10.81 -10.47 -0.91
CA THR E 209 -9.58 -10.71 -0.20
C THR E 209 -9.88 -10.83 1.30
N ASP E 210 -8.84 -11.03 2.10
CA ASP E 210 -8.95 -11.06 3.56
C ASP E 210 -8.48 -9.71 4.11
N GLU E 211 -9.29 -9.15 5.01
CA GLU E 211 -9.03 -7.83 5.58
C GLU E 211 -8.84 -6.79 4.47
N ILE E 212 -9.83 -6.70 3.59
CA ILE E 212 -9.73 -5.88 2.39
C ILE E 212 -9.70 -4.40 2.74
N TYR E 213 -10.82 -3.90 3.28
CA TYR E 213 -11.06 -2.47 3.33
C TYR E 213 -10.91 -1.94 4.76
N SER E 214 -11.44 -0.74 4.99
CA SER E 214 -11.20 -0.01 6.23
C SER E 214 -12.02 -0.59 7.38
N THR E 215 -11.32 -0.99 8.44
CA THR E 215 -12.00 -1.27 9.70
C THR E 215 -12.59 0.03 10.25
N LEU E 216 -13.72 -0.10 10.94
CA LEU E 216 -14.47 1.04 11.42
C LEU E 216 -14.86 0.82 12.87
N ASP E 217 -15.21 1.92 13.56
CA ASP E 217 -15.64 1.85 14.95
C ASP E 217 -16.65 2.97 15.16
N LEU E 218 -17.94 2.61 15.18
CA LEU E 218 -19.01 3.58 15.29
C LEU E 218 -19.66 3.50 16.67
N SER E 219 -19.74 4.63 17.35
CA SER E 219 -20.42 4.74 18.63
C SER E 219 -21.45 5.87 18.53
N ILE E 220 -22.72 5.54 18.79
CA ILE E 220 -23.82 6.49 18.68
C ILE E 220 -24.46 6.63 20.05
N ILE E 221 -24.44 7.85 20.58
CA ILE E 221 -24.95 8.14 21.92
C ILE E 221 -26.32 8.81 21.77
N ASP E 222 -27.36 8.10 22.18
CA ASP E 222 -28.71 8.66 22.15
C ASP E 222 -28.87 9.67 23.28
N LEU E 223 -29.23 10.91 22.93
CA LEU E 223 -29.45 11.95 23.92
C LEU E 223 -30.82 11.85 24.59
N GLN E 224 -31.67 10.94 24.13
CA GLN E 224 -33.00 10.81 24.70
C GLN E 224 -32.96 10.17 26.08
N ASP E 225 -32.29 9.00 26.18
CA ASP E 225 -32.26 8.25 27.43
C ASP E 225 -30.83 7.82 27.79
N ALA E 226 -29.82 8.53 27.29
CA ALA E 226 -28.42 8.25 27.59
C ALA E 226 -28.02 6.82 27.26
N SER E 227 -28.64 6.24 26.24
CA SER E 227 -28.28 4.91 25.78
C SER E 227 -27.20 5.01 24.70
N CYS E 228 -26.35 3.99 24.63
CA CYS E 228 -25.27 3.95 23.66
C CYS E 228 -25.35 2.65 22.87
N LYS E 229 -24.98 2.74 21.59
CA LYS E 229 -24.96 1.60 20.68
C LYS E 229 -23.53 1.44 20.16
N PHE E 230 -22.80 0.49 20.72
CA PHE E 230 -21.42 0.24 20.30
C PHE E 230 -21.42 -0.67 19.09
N LEU E 231 -21.15 -0.10 17.92
CA LEU E 231 -21.07 -0.85 16.67
C LEU E 231 -19.60 -0.98 16.28
N LYS E 232 -19.10 -2.21 16.24
CA LYS E 232 -17.75 -2.51 15.79
C LYS E 232 -17.85 -3.48 14.63
N VAL E 233 -17.43 -3.04 13.45
CA VAL E 233 -17.31 -3.99 12.34
C VAL E 233 -16.11 -4.92 12.59
N GLY E 234 -14.98 -4.34 12.96
CA GLY E 234 -13.83 -5.09 13.41
C GLY E 234 -13.94 -5.39 14.90
N SER E 235 -12.78 -5.54 15.54
CA SER E 235 -12.72 -5.78 16.97
C SER E 235 -11.91 -4.70 17.67
N THR E 236 -12.03 -3.47 17.17
CA THR E 236 -11.33 -2.34 17.77
C THR E 236 -11.94 -2.03 19.13
N PRO E 237 -11.20 -2.17 20.23
CA PRO E 237 -11.81 -2.03 21.55
C PRO E 237 -12.14 -0.59 21.89
N SER E 238 -13.14 -0.41 22.75
CA SER E 238 -13.52 0.88 23.29
C SER E 238 -13.66 0.76 24.79
N PHE E 239 -13.70 1.91 25.46
CA PHE E 239 -13.75 1.95 26.91
C PHE E 239 -14.70 3.04 27.36
N ILE E 240 -15.20 2.89 28.58
CA ILE E 240 -16.06 3.89 29.23
C ILE E 240 -15.52 4.12 30.64
N LYS E 241 -15.31 5.39 30.99
CA LYS E 241 -14.79 5.76 32.30
C LYS E 241 -15.87 6.53 33.05
N ARG E 242 -16.19 6.07 34.26
CA ARG E 242 -17.20 6.72 35.11
C ARG E 242 -16.56 6.96 36.47
N GLY E 243 -16.08 8.18 36.69
CA GLY E 243 -15.36 8.49 37.91
C GLY E 243 -14.03 7.77 37.97
N ASP E 244 -14.03 6.58 38.57
CA ASP E 244 -12.84 5.74 38.64
C ASP E 244 -13.04 4.37 38.01
N GLN E 245 -14.23 4.09 37.48
CA GLN E 245 -14.51 2.80 36.86
C GLN E 245 -14.00 2.78 35.42
N VAL E 246 -13.56 1.60 34.98
CA VAL E 246 -13.10 1.40 33.60
C VAL E 246 -13.78 0.14 33.09
N MET E 247 -14.78 0.31 32.25
CA MET E 247 -15.48 -0.81 31.62
C MET E 247 -15.01 -0.96 30.18
N LYS E 248 -14.65 -2.18 29.80
CA LYS E 248 -14.20 -2.48 28.45
C LYS E 248 -15.34 -3.12 27.67
N VAL E 249 -15.55 -2.69 26.44
CA VAL E 249 -16.57 -3.25 25.57
C VAL E 249 -15.90 -3.87 24.36
N GLN E 250 -16.29 -5.09 24.03
CA GLN E 250 -15.75 -5.78 22.87
C GLN E 250 -16.81 -6.74 22.33
N ALA E 251 -16.61 -7.16 21.09
CA ALA E 251 -17.54 -8.08 20.44
C ALA E 251 -16.82 -9.00 19.47
N ASN E 253 -16.31 -9.75 15.69
CA ASN E 253 -16.52 -9.78 14.25
C ASN E 253 -15.29 -9.27 13.49
N LEU E 254 -15.23 -9.56 12.20
CA LEU E 254 -14.07 -9.36 11.33
C LEU E 254 -14.24 -8.11 10.48
N PRO E 255 -13.13 -7.57 9.90
CA PRO E 255 -13.19 -6.24 9.28
C PRO E 255 -14.17 -6.06 8.14
N ILE E 256 -14.25 -4.82 7.64
CA ILE E 256 -15.22 -4.46 6.60
C ILE E 256 -14.88 -5.18 5.30
N GLY E 257 -15.93 -5.56 4.57
CA GLY E 257 -15.76 -6.30 3.33
C GLY E 257 -16.86 -7.33 3.19
N ILE E 258 -16.48 -8.59 3.03
CA ILE E 258 -17.43 -9.70 3.08
C ILE E 258 -16.73 -10.85 3.78
N ILE E 259 -15.97 -10.51 4.83
CA ILE E 259 -15.16 -11.50 5.53
C ILE E 259 -16.01 -12.39 6.43
N ASN E 260 -17.18 -11.92 6.86
CA ASN E 260 -18.06 -12.67 7.74
C ASN E 260 -19.44 -12.85 7.10
N GLU E 261 -20.10 -13.93 7.50
CA GLU E 261 -21.49 -14.15 7.16
C GLU E 261 -22.38 -13.76 8.35
N PHE E 262 -23.67 -13.64 8.07
CA PHE E 262 -24.66 -13.23 9.08
C PHE E 262 -24.30 -11.87 9.67
N ASP E 263 -23.84 -10.97 8.80
CA ASP E 263 -23.61 -9.54 9.04
C ASP E 263 -22.93 -9.21 10.36
N VAL E 264 -23.31 -8.06 10.95
CA VAL E 264 -22.58 -7.44 12.05
C VAL E 264 -23.41 -7.52 13.32
N GLU E 265 -22.73 -7.76 14.43
CA GLU E 265 -23.36 -7.81 15.74
C GLU E 265 -23.43 -6.42 16.35
N VAL E 266 -24.55 -6.10 16.98
CA VAL E 266 -24.72 -4.84 17.67
C VAL E 266 -24.51 -5.06 19.16
N VAL E 267 -23.88 -4.07 19.81
CA VAL E 267 -23.63 -4.11 21.24
C VAL E 267 -24.19 -2.83 21.84
N SER E 268 -24.96 -2.97 22.93
CA SER E 268 -25.60 -1.84 23.59
C SER E 268 -25.11 -1.73 25.01
N GLU E 269 -24.96 -0.50 25.48
CA GLU E 269 -24.59 -0.21 26.86
C GLU E 269 -25.40 1.00 27.33
N GLN E 270 -25.54 1.09 28.65
CA GLN E 270 -26.28 2.18 29.30
C GLN E 270 -25.31 3.00 30.12
N LEU E 271 -25.30 4.31 29.88
CA LEU E 271 -24.38 5.22 30.55
C LEU E 271 -25.16 6.33 31.24
N LYS E 272 -24.48 7.06 32.13
CA LYS E 272 -25.10 8.12 32.91
C LYS E 272 -24.28 9.39 32.79
N ALA E 273 -24.62 10.42 33.58
CA ALA E 273 -23.89 11.68 33.53
C ALA E 273 -22.48 11.50 34.06
N GLY E 274 -21.57 12.35 33.56
CA GLY E 274 -20.18 12.30 33.94
C GLY E 274 -19.37 11.21 33.27
N ASP E 275 -20.01 10.32 32.51
CA ASP E 275 -19.27 9.24 31.86
C ASP E 275 -18.41 9.77 30.73
N LEU E 276 -17.32 9.05 30.46
CA LEU E 276 -16.37 9.42 29.42
C LEU E 276 -16.21 8.24 28.48
N LEU E 277 -16.73 8.37 27.27
CA LEU E 277 -16.58 7.36 26.23
C LEU E 277 -15.34 7.72 25.41
N ILE E 278 -14.27 6.95 25.60
CA ILE E 278 -13.04 7.13 24.84
C ILE E 278 -12.95 6.02 23.81
N MET E 279 -12.41 6.33 22.64
CA MET E 279 -12.24 5.38 21.57
C MET E 279 -10.85 5.56 20.97
N MET E 280 -10.30 4.48 20.44
CA MET E 280 -8.98 4.56 19.82
C MET E 280 -8.90 3.54 18.68
N SER E 281 -7.85 3.66 17.89
CA SER E 281 -7.57 2.74 16.80
C SER E 281 -6.62 1.66 17.28
N ASP E 282 -6.20 0.79 16.35
CA ASP E 282 -5.26 -0.26 16.70
C ASP E 282 -3.87 0.28 17.00
N GLY E 283 -3.57 1.50 16.57
CA GLY E 283 -2.27 2.10 16.87
C GLY E 283 -2.11 2.58 18.30
N ILE E 284 -3.21 2.82 19.01
CA ILE E 284 -3.13 3.27 20.40
C ILE E 284 -3.27 2.11 21.36
N PHE E 285 -4.24 1.22 21.13
CA PHE E 285 -4.42 0.07 22.02
C PHE E 285 -3.20 -0.83 22.01
N GLU E 286 -2.62 -1.04 20.83
CA GLU E 286 -1.37 -1.79 20.69
C GLU E 286 -0.14 -0.88 20.66
N GLY E 287 -0.24 0.29 21.28
CA GLY E 287 0.82 1.25 21.31
C GLY E 287 2.07 0.81 22.07
N PRO E 288 1.93 0.54 23.37
CA PRO E 288 3.11 0.15 24.16
C PRO E 288 3.71 -1.16 23.66
N LYS E 289 4.97 -1.07 23.24
CA LYS E 289 5.63 -2.22 22.64
C LYS E 289 6.20 -3.18 23.68
N HIS E 290 6.57 -2.68 24.85
CA HIS E 290 7.05 -3.52 25.95
C HIS E 290 5.92 -3.88 26.92
N VAL E 291 4.79 -4.35 26.38
CA VAL E 291 3.63 -4.71 27.19
C VAL E 291 2.98 -5.94 26.58
N GLU E 292 2.68 -6.93 27.42
CA GLU E 292 1.96 -8.13 26.98
C GLU E 292 0.45 -7.92 27.07
N ASN E 293 -0.05 -7.64 28.28
CA ASN E 293 -1.48 -7.46 28.51
C ASN E 293 -1.83 -6.00 28.24
N HIS E 294 -2.45 -5.75 27.07
CA HIS E 294 -2.85 -4.39 26.73
C HIS E 294 -4.04 -3.91 27.54
N ASP E 295 -4.81 -4.81 28.14
CA ASP E 295 -5.96 -4.41 28.92
C ASP E 295 -5.54 -3.88 30.30
N LEU E 296 -4.65 -4.61 30.98
CA LEU E 296 -4.14 -4.15 32.27
C LEU E 296 -3.38 -2.83 32.13
N TRP E 297 -2.64 -2.67 31.02
CA TRP E 297 -1.91 -1.44 30.80
C TRP E 297 -2.85 -0.29 30.48
N MET E 298 -3.93 -0.56 29.74
CA MET E 298 -4.84 0.49 29.32
C MET E 298 -5.77 0.95 30.45
N LYS E 299 -6.13 0.06 31.37
CA LYS E 299 -7.00 0.45 32.47
C LYS E 299 -6.28 1.35 33.46
N ARG E 300 -5.02 1.04 33.76
CA ARG E 300 -4.26 1.88 34.69
C ARG E 300 -3.96 3.25 34.10
N LYS E 301 -3.87 3.35 32.77
CA LYS E 301 -3.55 4.63 32.14
C LYS E 301 -4.71 5.61 32.23
N MET E 302 -5.95 5.12 32.26
CA MET E 302 -7.08 6.03 32.33
C MET E 302 -7.37 6.46 33.77
N LYS E 303 -7.20 5.55 34.73
CA LYS E 303 -7.47 5.87 36.12
C LYS E 303 -6.53 6.92 36.69
N GLY E 304 -5.33 7.06 36.12
CA GLY E 304 -4.42 8.10 36.56
C GLY E 304 -4.78 9.48 36.06
N LEU E 305 -5.54 9.57 34.98
CA LEU E 305 -6.02 10.84 34.47
C LEU E 305 -7.04 11.44 35.44
N LYS E 306 -6.76 12.65 35.90
CA LYS E 306 -7.59 13.33 36.89
C LYS E 306 -8.18 14.59 36.27
N THR E 307 -9.02 14.40 35.26
CA THR E 307 -9.73 15.51 34.64
C THR E 307 -10.94 14.97 33.90
N ASN E 308 -11.91 15.86 33.67
CA ASN E 308 -13.13 15.54 32.94
C ASN E 308 -13.23 16.26 31.61
N ASP E 309 -12.23 17.06 31.25
CA ASP E 309 -12.26 17.75 29.96
C ASP E 309 -11.98 16.76 28.84
N PRO E 310 -12.92 16.53 27.92
CA PRO E 310 -12.72 15.48 26.90
C PRO E 310 -11.52 15.73 25.99
N GLN E 311 -11.11 16.98 25.81
CA GLN E 311 -9.96 17.26 24.96
C GLN E 311 -8.67 16.77 25.60
N GLU E 312 -8.46 17.10 26.87
CA GLU E 312 -7.22 16.71 27.55
C GLU E 312 -7.12 15.20 27.69
N ILE E 313 -8.25 14.51 27.88
CA ILE E 313 -8.21 13.05 28.06
C ILE E 313 -7.73 12.38 26.78
N ALA E 314 -8.13 12.91 25.62
CA ALA E 314 -7.69 12.33 24.36
C ALA E 314 -6.22 12.56 24.11
N ASP E 315 -5.68 13.70 24.55
CA ASP E 315 -4.28 14.05 24.31
C ASP E 315 -3.34 13.43 25.34
N LEU E 316 -3.72 13.41 26.62
CA LEU E 316 -2.84 12.84 27.63
C LEU E 316 -2.69 11.34 27.46
N LEU E 317 -3.66 10.68 26.82
CA LEU E 317 -3.48 9.28 26.47
C LEU E 317 -2.55 9.13 25.28
N MET E 318 -2.70 9.99 24.27
CA MET E 318 -1.86 9.92 23.08
C MET E 318 -0.39 10.14 23.42
N GLU E 319 -0.09 11.18 24.20
CA GLU E 319 1.30 11.48 24.54
C GLU E 319 1.86 10.44 25.50
N GLU E 320 1.01 9.79 26.30
CA GLU E 320 1.49 8.75 27.20
C GLU E 320 1.88 7.49 26.44
N VAL E 321 1.19 7.20 25.34
CA VAL E 321 1.60 6.09 24.48
C VAL E 321 2.92 6.42 23.79
N ILE E 322 3.12 7.69 23.43
CA ILE E 322 4.40 8.11 22.87
C ILE E 322 5.49 8.07 23.93
N ARG E 323 5.13 8.29 25.20
CA ARG E 323 6.14 8.33 26.26
C ARG E 323 6.80 6.97 26.46
N THR E 324 6.08 5.88 26.20
CA THR E 324 6.67 4.55 26.35
C THR E 324 7.83 4.33 25.39
N ARG E 325 7.90 5.11 24.32
CA ARG E 325 9.00 5.08 23.37
C ARG E 325 9.87 6.31 23.57
N SER E 326 10.94 6.41 22.78
CA SER E 326 11.82 7.57 22.81
C SER E 326 11.30 8.65 21.85
N GLY E 327 10.05 9.05 22.09
CA GLY E 327 9.37 9.95 21.18
C GLY E 327 8.97 9.34 19.87
N GLN E 328 9.07 8.01 19.75
CA GLN E 328 8.76 7.33 18.49
C GLN E 328 7.26 7.09 18.37
N ILE E 329 6.81 6.96 17.12
CA ILE E 329 5.42 6.69 16.77
C ILE E 329 5.46 5.55 15.77
N GLU E 330 5.19 4.32 16.22
CA GLU E 330 5.35 3.16 15.36
C GLU E 330 4.14 2.89 14.48
N ASP E 331 3.04 3.61 14.66
CA ASP E 331 1.85 3.37 13.85
C ASP E 331 0.94 4.58 13.91
N ASP E 332 -0.02 4.62 13.00
CA ASP E 332 -1.02 5.69 12.99
C ASP E 332 -1.88 5.60 14.25
N MET E 333 -2.06 6.74 14.92
CA MET E 333 -2.78 6.78 16.19
C MET E 333 -3.90 7.80 16.13
N THR E 334 -5.04 7.45 16.71
CA THR E 334 -6.23 8.29 16.70
C THR E 334 -7.08 7.93 17.92
N VAL E 335 -7.56 8.95 18.63
CA VAL E 335 -8.34 8.75 19.85
C VAL E 335 -9.45 9.80 19.90
N VAL E 336 -10.65 9.38 20.29
CA VAL E 336 -11.82 10.25 20.40
C VAL E 336 -12.44 10.08 21.78
N VAL E 337 -12.81 11.20 22.40
CA VAL E 337 -13.40 11.22 23.73
C VAL E 337 -14.72 11.98 23.69
N VAL E 338 -15.73 11.45 24.37
CA VAL E 338 -17.06 12.06 24.43
C VAL E 338 -17.56 12.01 25.87
N ARG E 339 -18.02 13.16 26.37
CA ARG E 339 -18.54 13.27 27.74
C ARG E 339 -20.03 13.55 27.70
N ILE E 340 -20.73 13.08 28.74
CA ILE E 340 -22.18 13.23 28.86
C ILE E 340 -22.47 13.95 30.18
N ASP E 341 -23.16 15.08 30.10
CA ASP E 341 -23.56 15.83 31.28
C ASP E 341 -24.94 16.42 31.07
N HIS E 342 -25.62 16.73 32.18
CA HIS E 342 -26.95 17.31 32.10
C HIS E 342 -26.89 18.72 31.54
N ASN E 343 -27.83 19.03 30.64
CA ASN E 343 -27.87 20.31 29.94
C ASN E 343 -28.84 21.30 30.54
N THR E 344 -30.03 20.85 30.92
CA THR E 344 -31.09 21.71 31.48
C THR E 344 -31.35 22.93 30.61
#